data_7ZUV
#
_entry.id   7ZUV
#
_cell.length_a   53.774
_cell.length_b   163.462
_cell.length_c   172.765
_cell.angle_alpha   90.000
_cell.angle_beta   91.940
_cell.angle_gamma   90.000
#
_symmetry.space_group_name_H-M   'P 1 21 1'
#
loop_
_entity.id
_entity.type
_entity.pdbx_description
1 polymer 'FBPase domain-containing protein'
2 non-polymer 'SULFATE ION'
#
_entity_poly.entity_id   1
_entity_poly.type   'polypeptide(L)'
_entity_poly.pdbx_seq_one_letter_code
;MHHHHHHHMAVLTQAKIGDSLAEFLVEATPDPKLRQLMMSMAEATRTIAHKVRTASCAGTACVNSFGDEQLAVDMVADKL
LFEALKYSHVCKLACSEEVPEPVDMGGEGFCVAFDPLDGSSIVDTNFAVGTIFGVWPGDKLTNITGREQVAAGMGIYGPR
TVFCIALKDAPGCHEFLLMDDGKWMHVKETTHIGEGKMFAPGNLRATFDNPAYERLINFYLGEKYTLRYTGGMVPDVFQI
IVKEKGVFTNVTSPTTKAKLRILFEVAPLALLIEKAGGASSCDGKAVSALDIPILVCDQRTQICYGSIGEVRRFEEYMYG
TSPRFSEKVAA
;
_entity_poly.pdbx_strand_id   A,B,C,D,E,F,G,H
#
loop_
_chem_comp.id
_chem_comp.type
_chem_comp.name
_chem_comp.formula
SO4 non-polymer 'SULFATE ION' 'O4 S -2'
#
# COMPACT_ATOMS: atom_id res chain seq x y z
N GLY A 18 -19.77 22.97 -15.14
CA GLY A 18 -18.86 22.84 -14.01
C GLY A 18 -17.66 23.75 -14.12
N ASP A 19 -16.49 23.26 -13.72
CA ASP A 19 -15.27 24.05 -13.68
C ASP A 19 -14.23 23.47 -14.64
N SER A 20 -13.17 24.24 -14.86
CA SER A 20 -12.24 23.94 -15.93
C SER A 20 -11.25 22.87 -15.51
N LEU A 21 -10.47 22.40 -16.49
CA LEU A 21 -9.48 21.36 -16.21
C LEU A 21 -8.32 21.91 -15.41
N ALA A 22 -7.82 23.11 -15.76
CA ALA A 22 -6.74 23.72 -15.00
C ALA A 22 -7.17 23.94 -13.55
N GLU A 23 -8.44 24.30 -13.35
CA GLU A 23 -8.94 24.48 -11.99
C GLU A 23 -9.04 23.15 -11.26
N PHE A 24 -9.44 22.08 -11.97
CA PHE A 24 -9.52 20.77 -11.34
C PHE A 24 -8.14 20.27 -10.92
N LEU A 25 -7.14 20.48 -11.78
CA LEU A 25 -5.82 19.93 -11.52
C LEU A 25 -5.16 20.58 -10.30
N VAL A 26 -5.46 21.86 -10.04
CA VAL A 26 -4.84 22.55 -8.91
C VAL A 26 -5.26 21.95 -7.57
N GLU A 27 -6.41 21.29 -7.52
CA GLU A 27 -6.88 20.64 -6.30
C GLU A 27 -6.60 19.14 -6.27
N ALA A 28 -6.43 18.52 -7.44
CA ALA A 28 -6.22 17.07 -7.49
C ALA A 28 -4.84 16.70 -6.99
N THR A 29 -3.81 17.36 -7.50
CA THR A 29 -2.45 17.03 -7.13
C THR A 29 -1.69 18.29 -6.71
N PRO A 30 -0.79 18.16 -5.73
CA PRO A 30 0.06 19.30 -5.36
C PRO A 30 1.30 19.44 -6.24
N ASP A 31 1.51 18.53 -7.19
CA ASP A 31 2.67 18.57 -8.07
C ASP A 31 2.35 19.45 -9.27
N PRO A 32 2.95 20.63 -9.40
CA PRO A 32 2.68 21.46 -10.59
C PRO A 32 3.23 20.86 -11.88
N LYS A 33 4.26 20.02 -11.80
CA LYS A 33 4.77 19.34 -12.99
C LYS A 33 3.72 18.39 -13.55
N LEU A 34 3.08 17.61 -12.67
CA LEU A 34 2.02 16.71 -13.10
C LEU A 34 0.87 17.48 -13.71
N ARG A 35 0.58 18.68 -13.19
CA ARG A 35 -0.48 19.51 -13.75
C ARG A 35 -0.13 19.98 -15.16
N GLN A 36 1.12 20.40 -15.38
CA GLN A 36 1.53 20.77 -16.73
C GLN A 36 1.45 19.59 -17.68
N LEU A 37 1.81 18.40 -17.20
CA LEU A 37 1.75 17.21 -18.06
C LEU A 37 0.33 16.93 -18.48
N MET A 38 -0.60 16.94 -17.52
CA MET A 38 -2.00 16.69 -17.84
C MET A 38 -2.55 17.75 -18.79
N MET A 39 -2.10 18.99 -18.64
CA MET A 39 -2.52 20.03 -19.57
C MET A 39 -2.01 19.74 -20.98
N SER A 40 -0.78 19.23 -21.09
CA SER A 40 -0.23 18.94 -22.41
C SER A 40 -0.93 17.76 -23.06
N MET A 41 -1.34 16.77 -22.26
CA MET A 41 -2.07 15.64 -22.80
C MET A 41 -3.45 16.05 -23.28
N ALA A 42 -4.11 16.97 -22.57
CA ALA A 42 -5.43 17.42 -22.99
C ALA A 42 -5.37 18.25 -24.26
N GLU A 43 -4.30 19.02 -24.45
CA GLU A 43 -4.15 19.79 -25.69
C GLU A 43 -3.87 18.87 -26.88
N ALA A 44 -3.07 17.82 -26.66
CA ALA A 44 -2.83 16.86 -27.74
C ALA A 44 -4.09 16.10 -28.09
N THR A 45 -4.90 15.76 -27.07
CA THR A 45 -6.18 15.10 -27.35
C THR A 45 -7.08 15.96 -28.20
N ARG A 46 -7.06 17.28 -27.98
CA ARG A 46 -7.88 18.18 -28.77
C ARG A 46 -7.42 18.21 -30.22
N THR A 47 -6.11 18.21 -30.47
CA THR A 47 -5.60 18.25 -31.83
C THR A 47 -5.88 16.95 -32.56
N ILE A 48 -5.71 15.81 -31.88
CA ILE A 48 -6.01 14.53 -32.50
C ILE A 48 -7.48 14.43 -32.85
N ALA A 49 -8.35 14.99 -31.98
CA ALA A 49 -9.77 15.00 -32.27
C ALA A 49 -10.08 15.76 -33.55
N HIS A 50 -9.31 16.81 -33.82
CA HIS A 50 -9.51 17.56 -35.05
C HIS A 50 -8.94 16.84 -36.25
N LYS A 51 -7.82 16.14 -36.08
CA LYS A 51 -7.21 15.42 -37.21
C LYS A 51 -8.10 14.26 -37.66
N VAL A 52 -8.70 13.55 -36.70
CA VAL A 52 -9.59 12.46 -37.07
C VAL A 52 -10.87 12.98 -37.70
N ARG A 53 -11.34 14.14 -37.25
CA ARG A 53 -12.60 14.69 -37.76
C ARG A 53 -12.56 14.91 -39.26
N THR A 54 -11.44 15.42 -39.77
CA THR A 54 -11.28 15.74 -41.18
C THR A 54 -10.36 14.76 -41.89
N ALA A 55 -10.31 13.51 -41.43
CA ALA A 55 -9.44 12.52 -42.04
C ALA A 55 -10.04 12.04 -43.35
N SER A 56 -9.17 11.79 -44.33
CA SER A 56 -9.57 11.34 -45.65
C SER A 56 -9.32 9.84 -45.74
N CYS A 57 -10.40 9.06 -45.64
CA CYS A 57 -10.31 7.60 -45.68
C CYS A 57 -10.66 7.04 -47.06
N ALA A 58 -10.34 7.81 -48.10
CA ALA A 58 -10.51 7.25 -49.45
C ALA A 58 -9.24 6.44 -49.70
N GLY A 59 -9.32 5.12 -49.62
CA GLY A 59 -8.13 4.26 -49.76
C GLY A 59 -8.15 3.22 -48.67
N THR A 60 -9.28 3.11 -47.96
CA THR A 60 -9.44 2.12 -46.85
C THR A 60 -8.51 2.47 -45.67
N ALA A 61 -7.36 3.11 -45.95
CA ALA A 61 -6.51 3.78 -44.94
C ALA A 61 -7.02 5.20 -44.70
N CYS A 62 -6.65 5.80 -43.57
CA CYS A 62 -7.18 7.10 -43.20
C CYS A 62 -6.02 8.06 -42.98
N VAL A 63 -6.02 9.17 -43.71
CA VAL A 63 -4.86 10.05 -43.75
C VAL A 63 -5.22 11.43 -43.20
N ASN A 64 -4.18 12.12 -42.72
CA ASN A 64 -4.24 13.52 -42.35
C ASN A 64 -2.81 14.04 -42.31
N SER A 65 -2.67 15.36 -42.36
CA SER A 65 -1.36 15.99 -42.46
C SER A 65 -0.86 16.40 -41.08
N PHE A 66 0.36 15.97 -40.75
CA PHE A 66 1.04 16.45 -39.54
C PHE A 66 1.59 17.86 -39.75
N GLY A 67 2.63 17.96 -40.57
CA GLY A 67 3.19 19.26 -40.92
C GLY A 67 3.31 19.41 -42.42
N ASP A 68 4.26 18.69 -43.01
CA ASP A 68 4.48 18.73 -44.46
C ASP A 68 4.38 17.34 -45.09
N GLU A 69 3.89 16.35 -44.35
CA GLU A 69 3.82 14.97 -44.80
C GLU A 69 2.44 14.42 -44.50
N GLN A 70 1.89 13.63 -45.43
CA GLN A 70 0.55 13.06 -45.29
C GLN A 70 0.67 11.58 -44.91
N LEU A 71 0.65 11.31 -43.60
CA LEU A 71 0.64 9.97 -43.06
C LEU A 71 -0.77 9.58 -42.61
N ALA A 72 -0.89 8.44 -41.93
CA ALA A 72 -2.14 7.92 -41.42
C ALA A 72 -2.50 8.55 -40.06
N VAL A 73 -3.76 8.37 -39.66
CA VAL A 73 -4.24 8.97 -38.42
C VAL A 73 -3.51 8.38 -37.23
N ASP A 74 -3.27 7.07 -37.23
CA ASP A 74 -2.55 6.45 -36.12
C ASP A 74 -1.13 6.98 -36.00
N MET A 75 -0.57 7.52 -37.09
CA MET A 75 0.76 8.11 -37.06
C MET A 75 0.73 9.60 -36.76
N VAL A 76 -0.30 10.32 -37.21
CA VAL A 76 -0.41 11.73 -36.86
C VAL A 76 -0.61 11.89 -35.35
N ALA A 77 -1.38 10.99 -34.74
CA ALA A 77 -1.57 11.04 -33.30
C ALA A 77 -0.27 10.75 -32.56
N ASP A 78 0.49 9.75 -33.03
CA ASP A 78 1.77 9.41 -32.44
C ASP A 78 2.68 10.65 -32.38
N LYS A 79 2.82 11.33 -33.51
CA LYS A 79 3.72 12.47 -33.56
C LYS A 79 3.17 13.66 -32.77
N LEU A 80 1.85 13.77 -32.66
CA LEU A 80 1.27 14.87 -31.89
C LEU A 80 1.49 14.65 -30.40
N LEU A 81 1.41 13.40 -29.95
CA LEU A 81 1.63 13.09 -28.53
C LEU A 81 3.10 13.22 -28.16
N PHE A 82 4.00 12.75 -29.03
CA PHE A 82 5.42 12.96 -28.77
C PHE A 82 5.76 14.44 -28.72
N GLU A 83 5.16 15.23 -29.60
CA GLU A 83 5.39 16.66 -29.59
C GLU A 83 4.93 17.29 -28.27
N ALA A 84 3.76 16.88 -27.78
CA ALA A 84 3.24 17.45 -26.53
C ALA A 84 4.12 17.08 -25.34
N LEU A 85 4.66 15.86 -25.33
CA LEU A 85 5.54 15.46 -24.24
C LEU A 85 6.86 16.19 -24.28
N LYS A 86 7.39 16.45 -25.48
CA LYS A 86 8.65 17.16 -25.59
C LYS A 86 8.54 18.55 -24.99
N TYR A 87 7.49 19.29 -25.36
CA TYR A 87 7.34 20.68 -24.96
C TYR A 87 6.69 20.86 -23.60
N SER A 88 6.38 19.77 -22.89
CA SER A 88 5.95 19.90 -21.51
C SER A 88 7.12 20.04 -20.55
N HIS A 89 8.31 19.59 -20.95
CA HIS A 89 9.56 19.66 -20.20
C HIS A 89 9.56 18.84 -18.93
N VAL A 90 8.50 18.09 -18.65
CA VAL A 90 8.42 17.27 -17.45
C VAL A 90 8.34 15.79 -17.80
N CYS A 91 8.80 15.40 -18.99
CA CYS A 91 8.74 14.01 -19.45
C CYS A 91 10.15 13.49 -19.64
N LYS A 92 10.50 12.43 -18.91
CA LYS A 92 11.79 11.77 -19.04
C LYS A 92 11.77 10.74 -20.15
N LEU A 93 10.90 9.74 -20.04
CA LEU A 93 10.78 8.66 -21.02
C LEU A 93 9.40 8.67 -21.66
N ALA A 94 9.36 8.36 -22.95
CA ALA A 94 8.11 8.19 -23.69
C ALA A 94 8.20 6.92 -24.52
N CYS A 95 7.06 6.25 -24.68
CA CYS A 95 7.01 5.00 -25.43
C CYS A 95 5.63 4.83 -26.05
N SER A 96 5.60 4.44 -27.33
CA SER A 96 4.37 4.22 -28.07
C SER A 96 4.18 2.74 -28.33
N GLU A 97 2.91 2.32 -28.48
CA GLU A 97 2.63 0.92 -28.80
C GLU A 97 3.24 0.51 -30.13
N GLU A 98 3.39 1.45 -31.06
CA GLU A 98 3.92 1.11 -32.38
C GLU A 98 5.40 0.73 -32.30
N VAL A 99 6.19 1.52 -31.57
CA VAL A 99 7.60 1.20 -31.35
C VAL A 99 7.82 0.99 -29.85
N PRO A 100 7.66 -0.23 -29.35
CA PRO A 100 7.70 -0.46 -27.89
C PRO A 100 9.09 -0.34 -27.27
N GLU A 101 9.82 0.72 -27.58
CA GLU A 101 11.14 0.95 -26.99
C GLU A 101 11.17 2.40 -26.52
N PRO A 102 11.37 2.64 -25.22
CA PRO A 102 11.31 4.01 -24.70
C PRO A 102 12.31 4.95 -25.38
N VAL A 103 11.98 6.23 -25.33
CA VAL A 103 12.77 7.28 -25.97
C VAL A 103 12.84 8.47 -25.01
N ASP A 104 13.97 9.15 -25.02
CA ASP A 104 14.21 10.26 -24.09
C ASP A 104 13.71 11.58 -24.70
N MET A 105 12.92 12.31 -23.93
CA MET A 105 12.31 13.54 -24.39
C MET A 105 12.99 14.78 -23.82
N GLY A 106 14.15 14.63 -23.21
CA GLY A 106 14.90 15.77 -22.74
C GLY A 106 14.35 16.50 -21.53
N GLY A 107 13.31 15.95 -20.88
CA GLY A 107 12.78 16.51 -19.67
C GLY A 107 13.05 15.61 -18.46
N GLU A 108 12.36 15.92 -17.37
CA GLU A 108 12.46 15.08 -16.20
C GLU A 108 11.23 15.28 -15.32
N GLY A 109 10.76 14.19 -14.73
CA GLY A 109 9.58 14.22 -13.90
C GLY A 109 8.77 12.95 -14.00
N PHE A 110 8.34 12.62 -15.22
CA PHE A 110 7.43 11.50 -15.43
C PHE A 110 7.84 10.71 -16.66
N CYS A 111 7.37 9.47 -16.70
CA CYS A 111 7.51 8.62 -17.87
C CYS A 111 6.13 8.26 -18.36
N VAL A 112 5.86 8.49 -19.65
CA VAL A 112 4.53 8.34 -20.19
C VAL A 112 4.57 7.31 -21.31
N ALA A 113 3.68 6.33 -21.22
CA ALA A 113 3.46 5.35 -22.27
C ALA A 113 2.02 5.46 -22.75
N PHE A 114 1.82 5.33 -24.07
CA PHE A 114 0.52 5.63 -24.64
C PHE A 114 0.24 4.76 -25.87
N ASP A 115 -1.05 4.52 -26.11
CA ASP A 115 -1.53 3.97 -27.37
C ASP A 115 -2.09 5.14 -28.15
N PRO A 116 -1.45 5.54 -29.26
CA PRO A 116 -1.88 6.79 -29.92
C PRO A 116 -3.32 6.79 -30.40
N LEU A 117 -3.76 5.73 -31.07
CA LEU A 117 -5.14 5.61 -31.49
C LEU A 117 -5.54 4.15 -31.39
N ASP A 118 -6.44 3.84 -30.45
CA ASP A 118 -6.87 2.44 -30.24
C ASP A 118 -8.19 2.19 -30.93
N GLY A 119 -8.14 1.93 -32.23
CA GLY A 119 -9.34 1.61 -33.01
C GLY A 119 -8.90 1.30 -34.42
N SER A 120 -8.29 0.14 -34.62
CA SER A 120 -7.72 -0.18 -35.95
C SER A 120 -8.84 -0.38 -36.96
N SER A 121 -9.79 -1.26 -36.63
CA SER A 121 -10.88 -1.59 -37.56
C SER A 121 -12.12 -0.83 -37.16
N ILE A 122 -12.00 0.46 -36.90
CA ILE A 122 -13.23 1.21 -36.65
C ILE A 122 -13.12 2.68 -37.06
N VAL A 123 -11.98 3.11 -37.61
CA VAL A 123 -11.88 4.52 -38.01
C VAL A 123 -12.67 4.75 -39.28
N ASP A 124 -12.62 3.79 -40.22
CA ASP A 124 -13.36 3.92 -41.47
C ASP A 124 -14.87 3.87 -41.24
N THR A 125 -15.31 3.23 -40.16
CA THR A 125 -16.73 3.08 -39.88
C THR A 125 -17.28 4.17 -38.97
N ASN A 126 -16.55 5.27 -38.81
CA ASN A 126 -16.95 6.36 -37.92
C ASN A 126 -17.43 5.88 -36.56
N PHE A 127 -16.79 4.83 -36.02
CA PHE A 127 -17.05 4.39 -34.67
C PHE A 127 -16.24 5.24 -33.69
N ALA A 128 -16.57 5.13 -32.41
CA ALA A 128 -15.78 5.82 -31.41
C ALA A 128 -14.42 5.14 -31.28
N VAL A 129 -13.36 5.94 -31.27
CA VAL A 129 -11.99 5.47 -31.10
C VAL A 129 -11.36 6.26 -29.96
N GLY A 130 -10.12 5.95 -29.65
CA GLY A 130 -9.55 6.63 -28.50
C GLY A 130 -8.05 6.51 -28.38
N THR A 131 -7.51 7.30 -27.47
CA THR A 131 -6.11 7.28 -27.08
C THR A 131 -6.01 6.89 -25.61
N ILE A 132 -5.04 6.05 -25.28
CA ILE A 132 -4.80 5.65 -23.90
C ILE A 132 -3.39 6.07 -23.53
N PHE A 133 -3.21 6.55 -22.30
CA PHE A 133 -1.89 6.90 -21.81
C PHE A 133 -1.84 6.68 -20.31
N GLY A 134 -0.68 6.22 -19.84
CA GLY A 134 -0.41 6.11 -18.42
C GLY A 134 0.86 6.87 -18.07
N VAL A 135 0.87 7.47 -16.88
CA VAL A 135 1.97 8.32 -16.41
C VAL A 135 2.61 7.67 -15.19
N TRP A 136 3.92 7.41 -15.29
CA TRP A 136 4.70 6.82 -14.21
C TRP A 136 5.75 7.82 -13.75
N PRO A 137 6.01 7.92 -12.45
CA PRO A 137 7.08 8.79 -11.98
C PRO A 137 8.44 8.12 -12.11
N GLY A 138 9.46 8.94 -12.38
CA GLY A 138 10.83 8.44 -12.35
C GLY A 138 11.51 8.42 -13.70
N ASP A 139 12.28 7.36 -13.96
CA ASP A 139 13.09 7.26 -15.17
C ASP A 139 13.02 5.87 -15.80
N LYS A 140 12.06 5.04 -15.44
CA LYS A 140 11.98 3.68 -15.97
C LYS A 140 10.56 3.38 -16.43
N LEU A 141 10.45 2.68 -17.56
CA LEU A 141 9.18 2.13 -18.03
C LEU A 141 9.18 0.61 -17.96
N THR A 142 10.21 0.01 -17.36
CA THR A 142 10.28 -1.41 -17.13
C THR A 142 10.52 -1.69 -15.65
N ASN A 143 10.19 -2.91 -15.23
CA ASN A 143 10.27 -3.31 -13.82
C ASN A 143 9.46 -2.36 -12.94
N ILE A 144 8.23 -2.08 -13.38
CA ILE A 144 7.29 -1.25 -12.65
C ILE A 144 5.97 -1.99 -12.59
N THR A 145 5.03 -1.42 -11.85
CA THR A 145 3.67 -1.97 -11.76
C THR A 145 2.69 -0.84 -12.04
N GLY A 146 1.46 -1.24 -12.37
CA GLY A 146 0.44 -0.24 -12.65
C GLY A 146 0.04 0.58 -11.46
N ARG A 147 0.33 0.10 -10.24
CA ARG A 147 -0.01 0.85 -9.04
C ARG A 147 0.94 2.01 -8.82
N GLU A 148 2.13 1.98 -9.42
CA GLU A 148 3.05 3.10 -9.31
C GLU A 148 2.63 4.30 -10.15
N GLN A 149 1.54 4.18 -10.90
CA GLN A 149 1.10 5.29 -11.74
C GLN A 149 0.64 6.46 -10.90
N VAL A 150 1.08 7.67 -11.29
CA VAL A 150 0.62 8.89 -10.65
C VAL A 150 -0.61 9.46 -11.33
N ALA A 151 -0.87 9.06 -12.58
CA ALA A 151 -2.04 9.50 -13.33
C ALA A 151 -2.21 8.61 -14.54
N ALA A 152 -3.44 8.53 -15.02
CA ALA A 152 -3.76 7.80 -16.23
C ALA A 152 -4.97 8.46 -16.87
N GLY A 153 -5.10 8.31 -18.18
CA GLY A 153 -6.21 8.95 -18.84
C GLY A 153 -6.44 8.38 -20.22
N MET A 154 -7.59 8.72 -20.78
CA MET A 154 -7.92 8.34 -22.14
C MET A 154 -8.72 9.46 -22.79
N GLY A 155 -8.40 9.74 -24.05
CA GLY A 155 -9.18 10.67 -24.85
C GLY A 155 -10.05 9.89 -25.81
N ILE A 156 -11.34 10.19 -25.80
CA ILE A 156 -12.33 9.46 -26.56
C ILE A 156 -12.83 10.37 -27.68
N TYR A 157 -12.68 9.92 -28.92
CA TYR A 157 -13.08 10.68 -30.10
C TYR A 157 -14.39 10.10 -30.62
N GLY A 158 -15.49 10.74 -30.28
CA GLY A 158 -16.79 10.34 -30.75
C GLY A 158 -17.58 11.54 -31.21
N PRO A 159 -18.91 11.48 -31.06
CA PRO A 159 -19.72 12.69 -31.31
C PRO A 159 -19.23 13.86 -30.48
N ARG A 160 -18.87 13.59 -29.23
CA ARG A 160 -18.17 14.53 -28.37
C ARG A 160 -16.71 14.13 -28.27
N THR A 161 -15.90 15.02 -27.73
CA THR A 161 -14.51 14.74 -27.43
C THR A 161 -14.35 14.76 -25.92
N VAL A 162 -13.93 13.64 -25.35
CA VAL A 162 -13.92 13.43 -23.92
C VAL A 162 -12.50 13.14 -23.45
N PHE A 163 -12.13 13.76 -22.33
CA PHE A 163 -10.85 13.54 -21.68
C PHE A 163 -11.16 12.95 -20.32
N CYS A 164 -10.95 11.64 -20.17
CA CYS A 164 -11.30 10.91 -18.95
C CYS A 164 -10.00 10.55 -18.24
N ILE A 165 -9.82 11.07 -17.03
CA ILE A 165 -8.56 10.94 -16.33
C ILE A 165 -8.80 10.54 -14.88
N ALA A 166 -7.73 10.08 -14.25
CA ALA A 166 -7.71 9.82 -12.82
C ALA A 166 -6.29 10.05 -12.33
N LEU A 167 -6.17 10.69 -11.17
CA LEU A 167 -4.88 10.96 -10.56
C LEU A 167 -4.83 10.20 -9.24
N LYS A 168 -3.66 9.66 -8.90
CA LYS A 168 -3.56 8.86 -7.69
C LYS A 168 -3.83 9.70 -6.44
N ASP A 169 -3.42 10.97 -6.44
CA ASP A 169 -3.56 11.81 -5.26
C ASP A 169 -4.95 12.44 -5.16
N ALA A 170 -5.94 11.91 -5.88
CA ALA A 170 -7.26 12.50 -5.93
C ALA A 170 -8.30 11.40 -6.06
N PRO A 171 -9.44 11.53 -5.42
CA PRO A 171 -10.45 10.45 -5.47
C PRO A 171 -11.36 10.53 -6.68
N GLY A 172 -11.54 9.41 -7.37
CA GLY A 172 -12.55 9.27 -8.40
C GLY A 172 -11.98 9.36 -9.81
N CYS A 173 -12.83 9.04 -10.77
CA CYS A 173 -12.52 9.12 -12.19
C CYS A 173 -13.32 10.26 -12.80
N HIS A 174 -12.63 11.18 -13.48
CA HIS A 174 -13.23 12.45 -13.88
C HIS A 174 -13.24 12.55 -15.40
N GLU A 175 -14.37 13.01 -15.94
CA GLU A 175 -14.58 13.12 -17.37
C GLU A 175 -14.68 14.60 -17.71
N PHE A 176 -13.98 15.03 -18.76
CA PHE A 176 -13.96 16.43 -19.19
C PHE A 176 -14.42 16.52 -20.64
N LEU A 177 -15.27 17.51 -20.90
CA LEU A 177 -15.83 17.72 -22.22
C LEU A 177 -15.15 18.88 -22.92
N LEU A 178 -14.81 18.68 -24.19
CA LEU A 178 -14.18 19.74 -24.98
C LEU A 178 -15.26 20.71 -25.46
N MET A 179 -15.17 21.95 -24.99
CA MET A 179 -16.18 22.95 -25.30
C MET A 179 -15.86 23.70 -26.58
N ASP A 180 -16.81 24.55 -27.00
CA ASP A 180 -16.65 25.30 -28.24
C ASP A 180 -15.47 26.25 -28.21
N ASP A 181 -15.14 26.82 -27.03
CA ASP A 181 -14.04 27.76 -26.94
C ASP A 181 -12.67 27.09 -26.97
N GLY A 182 -12.62 25.77 -27.10
CA GLY A 182 -11.37 25.05 -27.07
C GLY A 182 -10.87 24.69 -25.69
N LYS A 183 -11.71 24.80 -24.67
CA LYS A 183 -11.33 24.50 -23.30
C LYS A 183 -12.06 23.24 -22.82
N TRP A 184 -11.56 22.70 -21.72
CA TRP A 184 -12.12 21.49 -21.14
C TRP A 184 -12.95 21.85 -19.91
N MET A 185 -14.11 21.21 -19.78
CA MET A 185 -15.02 21.47 -18.68
C MET A 185 -15.38 20.16 -18.01
N HIS A 186 -15.27 20.12 -16.68
CA HIS A 186 -15.65 18.95 -15.92
C HIS A 186 -17.14 18.68 -16.04
N VAL A 187 -17.51 17.44 -16.35
CA VAL A 187 -18.90 17.08 -16.57
C VAL A 187 -19.37 15.90 -15.74
N LYS A 188 -18.48 15.04 -15.23
CA LYS A 188 -18.90 13.93 -14.40
C LYS A 188 -17.71 13.41 -13.59
N GLU A 189 -17.96 13.12 -12.32
CA GLU A 189 -17.03 12.39 -11.46
C GLU A 189 -17.67 11.07 -11.05
N THR A 190 -17.01 9.96 -11.38
CA THR A 190 -17.51 8.63 -11.05
C THR A 190 -16.71 8.05 -9.90
N THR A 191 -17.43 7.52 -8.90
CA THR A 191 -16.79 6.93 -7.72
C THR A 191 -17.40 5.60 -7.33
N HIS A 192 -18.41 5.12 -8.05
CA HIS A 192 -19.05 3.86 -7.73
C HIS A 192 -19.54 3.21 -9.01
N ILE A 193 -19.13 1.97 -9.22
CA ILE A 193 -19.63 1.13 -10.30
C ILE A 193 -20.41 -0.01 -9.66
N GLY A 194 -21.71 -0.06 -9.92
CA GLY A 194 -22.60 -1.02 -9.30
C GLY A 194 -22.92 -2.19 -10.21
N GLU A 195 -24.01 -2.87 -9.89
CA GLU A 195 -24.37 -4.10 -10.58
C GLU A 195 -25.40 -3.87 -11.67
N GLY A 196 -25.29 -4.66 -12.72
CA GLY A 196 -26.18 -4.57 -13.87
C GLY A 196 -25.82 -5.64 -14.87
N LYS A 197 -26.67 -5.79 -15.87
CA LYS A 197 -26.54 -6.87 -16.85
C LYS A 197 -26.13 -6.26 -18.19
N MET A 198 -24.82 -6.14 -18.40
CA MET A 198 -24.25 -5.63 -19.65
C MET A 198 -22.83 -6.14 -19.73
N PHE A 199 -22.44 -6.68 -20.89
CA PHE A 199 -21.13 -7.29 -21.01
C PHE A 199 -20.54 -7.01 -22.38
N ALA A 200 -19.21 -7.03 -22.44
CA ALA A 200 -18.44 -6.83 -23.67
C ALA A 200 -17.47 -7.98 -23.80
N PRO A 201 -17.83 -9.03 -24.54
CA PRO A 201 -16.98 -10.22 -24.61
C PRO A 201 -15.89 -10.10 -25.66
N GLY A 202 -14.70 -9.67 -25.24
CA GLY A 202 -13.58 -9.63 -26.15
C GLY A 202 -12.96 -11.01 -26.32
N ASN A 203 -12.40 -11.27 -27.49
CA ASN A 203 -11.84 -12.60 -27.81
C ASN A 203 -12.88 -13.67 -27.50
N LEU A 204 -13.92 -13.77 -28.32
CA LEU A 204 -15.00 -14.78 -28.11
C LEU A 204 -14.62 -16.03 -28.88
N ARG A 205 -13.53 -15.96 -29.64
CA ARG A 205 -13.10 -17.11 -30.46
C ARG A 205 -12.47 -18.11 -29.51
N ALA A 206 -12.41 -17.73 -28.24
CA ALA A 206 -11.74 -18.61 -27.28
C ALA A 206 -12.81 -19.40 -26.54
N THR A 207 -14.07 -19.17 -26.90
CA THR A 207 -15.15 -19.96 -26.29
C THR A 207 -15.03 -21.38 -26.80
N PHE A 208 -13.95 -21.68 -27.52
CA PHE A 208 -13.78 -23.02 -28.14
C PHE A 208 -12.73 -23.84 -27.39
N ASP A 209 -11.58 -23.24 -27.11
CA ASP A 209 -10.48 -24.00 -26.47
C ASP A 209 -10.43 -23.68 -24.98
N ASN A 210 -11.45 -23.00 -24.47
CA ASN A 210 -11.48 -22.58 -23.06
C ASN A 210 -12.89 -22.82 -22.55
N PRO A 211 -13.15 -23.99 -21.96
CA PRO A 211 -14.51 -24.28 -21.48
C PRO A 211 -14.97 -23.36 -20.37
N ALA A 212 -14.05 -22.79 -19.58
CA ALA A 212 -14.48 -21.88 -18.53
C ALA A 212 -15.00 -20.58 -19.12
N TYR A 213 -14.30 -20.04 -20.12
CA TYR A 213 -14.81 -18.86 -20.82
C TYR A 213 -16.14 -19.16 -21.50
N GLU A 214 -16.29 -20.35 -22.07
CA GLU A 214 -17.55 -20.73 -22.71
C GLU A 214 -18.70 -20.70 -21.72
N ARG A 215 -18.54 -21.37 -20.59
CA ARG A 215 -19.59 -21.37 -19.58
C ARG A 215 -19.89 -19.97 -19.05
N LEU A 216 -18.87 -19.10 -18.97
CA LEU A 216 -19.11 -17.74 -18.52
C LEU A 216 -19.96 -16.98 -19.54
N ILE A 217 -19.57 -17.03 -20.81
CA ILE A 217 -20.36 -16.37 -21.86
C ILE A 217 -21.77 -16.92 -21.89
N ASN A 218 -21.93 -18.23 -21.69
CA ASN A 218 -23.27 -18.80 -21.67
C ASN A 218 -24.09 -18.30 -20.48
N PHE A 219 -23.43 -17.97 -19.37
CA PHE A 219 -24.14 -17.32 -18.26
C PHE A 219 -24.66 -15.96 -18.70
N TYR A 220 -23.80 -15.15 -19.31
CA TYR A 220 -24.21 -13.83 -19.79
C TYR A 220 -25.37 -13.95 -20.77
N LEU A 221 -25.24 -14.84 -21.76
CA LEU A 221 -26.29 -15.03 -22.75
C LEU A 221 -27.56 -15.60 -22.14
N GLY A 222 -27.44 -16.32 -21.02
CA GLY A 222 -28.60 -16.96 -20.41
C GLY A 222 -29.35 -16.09 -19.42
N GLU A 223 -28.70 -15.04 -18.92
CA GLU A 223 -29.30 -14.12 -17.99
C GLU A 223 -29.76 -12.83 -18.66
N LYS A 224 -29.81 -12.81 -20.00
CA LYS A 224 -30.26 -11.66 -20.78
C LYS A 224 -29.43 -10.42 -20.49
N TYR A 225 -28.12 -10.56 -20.60
CA TYR A 225 -27.25 -9.40 -20.48
C TYR A 225 -27.28 -8.65 -21.80
N THR A 226 -27.34 -7.33 -21.73
CA THR A 226 -27.33 -6.55 -22.95
C THR A 226 -25.90 -6.51 -23.50
N LEU A 227 -25.79 -6.67 -24.81
CA LEU A 227 -24.49 -6.82 -25.46
C LEU A 227 -24.03 -5.49 -26.03
N ARG A 228 -22.79 -5.12 -25.73
CA ARG A 228 -22.21 -3.86 -26.21
C ARG A 228 -20.72 -4.12 -26.43
N TYR A 229 -20.38 -4.51 -27.66
CA TYR A 229 -18.99 -4.75 -28.04
C TYR A 229 -18.73 -4.09 -29.37
N THR A 230 -17.79 -3.15 -29.40
CA THR A 230 -17.47 -2.43 -30.63
C THR A 230 -16.15 -2.86 -31.25
N GLY A 231 -15.29 -3.54 -30.51
CA GLY A 231 -14.00 -3.95 -30.97
C GLY A 231 -12.87 -3.06 -30.51
N GLY A 232 -13.16 -1.80 -30.20
CA GLY A 232 -12.18 -0.90 -29.62
C GLY A 232 -12.30 -0.89 -28.11
N MET A 233 -11.15 -0.97 -27.45
CA MET A 233 -11.14 -1.11 -26.00
C MET A 233 -11.58 0.17 -25.31
N VAL A 234 -11.15 1.32 -25.81
CA VAL A 234 -11.42 2.61 -25.17
C VAL A 234 -12.92 2.81 -24.95
N PRO A 235 -13.77 2.76 -25.98
CA PRO A 235 -15.20 2.96 -25.71
C PRO A 235 -15.84 1.79 -24.98
N ASP A 236 -15.31 0.57 -25.13
CA ASP A 236 -15.91 -0.59 -24.47
C ASP A 236 -15.67 -0.56 -22.97
N VAL A 237 -14.63 0.12 -22.50
CA VAL A 237 -14.34 0.21 -21.07
C VAL A 237 -14.92 1.53 -20.56
N PHE A 238 -14.90 2.56 -21.41
CA PHE A 238 -15.45 3.85 -21.02
C PHE A 238 -16.95 3.76 -20.72
N GLN A 239 -17.67 2.87 -21.41
CA GLN A 239 -19.10 2.74 -21.16
C GLN A 239 -19.40 2.19 -19.78
N ILE A 240 -18.47 1.41 -19.20
CA ILE A 240 -18.67 0.92 -17.84
C ILE A 240 -18.61 2.08 -16.85
N ILE A 241 -17.72 3.04 -17.07
CA ILE A 241 -17.59 4.16 -16.15
C ILE A 241 -18.79 5.07 -16.24
N VAL A 242 -19.35 5.25 -17.44
CA VAL A 242 -20.49 6.15 -17.61
C VAL A 242 -21.77 5.51 -17.09
N LYS A 243 -22.03 4.27 -17.49
CA LYS A 243 -23.23 3.57 -17.03
C LYS A 243 -23.09 3.11 -15.58
N GLU A 244 -21.88 3.11 -15.02
CA GLU A 244 -21.59 2.61 -13.67
C GLU A 244 -22.02 1.16 -13.50
N LYS A 245 -21.84 0.38 -14.56
CA LYS A 245 -22.16 -1.05 -14.58
C LYS A 245 -21.50 -1.67 -15.79
N GLY A 246 -21.29 -2.98 -15.73
CA GLY A 246 -20.87 -3.74 -16.89
C GLY A 246 -19.64 -4.58 -16.63
N VAL A 247 -19.34 -5.44 -17.60
CA VAL A 247 -18.19 -6.33 -17.57
C VAL A 247 -17.49 -6.26 -18.91
N PHE A 248 -16.16 -6.21 -18.88
CA PHE A 248 -15.33 -6.39 -20.06
C PHE A 248 -14.43 -7.59 -19.82
N THR A 249 -14.33 -8.47 -20.81
CA THR A 249 -13.51 -9.66 -20.67
C THR A 249 -12.68 -9.84 -21.93
N ASN A 250 -11.42 -10.20 -21.74
CA ASN A 250 -10.53 -10.56 -22.85
C ASN A 250 -9.65 -11.68 -22.32
N VAL A 251 -9.89 -12.89 -22.81
CA VAL A 251 -9.33 -14.10 -22.21
C VAL A 251 -8.58 -14.88 -23.28
N THR A 252 -7.38 -15.35 -22.92
CA THR A 252 -6.55 -16.12 -23.82
C THR A 252 -6.99 -17.59 -23.81
N SER A 253 -6.45 -18.36 -24.74
CA SER A 253 -6.80 -19.76 -24.90
C SER A 253 -5.59 -20.51 -25.43
N PRO A 254 -5.63 -21.85 -25.47
CA PRO A 254 -4.51 -22.59 -26.06
C PRO A 254 -4.17 -22.16 -27.48
N THR A 255 -5.17 -21.93 -28.33
CA THR A 255 -4.95 -21.53 -29.71
C THR A 255 -5.04 -20.03 -29.93
N THR A 256 -5.53 -19.26 -28.96
CA THR A 256 -5.61 -17.81 -29.07
C THR A 256 -4.59 -17.19 -28.12
N LYS A 257 -3.74 -16.32 -28.65
CA LYS A 257 -2.68 -15.68 -27.90
C LYS A 257 -3.10 -14.29 -27.42
N ALA A 258 -2.45 -13.83 -26.36
CA ALA A 258 -2.77 -12.52 -25.78
C ALA A 258 -2.24 -11.39 -26.65
N LYS A 259 -3.08 -10.37 -26.86
CA LYS A 259 -2.74 -9.24 -27.70
C LYS A 259 -2.78 -7.89 -27.00
N LEU A 260 -3.37 -7.81 -25.81
CA LEU A 260 -3.41 -6.56 -25.08
C LEU A 260 -2.09 -6.33 -24.36
N ARG A 261 -1.72 -5.06 -24.19
CA ARG A 261 -0.48 -4.70 -23.52
C ARG A 261 -0.77 -4.09 -22.16
N ILE A 262 0.07 -4.42 -21.18
CA ILE A 262 -0.13 -3.86 -19.85
C ILE A 262 0.30 -2.41 -19.81
N LEU A 263 1.47 -2.12 -20.39
CA LEU A 263 2.02 -0.77 -20.29
C LEU A 263 1.16 0.24 -21.06
N PHE A 264 0.86 -0.06 -22.32
CA PHE A 264 0.18 0.91 -23.17
C PHE A 264 -1.34 0.92 -23.02
N GLU A 265 -1.96 -0.17 -22.57
CA GLU A 265 -3.41 -0.25 -22.61
C GLU A 265 -4.03 -0.68 -21.27
N VAL A 266 -3.64 -1.84 -20.76
CA VAL A 266 -4.38 -2.48 -19.69
C VAL A 266 -4.14 -1.80 -18.34
N ALA A 267 -2.88 -1.56 -17.98
CA ALA A 267 -2.59 -0.95 -16.68
C ALA A 267 -3.16 0.46 -16.56
N PRO A 268 -3.01 1.36 -17.53
CA PRO A 268 -3.65 2.67 -17.40
C PRO A 268 -5.16 2.60 -17.24
N LEU A 269 -5.83 1.75 -18.03
CA LEU A 269 -7.28 1.62 -17.93
C LEU A 269 -7.69 1.01 -16.59
N ALA A 270 -6.82 0.19 -15.99
CA ALA A 270 -7.15 -0.40 -14.71
C ALA A 270 -7.26 0.67 -13.63
N LEU A 271 -6.41 1.69 -13.68
CA LEU A 271 -6.50 2.79 -12.73
C LEU A 271 -7.78 3.58 -12.92
N LEU A 272 -8.15 3.88 -14.17
CA LEU A 272 -9.39 4.60 -14.43
C LEU A 272 -10.60 3.84 -13.93
N ILE A 273 -10.57 2.50 -14.03
CA ILE A 273 -11.71 1.70 -13.63
C ILE A 273 -11.76 1.53 -12.12
N GLU A 274 -10.62 1.24 -11.50
CA GLU A 274 -10.60 0.99 -10.06
C GLU A 274 -10.80 2.27 -9.27
N LYS A 275 -10.27 3.39 -9.76
CA LYS A 275 -10.53 4.66 -9.10
C LYS A 275 -11.98 5.10 -9.21
N ALA A 276 -12.76 4.50 -10.11
CA ALA A 276 -14.17 4.80 -10.25
C ALA A 276 -15.06 3.79 -9.53
N GLY A 277 -14.46 2.90 -8.76
CA GLY A 277 -15.20 1.93 -7.98
C GLY A 277 -15.27 0.53 -8.56
N GLY A 278 -14.40 0.20 -9.51
CA GLY A 278 -14.41 -1.09 -10.17
C GLY A 278 -13.26 -1.98 -9.75
N ALA A 279 -13.08 -3.06 -10.52
CA ALA A 279 -12.05 -4.05 -10.23
C ALA A 279 -11.49 -4.62 -11.53
N SER A 280 -10.32 -5.24 -11.42
CA SER A 280 -9.64 -5.84 -12.57
C SER A 280 -9.08 -7.20 -12.19
N SER A 281 -8.94 -8.08 -13.19
CA SER A 281 -8.33 -9.40 -13.00
C SER A 281 -7.39 -9.66 -14.18
N CYS A 282 -6.09 -9.47 -13.96
CA CYS A 282 -5.09 -9.51 -15.01
C CYS A 282 -4.25 -10.79 -15.00
N ASP A 283 -3.62 -11.06 -16.15
CA ASP A 283 -2.70 -12.17 -16.39
C ASP A 283 -3.16 -13.53 -15.85
N GLY A 284 -4.46 -13.74 -15.74
CA GLY A 284 -4.95 -15.02 -15.25
C GLY A 284 -4.46 -15.37 -13.86
N LYS A 285 -4.03 -14.38 -13.07
CA LYS A 285 -3.44 -14.61 -11.76
C LYS A 285 -4.32 -14.09 -10.63
N ALA A 286 -5.57 -13.73 -10.94
CA ALA A 286 -6.58 -13.31 -9.97
C ALA A 286 -6.12 -12.16 -9.08
N VAL A 287 -5.32 -11.26 -9.64
CA VAL A 287 -4.92 -10.02 -8.96
C VAL A 287 -5.32 -8.85 -9.85
N SER A 288 -5.17 -7.65 -9.30
CA SER A 288 -5.42 -6.44 -10.08
C SER A 288 -4.34 -6.25 -11.13
N ALA A 289 -4.70 -5.57 -12.22
CA ALA A 289 -3.71 -5.26 -13.23
C ALA A 289 -2.67 -4.27 -12.75
N LEU A 290 -2.98 -3.53 -11.68
CA LEU A 290 -2.03 -2.61 -11.07
C LEU A 290 -0.95 -3.33 -10.30
N ASP A 291 -1.08 -4.64 -10.08
CA ASP A 291 -0.12 -5.42 -9.30
C ASP A 291 0.62 -6.45 -10.14
N ILE A 292 0.48 -6.41 -11.47
CA ILE A 292 1.18 -7.33 -12.35
C ILE A 292 2.50 -6.68 -12.74
N PRO A 293 3.65 -7.29 -12.45
CA PRO A 293 4.93 -6.68 -12.81
C PRO A 293 5.08 -6.53 -14.31
N ILE A 294 5.51 -5.35 -14.73
CA ILE A 294 5.74 -5.03 -16.14
C ILE A 294 7.25 -5.15 -16.37
N LEU A 295 7.67 -6.23 -17.01
CA LEU A 295 9.09 -6.51 -17.19
C LEU A 295 9.64 -5.96 -18.51
N VAL A 296 8.85 -6.04 -19.57
CA VAL A 296 9.20 -5.47 -20.86
C VAL A 296 8.05 -4.60 -21.35
N CYS A 297 8.36 -3.65 -22.22
CA CYS A 297 7.34 -2.70 -22.66
C CYS A 297 6.28 -3.38 -23.52
N ASP A 298 6.67 -4.32 -24.37
CA ASP A 298 5.73 -5.02 -25.24
C ASP A 298 5.10 -6.23 -24.55
N GLN A 299 5.07 -6.24 -23.22
CA GLN A 299 4.50 -7.35 -22.48
C GLN A 299 3.00 -7.44 -22.73
N ARG A 300 2.51 -8.66 -22.95
CA ARG A 300 1.10 -8.91 -23.22
C ARG A 300 0.40 -9.50 -22.00
N THR A 301 -0.93 -9.51 -22.04
CA THR A 301 -1.72 -9.98 -20.91
C THR A 301 -3.17 -10.20 -21.34
N GLN A 302 -3.98 -10.64 -20.38
CA GLN A 302 -5.42 -10.74 -20.51
C GLN A 302 -6.03 -9.99 -19.33
N ILE A 303 -7.31 -9.66 -19.41
CA ILE A 303 -7.90 -8.74 -18.44
C ILE A 303 -9.40 -8.92 -18.35
N CYS A 304 -9.96 -8.52 -17.21
CA CYS A 304 -11.39 -8.38 -16.98
C CYS A 304 -11.63 -7.07 -16.22
N TYR A 305 -12.55 -6.26 -16.71
CA TYR A 305 -12.92 -5.00 -16.07
C TYR A 305 -14.39 -5.04 -15.71
N GLY A 306 -14.74 -4.50 -14.56
CA GLY A 306 -16.15 -4.40 -14.20
C GLY A 306 -16.32 -4.06 -12.74
N SER A 307 -17.59 -4.08 -12.32
CA SER A 307 -17.92 -3.91 -10.92
C SER A 307 -17.33 -5.05 -10.10
N ILE A 308 -17.20 -4.81 -8.80
CA ILE A 308 -16.63 -5.82 -7.91
C ILE A 308 -17.41 -7.12 -7.98
N GLY A 309 -18.74 -7.02 -8.04
CA GLY A 309 -19.55 -8.23 -8.14
C GLY A 309 -19.27 -9.03 -9.40
N GLU A 310 -19.13 -8.33 -10.53
CA GLU A 310 -18.94 -9.02 -11.80
C GLU A 310 -17.53 -9.55 -11.97
N VAL A 311 -16.54 -8.93 -11.33
CA VAL A 311 -15.18 -9.45 -11.34
C VAL A 311 -15.07 -10.67 -10.43
N ARG A 312 -15.80 -10.67 -9.32
CA ARG A 312 -15.87 -11.86 -8.48
C ARG A 312 -16.39 -13.05 -9.28
N ARG A 313 -17.46 -12.84 -10.04
CA ARG A 313 -18.02 -13.92 -10.86
C ARG A 313 -17.03 -14.37 -11.93
N PHE A 314 -16.24 -13.45 -12.47
CA PHE A 314 -15.25 -13.81 -13.47
C PHE A 314 -14.24 -14.79 -12.91
N GLU A 315 -13.69 -14.49 -11.74
CA GLU A 315 -12.68 -15.36 -11.15
C GLU A 315 -13.29 -16.69 -10.67
N GLU A 316 -14.53 -16.66 -10.19
CA GLU A 316 -15.18 -17.90 -9.77
C GLU A 316 -15.40 -18.83 -10.94
N TYR A 317 -15.79 -18.28 -12.09
CA TYR A 317 -16.03 -19.10 -13.28
C TYR A 317 -14.74 -19.59 -13.90
N MET A 318 -13.71 -18.74 -13.92
CA MET A 318 -12.47 -19.02 -14.63
C MET A 318 -11.46 -19.81 -13.81
N TYR A 319 -11.44 -19.63 -12.48
CA TYR A 319 -10.41 -20.20 -11.64
C TYR A 319 -10.96 -21.08 -10.52
N GLY A 320 -12.25 -21.02 -10.24
CA GLY A 320 -12.82 -21.84 -9.19
C GLY A 320 -13.34 -20.99 -8.04
N THR A 321 -12.56 -19.98 -7.66
CA THR A 321 -12.93 -19.08 -6.59
C THR A 321 -12.23 -17.75 -6.80
N SER A 322 -12.77 -16.71 -6.18
CA SER A 322 -12.17 -15.38 -6.20
C SER A 322 -11.42 -15.17 -4.89
N PRO A 323 -10.09 -15.23 -4.89
CA PRO A 323 -9.35 -15.05 -3.64
C PRO A 323 -9.69 -13.78 -2.89
N ARG A 324 -9.96 -12.68 -3.60
CA ARG A 324 -10.18 -11.39 -2.97
C ARG A 324 -11.62 -11.15 -2.58
N PHE A 325 -12.58 -11.67 -3.34
CA PHE A 325 -13.97 -11.27 -3.22
C PHE A 325 -14.95 -12.39 -2.89
N SER A 326 -14.54 -13.65 -2.97
CA SER A 326 -15.48 -14.74 -2.72
C SER A 326 -15.83 -14.84 -1.25
N GLU A 327 -17.12 -15.09 -1.00
CA GLU A 327 -17.74 -15.39 0.30
C GLU A 327 -16.82 -15.38 1.51
N GLY B 18 16.32 -20.28 28.32
CA GLY B 18 15.01 -20.03 28.90
C GLY B 18 14.02 -21.13 28.61
N ASP B 19 12.77 -20.75 28.33
CA ASP B 19 11.68 -21.69 28.11
C ASP B 19 11.15 -21.52 26.68
N SER B 20 10.30 -22.46 26.27
CA SER B 20 9.94 -22.56 24.87
C SER B 20 8.89 -21.53 24.49
N LEU B 21 8.64 -21.44 23.18
CA LEU B 21 7.66 -20.49 22.67
C LEU B 21 6.25 -20.92 23.02
N ALA B 22 5.94 -22.21 22.87
CA ALA B 22 4.61 -22.70 23.22
C ALA B 22 4.30 -22.44 24.69
N GLU B 23 5.31 -22.57 25.56
CA GLU B 23 5.11 -22.28 26.97
C GLU B 23 4.92 -20.79 27.21
N PHE B 24 5.65 -19.96 26.46
CA PHE B 24 5.50 -18.51 26.62
C PHE B 24 4.11 -18.05 26.20
N LEU B 25 3.59 -18.60 25.10
CA LEU B 25 2.32 -18.12 24.57
C LEU B 25 1.16 -18.44 25.51
N VAL B 26 1.22 -19.57 26.21
CA VAL B 26 0.12 -19.94 27.10
C VAL B 26 0.00 -18.94 28.25
N GLU B 27 1.09 -18.25 28.60
CA GLU B 27 1.09 -17.25 29.65
C GLU B 27 0.99 -15.82 29.12
N ALA B 28 1.39 -15.60 27.86
CA ALA B 28 1.35 -14.26 27.30
C ALA B 28 -0.08 -13.83 26.98
N THR B 29 -0.84 -14.71 26.30
CA THR B 29 -2.19 -14.40 25.84
C THR B 29 -3.19 -15.45 26.29
N PRO B 30 -4.42 -15.04 26.60
CA PRO B 30 -5.47 -16.01 26.94
C PRO B 30 -6.23 -16.58 25.76
N ASP B 31 -5.98 -16.09 24.54
CA ASP B 31 -6.70 -16.55 23.36
C ASP B 31 -5.96 -17.73 22.73
N PRO B 32 -6.51 -18.95 22.76
CA PRO B 32 -5.80 -20.07 22.12
C PRO B 32 -5.72 -19.95 20.61
N LYS B 33 -6.66 -19.23 19.98
CA LYS B 33 -6.56 -18.98 18.55
C LYS B 33 -5.33 -18.14 18.22
N LEU B 34 -5.11 -17.07 19.01
CA LEU B 34 -3.93 -16.25 18.80
C LEU B 34 -2.66 -17.07 18.98
N ARG B 35 -2.68 -18.02 19.93
CA ARG B 35 -1.51 -18.86 20.15
C ARG B 35 -1.21 -19.73 18.94
N GLN B 36 -2.24 -20.31 18.31
CA GLN B 36 -2.02 -21.10 17.11
C GLN B 36 -1.45 -20.24 15.98
N LEU B 37 -1.91 -18.99 15.87
CA LEU B 37 -1.41 -18.12 14.81
C LEU B 37 0.07 -17.79 15.01
N MET B 38 0.45 -17.42 16.24
CA MET B 38 1.84 -17.11 16.51
C MET B 38 2.73 -18.32 16.29
N MET B 39 2.23 -19.50 16.63
CA MET B 39 2.99 -20.72 16.38
C MET B 39 3.17 -20.97 14.89
N SER B 40 2.14 -20.68 14.09
CA SER B 40 2.21 -20.89 12.65
C SER B 40 3.17 -19.91 12.00
N MET B 41 3.20 -18.67 12.49
CA MET B 41 4.16 -17.69 11.97
C MET B 41 5.59 -18.04 12.35
N ALA B 42 5.78 -18.60 13.54
CA ALA B 42 7.13 -18.98 13.94
C ALA B 42 7.64 -20.14 13.10
N GLU B 43 6.75 -21.04 12.67
CA GLU B 43 7.16 -22.16 11.82
C GLU B 43 7.55 -21.67 10.43
N ALA B 44 6.81 -20.71 9.89
CA ALA B 44 7.17 -20.18 8.56
C ALA B 44 8.50 -19.43 8.63
N THR B 45 8.75 -18.73 9.74
CA THR B 45 10.03 -18.06 9.91
C THR B 45 11.17 -19.06 9.87
N ARG B 46 10.96 -20.25 10.43
CA ARG B 46 11.98 -21.29 10.39
C ARG B 46 12.17 -21.80 8.97
N THR B 47 11.08 -21.98 8.22
CA THR B 47 11.20 -22.50 6.87
C THR B 47 11.81 -21.46 5.93
N ILE B 48 11.40 -20.20 6.07
CA ILE B 48 12.00 -19.13 5.28
C ILE B 48 13.48 -19.01 5.61
N ALA B 49 13.83 -19.21 6.87
CA ALA B 49 15.24 -19.17 7.27
C ALA B 49 16.04 -20.24 6.55
N HIS B 50 15.43 -21.40 6.29
CA HIS B 50 16.13 -22.46 5.59
C HIS B 50 16.21 -22.18 4.09
N LYS B 51 15.17 -21.59 3.51
CA LYS B 51 15.21 -21.30 2.08
C LYS B 51 16.23 -20.22 1.76
N VAL B 52 16.34 -19.20 2.62
CA VAL B 52 17.33 -18.15 2.39
C VAL B 52 18.74 -18.70 2.57
N ARG B 53 18.91 -19.62 3.50
CA ARG B 53 20.24 -20.17 3.78
C ARG B 53 20.84 -20.82 2.54
N THR B 54 20.03 -21.55 1.79
CA THR B 54 20.50 -22.31 0.63
C THR B 54 20.06 -21.67 -0.67
N ALA B 55 19.90 -20.35 -0.69
CA ALA B 55 19.44 -19.68 -1.90
C ALA B 55 20.59 -19.57 -2.89
N SER B 56 20.26 -19.72 -4.18
CA SER B 56 21.27 -19.68 -5.23
C SER B 56 21.22 -18.33 -5.95
N CYS B 57 21.73 -17.31 -5.27
CA CYS B 57 21.94 -16.02 -5.90
C CYS B 57 22.97 -16.16 -7.01
N ALA B 58 22.57 -15.81 -8.24
CA ALA B 58 23.44 -16.00 -9.39
C ALA B 58 23.78 -14.68 -10.06
N GLY B 59 22.90 -14.20 -10.94
CA GLY B 59 23.18 -13.00 -11.70
C GLY B 59 22.20 -11.87 -11.53
N THR B 60 20.90 -12.18 -11.57
CA THR B 60 19.87 -11.16 -11.52
C THR B 60 18.96 -11.25 -10.31
N ALA B 61 18.99 -12.35 -9.56
CA ALA B 61 18.10 -12.50 -8.41
C ALA B 61 18.67 -13.58 -7.50
N CYS B 62 17.88 -13.96 -6.49
CA CYS B 62 18.17 -15.09 -5.62
C CYS B 62 16.98 -16.03 -5.66
N VAL B 63 17.25 -17.34 -5.66
CA VAL B 63 16.20 -18.32 -5.95
C VAL B 63 16.30 -19.51 -5.01
N ASN B 64 15.16 -20.18 -4.85
CA ASN B 64 15.05 -21.48 -4.19
C ASN B 64 13.76 -22.14 -4.69
N SER B 65 13.34 -23.20 -4.01
CA SER B 65 12.20 -24.00 -4.46
C SER B 65 11.05 -23.89 -3.47
N PHE B 66 9.85 -23.67 -3.99
CA PHE B 66 8.60 -23.77 -3.24
C PHE B 66 7.75 -24.84 -3.92
N GLY B 67 7.76 -26.05 -3.38
CA GLY B 67 7.09 -27.15 -4.05
C GLY B 67 7.87 -27.58 -5.27
N ASP B 68 7.19 -27.60 -6.42
CA ASP B 68 7.82 -27.97 -7.69
C ASP B 68 8.13 -26.76 -8.56
N GLU B 69 7.78 -25.55 -8.12
CA GLU B 69 8.11 -24.33 -8.84
C GLU B 69 9.27 -23.61 -8.14
N GLN B 70 10.16 -23.02 -8.94
CA GLN B 70 11.38 -22.40 -8.44
C GLN B 70 11.30 -20.90 -8.73
N LEU B 71 11.20 -20.11 -7.67
CA LEU B 71 10.96 -18.66 -7.75
C LEU B 71 12.06 -17.92 -7.01
N ALA B 72 11.87 -16.61 -6.82
CA ALA B 72 12.82 -15.82 -6.07
C ALA B 72 12.54 -15.95 -4.57
N VAL B 73 13.54 -15.57 -3.77
CA VAL B 73 13.42 -15.77 -2.32
C VAL B 73 12.31 -14.92 -1.73
N ASP B 74 12.18 -13.66 -2.17
CA ASP B 74 11.11 -12.82 -1.64
C ASP B 74 9.73 -13.37 -1.99
N MET B 75 9.63 -14.20 -3.03
CA MET B 75 8.37 -14.84 -3.39
C MET B 75 8.18 -16.19 -2.71
N VAL B 76 9.27 -16.92 -2.46
CA VAL B 76 9.16 -18.17 -1.70
C VAL B 76 8.71 -17.89 -0.28
N ALA B 77 9.22 -16.79 0.30
CA ALA B 77 8.74 -16.38 1.62
C ALA B 77 7.27 -15.97 1.55
N ASP B 78 6.89 -15.26 0.49
CA ASP B 78 5.50 -14.88 0.29
C ASP B 78 4.59 -16.10 0.30
N LYS B 79 4.93 -17.12 -0.49
CA LYS B 79 4.07 -18.29 -0.61
C LYS B 79 4.07 -19.12 0.68
N LEU B 80 5.17 -19.08 1.42
CA LEU B 80 5.23 -19.84 2.67
C LEU B 80 4.37 -19.20 3.74
N LEU B 81 4.33 -17.87 3.80
CA LEU B 81 3.53 -17.20 4.82
C LEU B 81 2.04 -17.34 4.54
N PHE B 82 1.63 -17.21 3.27
CA PHE B 82 0.24 -17.43 2.92
C PHE B 82 -0.20 -18.85 3.25
N GLU B 83 0.65 -19.84 2.99
CA GLU B 83 0.32 -21.22 3.34
C GLU B 83 0.16 -21.37 4.85
N ALA B 84 1.06 -20.75 5.63
CA ALA B 84 0.97 -20.89 7.08
C ALA B 84 -0.32 -20.31 7.62
N LEU B 85 -0.78 -19.21 7.02
CA LEU B 85 -2.04 -18.60 7.42
C LEU B 85 -3.23 -19.47 7.02
N LYS B 86 -3.13 -20.11 5.86
CA LYS B 86 -4.21 -20.98 5.40
C LYS B 86 -4.45 -22.12 6.37
N TYR B 87 -3.38 -22.83 6.75
CA TYR B 87 -3.49 -24.00 7.61
C TYR B 87 -3.49 -23.66 9.09
N SER B 88 -3.43 -22.37 9.46
CA SER B 88 -3.62 -22.00 10.85
C SER B 88 -5.10 -21.96 11.21
N HIS B 89 -5.96 -21.72 10.23
CA HIS B 89 -7.42 -21.71 10.34
C HIS B 89 -7.94 -20.57 11.21
N VAL B 90 -7.09 -19.69 11.71
CA VAL B 90 -7.51 -18.57 12.53
C VAL B 90 -7.25 -17.24 11.81
N CYS B 91 -7.13 -17.27 10.49
CA CYS B 91 -6.83 -16.08 9.71
C CYS B 91 -7.98 -15.78 8.76
N LYS B 92 -8.57 -14.59 8.90
CA LYS B 92 -9.62 -14.14 8.00
C LYS B 92 -9.03 -13.51 6.74
N LEU B 93 -8.28 -12.43 6.91
CA LEU B 93 -7.67 -11.70 5.80
C LEU B 93 -6.15 -11.75 5.92
N ALA B 94 -5.48 -11.86 4.78
CA ALA B 94 -4.03 -11.81 4.70
C ALA B 94 -3.64 -10.85 3.58
N CYS B 95 -2.51 -10.18 3.76
CA CYS B 95 -2.07 -9.22 2.76
C CYS B 95 -0.56 -9.12 2.76
N SER B 96 0.02 -9.11 1.55
CA SER B 96 1.46 -8.99 1.37
C SER B 96 1.78 -7.62 0.79
N GLU B 97 2.97 -7.12 1.11
CA GLU B 97 3.42 -5.83 0.58
C GLU B 97 3.54 -5.84 -0.94
N GLU B 98 3.85 -6.99 -1.53
CA GLU B 98 4.02 -7.07 -2.98
C GLU B 98 2.71 -6.84 -3.72
N VAL B 99 1.62 -7.47 -3.26
CA VAL B 99 0.30 -7.24 -3.84
C VAL B 99 -0.62 -6.62 -2.78
N PRO B 100 -0.68 -5.28 -2.67
CA PRO B 100 -1.39 -4.64 -1.55
C PRO B 100 -2.91 -4.70 -1.62
N GLU B 101 -3.49 -5.88 -1.86
CA GLU B 101 -4.94 -6.05 -1.86
C GLU B 101 -5.25 -7.26 -0.98
N PRO B 102 -6.00 -7.11 0.10
CA PRO B 102 -6.23 -8.23 1.02
C PRO B 102 -6.91 -9.39 0.32
N VAL B 103 -6.74 -10.57 0.91
CA VAL B 103 -7.26 -11.82 0.36
C VAL B 103 -7.80 -12.65 1.51
N ASP B 104 -8.88 -13.39 1.25
CA ASP B 104 -9.53 -14.18 2.28
C ASP B 104 -8.90 -15.56 2.36
N MET B 105 -8.55 -15.98 3.57
CA MET B 105 -7.86 -17.24 3.80
C MET B 105 -8.77 -18.32 4.35
N GLY B 106 -10.08 -18.09 4.32
CA GLY B 106 -11.04 -19.11 4.70
C GLY B 106 -11.13 -19.43 6.17
N GLY B 107 -10.45 -18.67 7.02
CA GLY B 107 -10.54 -18.84 8.45
C GLY B 107 -11.25 -17.66 9.11
N GLU B 108 -11.11 -17.58 10.43
CA GLU B 108 -11.70 -16.47 11.15
C GLU B 108 -10.97 -16.28 12.47
N GLY B 109 -10.78 -15.02 12.85
CA GLY B 109 -10.10 -14.68 14.08
C GLY B 109 -9.30 -13.41 13.94
N PHE B 110 -8.37 -13.40 12.99
CA PHE B 110 -7.42 -12.30 12.84
C PHE B 110 -7.22 -11.98 11.36
N CYS B 111 -6.70 -10.78 11.13
CA CYS B 111 -6.25 -10.34 9.81
C CYS B 111 -4.77 -10.02 9.93
N VAL B 112 -3.95 -10.60 9.06
CA VAL B 112 -2.51 -10.51 9.17
C VAL B 112 -1.95 -9.85 7.93
N ALA B 113 -1.12 -8.83 8.13
CA ALA B 113 -0.39 -8.17 7.06
C ALA B 113 1.09 -8.35 7.33
N PHE B 114 1.87 -8.61 6.27
CA PHE B 114 3.27 -8.97 6.44
C PHE B 114 4.08 -8.49 5.25
N ASP B 115 5.36 -8.22 5.51
CA ASP B 115 6.35 -8.01 4.46
C ASP B 115 7.18 -9.29 4.36
N PRO B 116 7.07 -10.06 3.27
CA PRO B 116 7.73 -11.38 3.27
C PRO B 116 9.23 -11.31 3.46
N LEU B 117 9.91 -10.42 2.75
CA LEU B 117 11.36 -10.25 2.94
C LEU B 117 11.71 -8.79 2.76
N ASP B 118 12.07 -8.13 3.87
CA ASP B 118 12.45 -6.73 3.88
C ASP B 118 13.96 -6.67 3.76
N GLY B 119 14.45 -6.03 2.71
CA GLY B 119 15.85 -5.94 2.44
C GLY B 119 16.30 -6.77 1.26
N SER B 120 15.38 -7.15 0.37
CA SER B 120 15.74 -7.97 -0.80
C SER B 120 16.86 -7.33 -1.61
N SER B 121 17.16 -6.05 -1.37
CA SER B 121 18.22 -5.32 -2.05
C SER B 121 19.58 -5.50 -1.39
N ILE B 122 19.67 -6.33 -0.34
CA ILE B 122 20.91 -6.56 0.39
C ILE B 122 21.10 -8.06 0.62
N VAL B 123 20.26 -8.89 0.00
CA VAL B 123 20.38 -10.34 0.17
C VAL B 123 21.67 -10.83 -0.49
N ASP B 124 22.04 -10.22 -1.61
CA ASP B 124 23.28 -10.60 -2.31
C ASP B 124 24.52 -10.30 -1.48
N THR B 125 24.43 -9.38 -0.52
CA THR B 125 25.57 -8.99 0.29
C THR B 125 25.64 -9.77 1.61
N ASN B 126 24.91 -10.87 1.72
CA ASN B 126 24.83 -11.66 2.95
C ASN B 126 24.63 -10.79 4.18
N PHE B 127 23.86 -9.72 4.05
CA PHE B 127 23.47 -8.90 5.19
C PHE B 127 22.27 -9.54 5.89
N ALA B 128 21.99 -9.07 7.10
CA ALA B 128 20.82 -9.56 7.79
C ALA B 128 19.57 -9.00 7.12
N VAL B 129 18.60 -9.87 6.90
CA VAL B 129 17.31 -9.52 6.32
C VAL B 129 16.23 -10.01 7.27
N GLY B 130 14.97 -9.73 6.94
CA GLY B 130 13.94 -10.10 7.89
C GLY B 130 12.55 -10.07 7.29
N THR B 131 11.62 -10.63 8.06
CA THR B 131 10.20 -10.64 7.77
C THR B 131 9.50 -9.85 8.87
N ILE B 132 8.53 -9.02 8.49
CA ILE B 132 7.74 -8.24 9.42
C ILE B 132 6.28 -8.65 9.27
N PHE B 133 5.56 -8.74 10.38
CA PHE B 133 4.14 -9.03 10.30
C PHE B 133 3.41 -8.39 11.47
N GLY B 134 2.21 -7.91 11.20
CA GLY B 134 1.32 -7.42 12.24
C GLY B 134 0.00 -8.16 12.18
N VAL B 135 -0.60 -8.40 13.34
CA VAL B 135 -1.83 -9.17 13.46
C VAL B 135 -2.92 -8.27 14.03
N TRP B 136 -4.02 -8.14 13.29
CA TRP B 136 -5.16 -7.32 13.67
C TRP B 136 -6.38 -8.21 13.90
N PRO B 137 -7.19 -7.92 14.91
CA PRO B 137 -8.41 -8.70 15.12
C PRO B 137 -9.52 -8.23 14.20
N GLY B 138 -10.38 -9.17 13.81
CA GLY B 138 -11.56 -8.79 13.07
C GLY B 138 -11.60 -9.24 11.63
N ASP B 139 -12.11 -8.37 10.74
CA ASP B 139 -12.35 -8.68 9.34
C ASP B 139 -11.92 -7.55 8.41
N LYS B 140 -11.13 -6.59 8.87
CA LYS B 140 -10.74 -5.45 8.05
C LYS B 140 -9.24 -5.20 8.18
N LEU B 141 -8.62 -4.85 7.07
CA LEU B 141 -7.26 -4.33 7.05
C LEU B 141 -7.21 -2.87 6.64
N THR B 142 -8.37 -2.22 6.50
CA THR B 142 -8.47 -0.80 6.23
C THR B 142 -9.34 -0.14 7.30
N ASN B 143 -9.16 1.17 7.44
CA ASN B 143 -9.82 1.95 8.48
C ASN B 143 -9.52 1.39 9.87
N ILE B 144 -8.24 1.09 10.10
CA ILE B 144 -7.76 0.60 11.38
C ILE B 144 -6.57 1.44 11.81
N THR B 145 -6.09 1.19 13.02
CA THR B 145 -4.89 1.84 13.53
C THR B 145 -3.95 0.77 14.08
N GLY B 146 -2.68 1.16 14.24
CA GLY B 146 -1.69 0.23 14.74
C GLY B 146 -1.89 -0.15 16.19
N ARG B 147 -2.64 0.64 16.95
CA ARG B 147 -2.89 0.34 18.36
C ARG B 147 -3.88 -0.80 18.52
N GLU B 148 -4.70 -1.07 17.50
CA GLU B 148 -5.65 -2.17 17.53
C GLU B 148 -4.99 -3.53 17.35
N GLN B 149 -3.68 -3.57 17.14
CA GLN B 149 -2.99 -4.84 16.92
C GLN B 149 -3.03 -5.70 18.18
N VAL B 150 -3.34 -6.98 18.00
CA VAL B 150 -3.29 -7.92 19.10
C VAL B 150 -1.90 -8.53 19.22
N ALA B 151 -1.11 -8.47 18.15
CA ALA B 151 0.24 -9.00 18.18
C ALA B 151 0.98 -8.47 16.97
N ALA B 152 2.29 -8.39 17.10
CA ALA B 152 3.15 -8.00 15.99
C ALA B 152 4.49 -8.67 16.21
N GLY B 153 5.20 -8.91 15.12
CA GLY B 153 6.48 -9.60 15.26
C GLY B 153 7.31 -9.48 14.00
N MET B 154 8.58 -9.84 14.15
CA MET B 154 9.48 -9.91 13.01
C MET B 154 10.42 -11.09 13.20
N GLY B 155 10.67 -11.81 12.11
CA GLY B 155 11.68 -12.84 12.08
C GLY B 155 12.89 -12.31 11.35
N ILE B 156 14.06 -12.43 12.00
CA ILE B 156 15.30 -11.88 11.48
C ILE B 156 16.17 -13.04 11.02
N TYR B 157 16.54 -13.04 9.74
CA TYR B 157 17.36 -14.09 9.15
C TYR B 157 18.78 -13.55 9.03
N GLY B 158 19.62 -13.90 9.99
CA GLY B 158 21.01 -13.54 9.99
C GLY B 158 21.88 -14.73 10.28
N PRO B 159 23.03 -14.52 10.95
CA PRO B 159 23.83 -15.66 11.40
C PRO B 159 23.04 -16.62 12.25
N ARG B 160 22.18 -16.09 13.12
CA ARG B 160 21.18 -16.81 13.86
C ARG B 160 19.81 -16.54 13.24
N THR B 161 18.82 -17.31 13.66
CA THR B 161 17.44 -17.07 13.27
C THR B 161 16.66 -16.67 14.52
N VAL B 162 16.09 -15.47 14.50
CA VAL B 162 15.45 -14.87 15.66
C VAL B 162 13.99 -14.59 15.35
N PHE B 163 13.12 -14.89 16.32
CA PHE B 163 11.69 -14.63 16.23
C PHE B 163 11.38 -13.62 17.33
N CYS B 164 11.18 -12.36 16.94
CA CYS B 164 10.96 -11.27 17.88
C CYS B 164 9.51 -10.84 17.82
N ILE B 165 8.79 -10.98 18.93
CA ILE B 165 7.36 -10.75 18.96
C ILE B 165 6.99 -9.93 20.19
N ALA B 166 5.79 -9.37 20.15
CA ALA B 166 5.17 -8.71 21.29
C ALA B 166 3.67 -8.87 21.16
N LEU B 167 3.01 -9.15 22.27
CA LEU B 167 1.57 -9.36 22.29
C LEU B 167 0.91 -8.28 23.13
N LYS B 168 -0.28 -7.85 22.70
CA LYS B 168 -0.96 -6.77 23.40
C LYS B 168 -1.33 -7.17 24.81
N ASP B 169 -1.64 -8.44 25.04
CA ASP B 169 -2.05 -8.93 26.35
C ASP B 169 -0.86 -9.28 27.25
N ALA B 170 0.34 -8.81 26.93
CA ALA B 170 1.53 -9.20 27.67
C ALA B 170 2.55 -8.08 27.65
N PRO B 171 3.29 -7.88 28.76
CA PRO B 171 4.26 -6.78 28.80
C PRO B 171 5.60 -7.13 28.20
N GLY B 172 6.12 -6.26 27.34
CA GLY B 172 7.49 -6.35 26.86
C GLY B 172 7.60 -6.92 25.45
N CYS B 173 8.82 -6.83 24.92
CA CYS B 173 9.17 -7.39 23.61
C CYS B 173 10.10 -8.57 23.83
N HIS B 174 9.79 -9.70 23.19
CA HIS B 174 10.44 -10.96 23.52
C HIS B 174 11.20 -11.52 22.32
N GLU B 175 12.39 -12.05 22.59
CA GLU B 175 13.32 -12.55 21.59
C GLU B 175 13.40 -14.06 21.70
N PHE B 176 13.26 -14.75 20.56
CA PHE B 176 13.29 -16.21 20.51
C PHE B 176 14.37 -16.67 19.55
N LEU B 177 15.16 -17.66 19.97
CA LEU B 177 16.24 -18.21 19.17
C LEU B 177 15.85 -19.58 18.63
N LEU B 178 16.15 -19.81 17.36
CA LEU B 178 15.88 -21.09 16.71
C LEU B 178 16.98 -22.08 17.09
N MET B 179 16.62 -23.14 17.80
CA MET B 179 17.60 -24.10 18.26
C MET B 179 17.81 -25.19 17.22
N ASP B 180 18.80 -26.06 17.47
CA ASP B 180 19.15 -27.12 16.54
C ASP B 180 18.01 -28.12 16.36
N ASP B 181 17.23 -28.37 17.41
CA ASP B 181 16.15 -29.35 17.32
C ASP B 181 14.94 -28.83 16.56
N GLY B 182 14.98 -27.60 16.05
CA GLY B 182 13.85 -27.03 15.36
C GLY B 182 12.84 -26.32 16.24
N LYS B 183 13.19 -26.03 17.49
CA LYS B 183 12.28 -25.38 18.41
C LYS B 183 12.77 -23.97 18.72
N TRP B 184 11.86 -23.16 19.25
CA TRP B 184 12.15 -21.78 19.60
C TRP B 184 12.28 -21.63 21.11
N MET B 185 13.31 -20.91 21.54
CA MET B 185 13.61 -20.73 22.95
C MET B 185 13.72 -19.25 23.27
N HIS B 186 13.03 -18.83 24.34
CA HIS B 186 13.11 -17.46 24.81
C HIS B 186 14.53 -17.15 25.28
N VAL B 187 15.08 -16.03 24.81
CA VAL B 187 16.45 -15.67 25.14
C VAL B 187 16.59 -14.27 25.71
N LYS B 188 15.62 -13.38 25.51
CA LYS B 188 15.72 -12.04 26.07
C LYS B 188 14.33 -11.40 26.12
N GLU B 189 14.04 -10.71 27.22
CA GLU B 189 12.85 -9.88 27.34
C GLU B 189 13.30 -8.44 27.50
N THR B 190 12.84 -7.56 26.60
CA THR B 190 13.19 -6.16 26.64
C THR B 190 11.99 -5.35 27.13
N THR B 191 12.24 -4.47 28.10
CA THR B 191 11.19 -3.63 28.66
C THR B 191 11.63 -2.18 28.84
N HIS B 192 12.88 -1.85 28.50
CA HIS B 192 13.38 -0.50 28.67
C HIS B 192 14.41 -0.20 27.59
N ILE B 193 14.20 0.89 26.86
CA ILE B 193 15.17 1.40 25.91
C ILE B 193 15.68 2.72 26.45
N GLY B 194 16.97 2.79 26.79
CA GLY B 194 17.55 3.95 27.42
C GLY B 194 18.28 4.84 26.45
N GLU B 195 19.14 5.68 27.00
CA GLU B 195 19.80 6.70 26.22
C GLU B 195 21.19 6.25 25.82
N GLY B 196 21.60 6.67 24.63
CA GLY B 196 22.89 6.30 24.08
C GLY B 196 23.07 6.99 22.74
N LYS B 197 24.29 6.91 22.23
CA LYS B 197 24.67 7.63 21.02
C LYS B 197 24.89 6.62 19.91
N MET B 198 23.83 6.34 19.18
CA MET B 198 23.84 5.43 18.04
C MET B 198 22.65 5.81 17.17
N PHE B 199 22.86 5.93 15.87
CA PHE B 199 21.81 6.39 14.99
C PHE B 199 21.86 5.66 13.65
N ALA B 200 20.69 5.54 13.04
CA ALA B 200 20.53 4.91 11.73
C ALA B 200 19.76 5.90 10.88
N PRO B 201 20.45 6.73 10.08
CA PRO B 201 19.75 7.76 9.32
C PRO B 201 19.22 7.26 7.98
N GLY B 202 17.97 6.84 7.95
CA GLY B 202 17.36 6.45 6.71
C GLY B 202 16.95 7.65 5.90
N ASN B 203 16.81 7.42 4.59
CA ASN B 203 16.51 8.49 3.64
C ASN B 203 17.45 9.68 3.86
N LEU B 204 18.75 9.39 3.79
CA LEU B 204 19.76 10.41 4.01
C LEU B 204 19.92 11.36 2.84
N ARG B 205 19.25 11.10 1.72
CA ARG B 205 19.27 12.02 0.60
C ARG B 205 18.37 13.23 0.85
N ALA B 206 17.57 13.20 1.91
CA ALA B 206 16.64 14.28 2.20
C ALA B 206 17.27 15.39 3.01
N THR B 207 18.52 15.22 3.42
CA THR B 207 19.29 16.28 4.07
C THR B 207 19.65 17.43 3.10
N PHE B 208 18.99 17.53 1.95
CA PHE B 208 19.29 18.55 0.95
C PHE B 208 18.19 19.59 0.85
N ASP B 209 16.94 19.13 0.86
CA ASP B 209 15.78 19.99 0.80
C ASP B 209 15.01 20.00 2.11
N ASN B 210 15.54 19.38 3.15
CA ASN B 210 14.95 19.41 4.50
C ASN B 210 16.01 19.95 5.44
N PRO B 211 16.01 21.26 5.71
CA PRO B 211 17.03 21.83 6.59
C PRO B 211 16.94 21.34 8.03
N ALA B 212 15.76 20.92 8.47
CA ALA B 212 15.63 20.39 9.83
C ALA B 212 16.29 19.02 9.95
N TYR B 213 16.07 18.16 8.95
CA TYR B 213 16.77 16.88 8.93
C TYR B 213 18.27 17.10 8.88
N GLU B 214 18.71 18.09 8.09
CA GLU B 214 20.12 18.43 8.06
C GLU B 214 20.62 18.83 9.44
N ARG B 215 19.90 19.74 10.11
CA ARG B 215 20.31 20.14 11.46
C ARG B 215 20.34 18.95 12.41
N LEU B 216 19.40 18.01 12.26
CA LEU B 216 19.38 16.84 13.14
C LEU B 216 20.57 15.92 12.87
N ILE B 217 20.78 15.56 11.59
CA ILE B 217 21.90 14.70 11.24
C ILE B 217 23.23 15.33 11.65
N ASN B 218 23.36 16.65 11.49
CA ASN B 218 24.58 17.32 11.92
C ASN B 218 24.73 17.29 13.44
N PHE B 219 23.62 17.25 14.18
CA PHE B 219 23.72 17.05 15.62
C PHE B 219 24.28 15.66 15.93
N TYR B 220 23.74 14.63 15.26
CA TYR B 220 24.24 13.27 15.46
C TYR B 220 25.73 13.19 15.15
N LEU B 221 26.14 13.72 14.00
CA LEU B 221 27.55 13.69 13.62
C LEU B 221 28.41 14.55 14.55
N GLY B 222 27.83 15.56 15.19
CA GLY B 222 28.60 16.46 16.02
C GLY B 222 28.79 15.99 17.44
N GLU B 223 27.96 15.07 17.89
CA GLU B 223 28.08 14.50 19.23
C GLU B 223 28.77 13.15 19.22
N LYS B 224 29.38 12.76 18.10
CA LYS B 224 30.12 11.51 17.95
C LYS B 224 29.22 10.30 18.23
N TYR B 225 28.07 10.26 17.55
CA TYR B 225 27.18 9.12 17.60
C TYR B 225 27.72 8.02 16.70
N THR B 226 27.63 6.78 17.15
CA THR B 226 28.07 5.68 16.32
C THR B 226 27.02 5.40 15.26
N LEU B 227 27.48 5.10 14.06
CA LEU B 227 26.62 4.90 12.90
C LEU B 227 26.42 3.40 12.69
N ARG B 228 25.16 2.99 12.53
CA ARG B 228 24.80 1.59 12.28
C ARG B 228 23.59 1.61 11.35
N TYR B 229 23.86 1.58 10.06
CA TYR B 229 22.82 1.59 9.03
C TYR B 229 23.14 0.53 7.99
N THR B 230 22.24 -0.45 7.84
CA THR B 230 22.44 -1.53 6.89
C THR B 230 21.56 -1.40 5.65
N GLY B 231 20.51 -0.58 5.70
CA GLY B 231 19.60 -0.39 4.61
C GLY B 231 18.33 -1.20 4.74
N GLY B 232 18.38 -2.31 5.48
CA GLY B 232 17.19 -3.08 5.77
C GLY B 232 16.62 -2.66 7.12
N MET B 233 15.30 -2.47 7.14
CA MET B 233 14.66 -1.92 8.33
C MET B 233 14.68 -2.92 9.48
N VAL B 234 14.47 -4.20 9.20
CA VAL B 234 14.39 -5.23 10.23
C VAL B 234 15.63 -5.20 11.13
N PRO B 235 16.86 -5.34 10.61
CA PRO B 235 18.01 -5.30 11.51
C PRO B 235 18.31 -3.91 12.07
N ASP B 236 17.97 -2.84 11.34
CA ASP B 236 18.27 -1.49 11.82
C ASP B 236 17.42 -1.09 13.01
N VAL B 237 16.23 -1.69 13.15
CA VAL B 237 15.34 -1.39 14.26
C VAL B 237 15.55 -2.44 15.35
N PHE B 238 15.84 -3.67 14.93
CA PHE B 238 16.09 -4.74 15.89
C PHE B 238 17.28 -4.42 16.78
N GLN B 239 18.28 -3.70 16.25
CA GLN B 239 19.45 -3.37 17.05
C GLN B 239 19.10 -2.39 18.17
N ILE B 240 18.06 -1.59 17.99
CA ILE B 240 17.63 -0.71 19.07
C ILE B 240 17.07 -1.51 20.23
N ILE B 241 16.35 -2.58 19.93
CA ILE B 241 15.76 -3.39 20.99
C ILE B 241 16.85 -4.17 21.73
N VAL B 242 17.88 -4.60 21.01
CA VAL B 242 18.93 -5.41 21.62
C VAL B 242 19.87 -4.55 22.45
N LYS B 243 20.38 -3.47 21.85
CA LYS B 243 21.30 -2.59 22.56
C LYS B 243 20.59 -1.73 23.60
N GLU B 244 19.26 -1.63 23.51
CA GLU B 244 18.47 -0.76 24.39
C GLU B 244 18.91 0.70 24.29
N LYS B 245 19.26 1.12 23.06
CA LYS B 245 19.70 2.46 22.73
C LYS B 245 19.52 2.65 21.23
N GLY B 246 19.42 3.90 20.81
CA GLY B 246 19.54 4.22 19.40
C GLY B 246 18.36 5.01 18.87
N VAL B 247 18.55 5.49 17.64
CA VAL B 247 17.53 6.22 16.90
C VAL B 247 17.49 5.68 15.49
N PHE B 248 16.29 5.52 14.95
CA PHE B 248 16.09 5.26 13.53
C PHE B 248 15.24 6.38 12.98
N THR B 249 15.64 6.92 11.83
CA THR B 249 14.93 8.04 11.24
C THR B 249 14.72 7.80 9.76
N ASN B 250 13.53 8.13 9.27
CA ASN B 250 13.20 8.11 7.85
C ASN B 250 12.27 9.29 7.60
N VAL B 251 12.78 10.32 6.93
CA VAL B 251 12.13 11.61 6.85
C VAL B 251 11.94 11.97 5.38
N THR B 252 10.74 12.43 5.04
CA THR B 252 10.43 12.84 3.68
C THR B 252 10.93 14.27 3.42
N SER B 253 10.94 14.66 2.15
CA SER B 253 11.44 15.97 1.75
C SER B 253 10.71 16.39 0.49
N PRO B 254 10.87 17.65 0.06
CA PRO B 254 10.26 18.07 -1.21
C PRO B 254 10.62 17.18 -2.39
N THR B 255 11.89 16.78 -2.53
CA THR B 255 12.31 15.94 -3.64
C THR B 255 12.30 14.45 -3.33
N THR B 256 12.20 14.07 -2.05
CA THR B 256 12.14 12.66 -1.66
C THR B 256 10.76 12.36 -1.11
N LYS B 257 10.10 11.36 -1.69
CA LYS B 257 8.75 10.98 -1.29
C LYS B 257 8.78 9.78 -0.34
N ALA B 258 7.71 9.63 0.43
CA ALA B 258 7.67 8.57 1.43
C ALA B 258 7.46 7.21 0.78
N LYS B 259 8.24 6.21 1.23
CA LYS B 259 8.19 4.88 0.65
C LYS B 259 7.88 3.78 1.65
N LEU B 260 7.93 4.05 2.95
CA LEU B 260 7.63 3.02 3.95
C LEU B 260 6.12 2.82 4.06
N ARG B 261 5.74 1.61 4.45
CA ARG B 261 4.33 1.24 4.56
C ARG B 261 3.92 1.14 6.02
N ILE B 262 2.71 1.63 6.33
CA ILE B 262 2.25 1.60 7.70
C ILE B 262 1.77 0.20 8.05
N LEU B 263 0.96 -0.39 7.18
CA LEU B 263 0.36 -1.69 7.48
C LEU B 263 1.42 -2.79 7.51
N PHE B 264 2.24 -2.87 6.47
CA PHE B 264 3.16 -3.98 6.31
C PHE B 264 4.46 -3.81 7.10
N GLU B 265 4.86 -2.58 7.42
CA GLU B 265 6.18 -2.38 7.99
C GLU B 265 6.19 -1.53 9.26
N VAL B 266 5.66 -0.31 9.17
CA VAL B 266 5.90 0.68 10.21
C VAL B 266 5.05 0.39 11.46
N ALA B 267 3.75 0.16 11.29
CA ALA B 267 2.90 -0.06 12.45
C ALA B 267 3.27 -1.32 13.23
N PRO B 268 3.51 -2.48 12.60
CA PRO B 268 3.94 -3.63 13.40
C PRO B 268 5.23 -3.38 14.18
N LEU B 269 6.23 -2.76 13.56
CA LEU B 269 7.47 -2.48 14.27
C LEU B 269 7.28 -1.44 15.36
N ALA B 270 6.28 -0.56 15.23
CA ALA B 270 6.05 0.45 16.26
C ALA B 270 5.59 -0.20 17.56
N LEU B 271 4.79 -1.26 17.47
CA LEU B 271 4.39 -1.99 18.67
C LEU B 271 5.58 -2.67 19.31
N LEU B 272 6.45 -3.30 18.51
CA LEU B 272 7.62 -3.95 19.07
C LEU B 272 8.53 -2.96 19.79
N ILE B 273 8.63 -1.74 19.28
CA ILE B 273 9.52 -0.75 19.88
C ILE B 273 8.89 -0.18 21.15
N GLU B 274 7.60 0.13 21.09
CA GLU B 274 6.92 0.75 22.23
C GLU B 274 6.71 -0.24 23.38
N LYS B 275 6.47 -1.52 23.06
CA LYS B 275 6.43 -2.53 24.11
C LYS B 275 7.80 -2.72 24.76
N ALA B 276 8.88 -2.48 24.01
CA ALA B 276 10.22 -2.63 24.56
C ALA B 276 10.66 -1.40 25.34
N GLY B 277 9.79 -0.43 25.54
CA GLY B 277 10.08 0.75 26.34
C GLY B 277 10.45 1.98 25.53
N GLY B 278 10.17 1.99 24.24
CA GLY B 278 10.54 3.08 23.37
C GLY B 278 9.36 3.91 22.91
N ALA B 279 9.61 4.74 21.90
CA ALA B 279 8.61 5.65 21.36
C ALA B 279 8.78 5.76 19.85
N SER B 280 7.72 6.25 19.20
CA SER B 280 7.72 6.45 17.75
C SER B 280 7.11 7.81 17.42
N SER B 281 7.49 8.35 16.27
CA SER B 281 6.92 9.59 15.74
C SER B 281 6.64 9.36 14.26
N CYS B 282 5.37 9.11 13.93
CA CYS B 282 4.96 8.73 12.59
C CYS B 282 4.37 9.91 11.83
N ASP B 283 4.34 9.76 10.51
CA ASP B 283 3.89 10.80 9.60
C ASP B 283 4.66 12.08 9.95
N GLY B 284 4.13 13.24 9.57
CA GLY B 284 4.73 14.48 10.01
C GLY B 284 3.93 15.06 11.16
N LYS B 285 3.25 14.19 11.92
CA LYS B 285 2.24 14.63 12.88
C LYS B 285 2.64 14.47 14.34
N ALA B 286 3.90 14.12 14.63
CA ALA B 286 4.41 14.06 16.01
C ALA B 286 3.52 13.22 16.94
N VAL B 287 2.93 12.16 16.41
CA VAL B 287 2.16 11.20 17.19
C VAL B 287 2.79 9.82 17.02
N SER B 288 2.31 8.87 17.80
CA SER B 288 2.78 7.49 17.67
C SER B 288 2.28 6.88 16.36
N ALA B 289 3.04 5.91 15.85
CA ALA B 289 2.60 5.22 14.65
C ALA B 289 1.38 4.34 14.91
N LEU B 290 1.15 3.99 16.18
CA LEU B 290 -0.03 3.20 16.53
C LEU B 290 -1.31 4.02 16.47
N ASP B 291 -1.22 5.33 16.29
CA ASP B 291 -2.37 6.21 16.28
C ASP B 291 -2.61 6.85 14.92
N ILE B 292 -1.93 6.39 13.88
CA ILE B 292 -2.10 6.92 12.53
C ILE B 292 -3.17 6.08 11.84
N PRO B 293 -4.28 6.66 11.40
CA PRO B 293 -5.30 5.87 10.71
C PRO B 293 -4.78 5.29 9.41
N ILE B 294 -5.05 4.01 9.20
CA ILE B 294 -4.65 3.30 7.99
C ILE B 294 -5.89 3.23 7.10
N LEU B 295 -5.92 4.05 6.06
CA LEU B 295 -7.10 4.13 5.20
C LEU B 295 -7.02 3.20 4.01
N VAL B 296 -5.83 3.02 3.44
CA VAL B 296 -5.60 2.07 2.37
C VAL B 296 -4.40 1.22 2.74
N CYS B 297 -4.34 0.03 2.14
CA CYS B 297 -3.27 -0.91 2.48
C CYS B 297 -1.91 -0.41 2.02
N ASP B 298 -1.85 0.24 0.85
CA ASP B 298 -0.60 0.76 0.31
C ASP B 298 -0.26 2.15 0.84
N GLN B 299 -0.81 2.53 1.99
CA GLN B 299 -0.54 3.84 2.56
C GLN B 299 0.92 3.95 2.98
N ARG B 300 1.54 5.08 2.66
CA ARG B 300 2.93 5.34 2.97
C ARG B 300 3.06 6.30 4.14
N THR B 301 4.26 6.38 4.70
CA THR B 301 4.47 7.22 5.88
C THR B 301 5.98 7.40 6.10
N GLN B 302 6.28 8.16 7.15
CA GLN B 302 7.62 8.40 7.66
C GLN B 302 7.61 7.99 9.12
N ILE B 303 8.79 7.84 9.72
CA ILE B 303 8.87 7.27 11.06
C ILE B 303 10.18 7.69 11.72
N CYS B 304 10.17 7.70 13.04
CA CYS B 304 11.37 7.79 13.85
C CYS B 304 11.19 6.81 14.99
N TYR B 305 12.17 5.93 15.21
CA TYR B 305 12.13 4.97 16.30
C TYR B 305 13.31 5.23 17.21
N GLY B 306 13.08 5.08 18.52
CA GLY B 306 14.17 5.22 19.46
C GLY B 306 13.66 5.35 20.86
N SER B 307 14.59 5.60 21.77
CA SER B 307 14.23 5.90 23.14
C SER B 307 13.40 7.17 23.21
N ILE B 308 12.67 7.32 24.31
CA ILE B 308 11.83 8.50 24.50
C ILE B 308 12.67 9.77 24.43
N GLY B 309 13.87 9.74 25.01
CA GLY B 309 14.74 10.91 24.94
C GLY B 309 15.13 11.26 23.52
N GLU B 310 15.44 10.26 22.70
CA GLU B 310 15.87 10.52 21.34
C GLU B 310 14.71 10.85 20.41
N VAL B 311 13.50 10.36 20.70
CA VAL B 311 12.34 10.76 19.93
C VAL B 311 11.93 12.19 20.28
N ARG B 312 12.06 12.58 21.55
CA ARG B 312 11.81 13.96 21.92
C ARG B 312 12.72 14.90 21.12
N ARG B 313 14.00 14.56 21.01
CA ARG B 313 14.90 15.40 20.24
C ARG B 313 14.51 15.43 18.77
N PHE B 314 14.00 14.32 18.25
CA PHE B 314 13.57 14.29 16.85
C PHE B 314 12.44 15.30 16.60
N GLU B 315 11.41 15.29 17.46
CA GLU B 315 10.29 16.20 17.25
C GLU B 315 10.68 17.65 17.53
N GLU B 316 11.57 17.88 18.50
CA GLU B 316 12.02 19.25 18.77
C GLU B 316 12.78 19.82 17.58
N TYR B 317 13.59 18.99 16.92
CA TYR B 317 14.36 19.47 15.77
C TYR B 317 13.48 19.62 14.53
N MET B 318 12.54 18.71 14.32
CA MET B 318 11.77 18.66 13.09
C MET B 318 10.55 19.58 13.10
N TYR B 319 9.94 19.79 14.27
CA TYR B 319 8.67 20.49 14.36
C TYR B 319 8.71 21.71 15.27
N GLY B 320 9.74 21.86 16.09
CA GLY B 320 9.83 22.99 17.00
C GLY B 320 9.75 22.55 18.45
N THR B 321 8.86 21.60 18.74
CA THR B 321 8.70 21.09 20.09
C THR B 321 8.13 19.68 20.01
N SER B 322 8.31 18.92 21.09
CA SER B 322 7.75 17.59 21.20
C SER B 322 6.47 17.70 22.02
N PRO B 323 5.29 17.64 21.41
CA PRO B 323 4.05 17.77 22.18
C PRO B 323 3.95 16.80 23.34
N ARG B 324 4.44 15.58 23.19
CA ARG B 324 4.29 14.56 24.23
C ARG B 324 5.40 14.59 25.27
N PHE B 325 6.62 14.92 24.87
CA PHE B 325 7.76 14.68 25.73
C PHE B 325 8.54 15.93 26.12
N SER B 326 8.28 17.07 25.48
CA SER B 326 8.97 18.30 25.86
C SER B 326 8.43 18.83 27.18
N GLU B 327 9.32 19.40 27.98
CA GLU B 327 8.96 19.96 29.27
C GLU B 327 8.92 21.48 29.18
N LYS B 328 8.01 22.08 29.93
CA LYS B 328 7.89 23.53 29.98
C LYS B 328 8.20 24.06 31.37
N GLY C 18 5.90 -35.49 -4.51
CA GLY C 18 4.46 -35.46 -4.39
C GLY C 18 3.96 -34.19 -3.73
N ASP C 19 2.96 -34.31 -2.87
CA ASP C 19 2.33 -33.17 -2.20
C ASP C 19 2.52 -33.30 -0.69
N SER C 20 2.22 -32.21 0.02
CA SER C 20 2.60 -32.09 1.41
C SER C 20 1.64 -32.85 2.32
N LEU C 21 1.99 -32.91 3.61
CA LEU C 21 1.15 -33.62 4.57
C LEU C 21 -0.11 -32.83 4.89
N ALA C 22 0.00 -31.52 5.07
CA ALA C 22 -1.18 -30.70 5.32
C ALA C 22 -2.17 -30.82 4.17
N GLU C 23 -1.68 -30.90 2.93
CA GLU C 23 -2.56 -31.07 1.79
C GLU C 23 -3.22 -32.44 1.79
N PHE C 24 -2.48 -33.48 2.20
CA PHE C 24 -3.06 -34.81 2.28
C PHE C 24 -4.14 -34.88 3.35
N LEU C 25 -3.90 -34.28 4.52
CA LEU C 25 -4.84 -34.38 5.63
C LEU C 25 -6.15 -33.67 5.32
N VAL C 26 -6.09 -32.58 4.56
CA VAL C 26 -7.32 -31.85 4.24
C VAL C 26 -8.24 -32.71 3.39
N GLU C 27 -7.68 -33.68 2.66
CA GLU C 27 -8.44 -34.57 1.80
C GLU C 27 -8.73 -35.93 2.44
N ALA C 28 -7.92 -36.35 3.42
CA ALA C 28 -8.13 -37.66 4.02
C ALA C 28 -9.36 -37.67 4.92
N THR C 29 -9.46 -36.69 5.82
CA THR C 29 -10.56 -36.62 6.76
C THR C 29 -11.16 -35.23 6.77
N PRO C 30 -12.47 -35.13 6.98
CA PRO C 30 -13.11 -33.80 7.09
C PRO C 30 -13.03 -33.20 8.48
N ASP C 31 -12.45 -33.92 9.45
CA ASP C 31 -12.36 -33.45 10.82
C ASP C 31 -11.10 -32.60 10.98
N PRO C 32 -11.21 -31.29 11.19
CA PRO C 32 -10.01 -30.47 11.37
C PRO C 32 -9.28 -30.76 12.68
N LYS C 33 -9.98 -31.27 13.70
CA LYS C 33 -9.31 -31.65 14.94
C LYS C 33 -8.35 -32.82 14.71
N LEU C 34 -8.80 -33.83 13.96
CA LEU C 34 -7.92 -34.94 13.62
C LEU C 34 -6.73 -34.47 12.81
N ARG C 35 -6.94 -33.47 11.95
CA ARG C 35 -5.84 -32.94 11.15
C ARG C 35 -4.80 -32.26 12.04
N GLN C 36 -5.24 -31.47 13.02
CA GLN C 36 -4.29 -30.84 13.94
C GLN C 36 -3.53 -31.87 14.75
N LEU C 37 -4.20 -32.95 15.15
CA LEU C 37 -3.52 -34.00 15.92
C LEU C 37 -2.45 -34.68 15.10
N MET C 38 -2.78 -35.04 13.85
CA MET C 38 -1.78 -35.66 12.98
C MET C 38 -0.62 -34.71 12.71
N MET C 39 -0.91 -33.41 12.58
CA MET C 39 0.17 -32.44 12.40
C MET C 39 1.07 -32.37 13.62
N SER C 40 0.49 -32.46 14.82
CA SER C 40 1.30 -32.41 16.03
C SER C 40 2.13 -33.67 16.19
N MET C 41 1.58 -34.82 15.77
CA MET C 41 2.36 -36.05 15.82
C MET C 41 3.51 -36.04 14.85
N ALA C 42 3.32 -35.40 13.68
CA ALA C 42 4.40 -35.28 12.72
C ALA C 42 5.49 -34.33 13.21
N GLU C 43 5.11 -33.30 13.96
CA GLU C 43 6.11 -32.39 14.52
C GLU C 43 6.93 -33.07 15.60
N ALA C 44 6.30 -33.90 16.42
CA ALA C 44 7.04 -34.64 17.44
C ALA C 44 7.95 -35.68 16.80
N THR C 45 7.47 -36.33 15.73
CA THR C 45 8.30 -37.31 15.04
C THR C 45 9.57 -36.67 14.49
N ARG C 46 9.46 -35.44 13.98
CA ARG C 46 10.64 -34.74 13.47
C ARG C 46 11.61 -34.39 14.59
N THR C 47 11.09 -33.93 15.74
CA THR C 47 11.97 -33.55 16.83
C THR C 47 12.61 -34.75 17.50
N ILE C 48 11.85 -35.84 17.69
CA ILE C 48 12.42 -37.05 18.26
C ILE C 48 13.51 -37.59 17.35
N ALA C 49 13.31 -37.47 16.03
CA ALA C 49 14.30 -37.92 15.06
C ALA C 49 15.63 -37.20 15.24
N HIS C 50 15.59 -35.93 15.65
CA HIS C 50 16.81 -35.18 15.85
C HIS C 50 17.51 -35.57 17.16
N LYS C 51 16.73 -35.87 18.20
CA LYS C 51 17.32 -36.23 19.49
C LYS C 51 18.03 -37.59 19.43
N VAL C 52 17.46 -38.56 18.72
CA VAL C 52 18.09 -39.86 18.59
C VAL C 52 19.39 -39.73 17.80
N ARG C 53 19.41 -38.83 16.83
CA ARG C 53 20.57 -38.66 15.96
C ARG C 53 21.82 -38.29 16.76
N THR C 54 21.68 -37.41 17.76
CA THR C 54 22.81 -36.91 18.53
C THR C 54 22.84 -37.47 19.96
N ALA C 55 22.36 -38.71 20.15
CA ALA C 55 22.35 -39.31 21.49
C ALA C 55 23.76 -39.77 21.88
N SER C 56 23.88 -40.56 22.94
CA SER C 56 25.19 -41.04 23.37
C SER C 56 25.40 -42.49 22.93
N ALA C 61 23.29 -46.30 28.95
CA ALA C 61 22.04 -45.84 28.35
C ALA C 61 22.29 -44.62 27.47
N CYS C 62 21.71 -44.64 26.28
CA CYS C 62 21.83 -43.50 25.38
C CYS C 62 21.05 -42.31 25.93
N VAL C 63 21.64 -41.11 25.84
CA VAL C 63 21.09 -39.94 26.50
C VAL C 63 21.06 -38.75 25.57
N ASN C 64 20.14 -37.83 25.85
CA ASN C 64 20.02 -36.53 25.19
C ASN C 64 19.28 -35.62 26.17
N SER C 65 19.14 -34.35 25.78
CA SER C 65 18.49 -33.36 26.65
C SER C 65 17.08 -33.01 26.14
N GLN C 70 19.07 -33.75 30.81
CA GLN C 70 19.80 -34.90 30.30
C GLN C 70 19.17 -36.22 30.77
N LEU C 71 18.20 -36.71 30.01
CA LEU C 71 17.54 -37.98 30.27
C LEU C 71 17.92 -38.97 29.17
N ALA C 72 17.26 -40.13 29.19
CA ALA C 72 17.44 -41.16 28.17
C ALA C 72 16.54 -40.89 26.98
N VAL C 73 16.84 -41.55 25.86
CA VAL C 73 16.09 -41.32 24.63
C VAL C 73 14.64 -41.76 24.81
N ASP C 74 14.42 -42.89 25.48
CA ASP C 74 13.05 -43.36 25.70
C ASP C 74 12.24 -42.39 26.54
N MET C 75 12.90 -41.58 27.37
CA MET C 75 12.20 -40.58 28.16
C MET C 75 12.11 -39.24 27.47
N VAL C 76 13.13 -38.87 26.68
CA VAL C 76 13.07 -37.63 25.91
C VAL C 76 11.97 -37.70 24.86
N ALA C 77 11.82 -38.85 24.21
CA ALA C 77 10.71 -39.04 23.27
C ALA C 77 9.37 -39.01 24.00
N ASP C 78 9.30 -39.67 25.16
CA ASP C 78 8.07 -39.67 25.94
C ASP C 78 7.61 -38.25 26.25
N LYS C 79 8.51 -37.41 26.74
CA LYS C 79 8.10 -36.06 27.12
C LYS C 79 7.78 -35.21 25.89
N LEU C 80 8.41 -35.49 24.76
CA LEU C 80 8.11 -34.72 23.55
C LEU C 80 6.73 -35.07 23.00
N LEU C 81 6.35 -36.34 23.10
CA LEU C 81 5.03 -36.75 22.60
C LEU C 81 3.92 -36.23 23.52
N PHE C 82 4.13 -36.29 24.84
CA PHE C 82 3.17 -35.71 25.77
C PHE C 82 3.03 -34.20 25.54
N GLU C 83 4.15 -33.53 25.28
CA GLU C 83 4.10 -32.10 24.99
C GLU C 83 3.29 -31.81 23.74
N ALA C 84 3.50 -32.59 22.68
CA ALA C 84 2.78 -32.36 21.43
C ALA C 84 1.28 -32.58 21.63
N LEU C 85 0.91 -33.55 22.47
CA LEU C 85 -0.51 -33.79 22.74
C LEU C 85 -1.11 -32.66 23.56
N LYS C 86 -0.35 -32.13 24.52
CA LYS C 86 -0.85 -31.04 25.36
C LYS C 86 -1.13 -29.80 24.53
N TYR C 87 -0.18 -29.40 23.69
CA TYR C 87 -0.31 -28.17 22.92
C TYR C 87 -1.11 -28.35 21.64
N SER C 88 -1.63 -29.55 21.37
CA SER C 88 -2.56 -29.72 20.28
C SER C 88 -3.98 -29.30 20.67
N HIS C 89 -4.30 -29.34 21.96
CA HIS C 89 -5.58 -28.96 22.55
C HIS C 89 -6.71 -29.87 22.12
N VAL C 90 -6.44 -30.92 21.35
CA VAL C 90 -7.48 -31.83 20.87
C VAL C 90 -7.29 -33.23 21.45
N CYS C 91 -6.57 -33.36 22.56
CA CYS C 91 -6.28 -34.65 23.17
C CYS C 91 -6.89 -34.68 24.58
N LYS C 92 -7.78 -35.64 24.81
CA LYS C 92 -8.39 -35.87 26.11
C LYS C 92 -7.51 -36.77 26.99
N LEU C 93 -7.26 -38.00 26.53
CA LEU C 93 -6.47 -38.96 27.27
C LEU C 93 -5.21 -39.31 26.50
N ALA C 94 -4.11 -39.49 27.23
CA ALA C 94 -2.85 -39.95 26.67
C ALA C 94 -2.30 -41.06 27.55
N CYS C 95 -1.60 -42.00 26.92
CA CYS C 95 -1.07 -43.13 27.67
C CYS C 95 0.22 -43.59 27.02
N SER C 96 1.27 -43.76 27.82
CA SER C 96 2.55 -44.23 27.34
C SER C 96 2.82 -45.62 27.90
N GLU C 97 3.54 -46.42 27.12
CA GLU C 97 3.89 -47.77 27.55
C GLU C 97 4.78 -47.74 28.79
N GLU C 98 5.55 -46.67 28.98
CA GLU C 98 6.44 -46.59 30.13
C GLU C 98 5.63 -46.52 31.43
N VAL C 99 4.61 -45.68 31.47
CA VAL C 99 3.69 -45.65 32.59
C VAL C 99 2.30 -45.98 32.07
N PRO C 100 1.90 -47.26 32.05
CA PRO C 100 0.65 -47.64 31.40
C PRO C 100 -0.59 -47.23 32.18
N GLU C 101 -0.67 -45.97 32.58
CA GLU C 101 -1.84 -45.44 33.26
C GLU C 101 -2.26 -44.16 32.55
N PRO C 102 -3.46 -44.08 32.00
CA PRO C 102 -3.87 -42.89 31.24
C PRO C 102 -3.81 -41.62 32.07
N VAL C 103 -3.68 -40.50 31.37
CA VAL C 103 -3.55 -39.17 31.98
C VAL C 103 -4.32 -38.17 31.13
N ASP C 104 -4.92 -37.18 31.81
CA ASP C 104 -5.75 -36.17 31.15
C ASP C 104 -4.87 -35.01 30.67
N MET C 105 -5.05 -34.62 29.41
CA MET C 105 -4.25 -33.59 28.76
C MET C 105 -4.97 -32.25 28.63
N GLY C 106 -6.11 -32.09 29.32
CA GLY C 106 -6.78 -30.81 29.34
C GLY C 106 -7.48 -30.42 28.06
N GLY C 107 -7.55 -31.32 27.08
CA GLY C 107 -8.27 -31.09 25.87
C GLY C 107 -9.50 -31.97 25.75
N GLU C 108 -10.04 -32.04 24.54
CA GLU C 108 -11.16 -32.93 24.26
C GLU C 108 -11.22 -33.20 22.77
N GLY C 109 -11.52 -34.45 22.42
CA GLY C 109 -11.58 -34.88 21.04
C GLY C 109 -11.12 -36.30 20.82
N PHE C 110 -9.88 -36.59 21.21
CA PHE C 110 -9.27 -37.89 20.93
C PHE C 110 -8.50 -38.39 22.14
N CYS C 111 -8.28 -39.71 22.15
CA CYS C 111 -7.42 -40.38 23.12
C CYS C 111 -6.30 -41.05 22.34
N VAL C 112 -5.06 -40.80 22.77
CA VAL C 112 -3.88 -41.26 22.05
C VAL C 112 -3.08 -42.17 22.95
N ALA C 113 -2.75 -43.35 22.45
CA ALA C 113 -1.85 -44.27 23.13
C ALA C 113 -0.64 -44.46 22.24
N PHE C 114 0.55 -44.50 22.84
CA PHE C 114 1.76 -44.51 22.04
C PHE C 114 2.88 -45.26 22.75
N ASP C 115 3.77 -45.84 21.94
CA ASP C 115 5.07 -46.32 22.41
C ASP C 115 6.10 -45.30 21.96
N PRO C 116 6.72 -44.54 22.88
CA PRO C 116 7.60 -43.45 22.44
C PRO C 116 8.77 -43.91 21.58
N LEU C 117 9.45 -45.00 21.96
CA LEU C 117 10.57 -45.51 21.15
C LEU C 117 10.57 -47.03 21.20
N ASP C 118 10.20 -47.66 20.09
CA ASP C 118 10.10 -49.12 19.99
C ASP C 118 11.40 -49.66 19.38
N GLY C 119 12.37 -49.90 20.23
CA GLY C 119 13.66 -50.44 19.86
C GLY C 119 14.57 -50.17 21.02
N SER C 120 14.24 -50.81 22.13
CA SER C 120 14.90 -50.63 23.42
C SER C 120 16.10 -51.55 23.59
N SER C 121 16.49 -52.25 22.52
CA SER C 121 17.65 -53.13 22.49
C SER C 121 18.53 -52.94 21.27
N ILE C 122 18.20 -51.98 20.39
CA ILE C 122 18.93 -51.81 19.14
C ILE C 122 19.27 -50.34 18.91
N VAL C 123 18.99 -49.49 19.91
CA VAL C 123 19.36 -48.08 19.79
C VAL C 123 20.87 -47.92 19.86
N ASP C 124 21.53 -48.70 20.72
CA ASP C 124 22.99 -48.68 20.81
C ASP C 124 23.65 -49.25 19.56
N THR C 125 22.96 -50.12 18.83
CA THR C 125 23.52 -50.77 17.64
C THR C 125 23.16 -50.04 16.35
N ASN C 126 22.72 -48.78 16.45
CA ASN C 126 22.33 -47.96 15.29
C ASN C 126 21.39 -48.72 14.34
N PHE C 127 20.50 -49.52 14.90
CA PHE C 127 19.45 -50.12 14.08
C PHE C 127 18.32 -49.12 13.89
N ALA C 128 17.44 -49.39 12.94
CA ALA C 128 16.28 -48.54 12.77
C ALA C 128 15.31 -48.79 13.92
N VAL C 129 14.81 -47.72 14.52
CA VAL C 129 13.84 -47.77 15.60
C VAL C 129 12.66 -46.88 15.23
N GLY C 130 11.67 -46.82 16.10
CA GLY C 130 10.48 -46.07 15.72
C GLY C 130 9.56 -45.77 16.89
N THR C 131 8.58 -44.92 16.58
CA THR C 131 7.51 -44.55 17.50
C THR C 131 6.19 -45.07 16.93
N ILE C 132 5.34 -45.62 17.78
CA ILE C 132 4.02 -46.09 17.38
C ILE C 132 2.98 -45.30 18.15
N PHE C 133 1.89 -44.97 17.49
CA PHE C 133 0.77 -44.32 18.18
C PHE C 133 -0.53 -44.70 17.50
N GLY C 134 -1.57 -44.86 18.31
CA GLY C 134 -2.92 -45.05 17.82
C GLY C 134 -3.83 -43.99 18.38
N VAL C 135 -4.82 -43.59 17.59
CA VAL C 135 -5.72 -42.51 17.94
C VAL C 135 -7.14 -43.04 18.03
N TRP C 136 -7.76 -42.90 19.20
CA TRP C 136 -9.12 -43.37 19.44
C TRP C 136 -10.04 -42.18 19.74
N PRO C 137 -11.26 -42.20 19.23
CA PRO C 137 -12.21 -41.13 19.58
C PRO C 137 -12.83 -41.37 20.95
N GLY C 138 -13.13 -40.28 21.63
CA GLY C 138 -13.89 -40.39 22.87
C GLY C 138 -13.18 -40.03 24.16
N ASP C 139 -13.44 -40.79 25.23
CA ASP C 139 -12.89 -40.46 26.53
C ASP C 139 -12.38 -41.69 27.28
N LYS C 140 -12.16 -42.80 26.56
CA LYS C 140 -11.76 -44.06 27.18
C LYS C 140 -10.59 -44.66 26.42
N LEU C 141 -9.64 -45.23 27.17
CA LEU C 141 -8.58 -46.05 26.61
C LEU C 141 -8.72 -47.51 27.02
N THR C 142 -9.80 -47.86 27.72
CA THR C 142 -10.12 -49.23 28.08
C THR C 142 -11.51 -49.56 27.55
N ASN C 143 -11.78 -50.86 27.42
CA ASN C 143 -13.03 -51.35 26.84
C ASN C 143 -13.23 -50.80 25.43
N ILE C 144 -12.16 -50.84 24.63
CA ILE C 144 -12.21 -50.43 23.24
C ILE C 144 -11.57 -51.53 22.41
N THR C 145 -11.67 -51.39 21.09
CA THR C 145 -11.03 -52.29 20.15
C THR C 145 -10.26 -51.47 19.13
N GLY C 146 -9.33 -52.13 18.44
CA GLY C 146 -8.52 -51.43 17.46
C GLY C 146 -9.29 -50.95 16.25
N ARG C 147 -10.48 -51.50 16.02
CA ARG C 147 -11.28 -51.06 14.89
C ARG C 147 -11.91 -49.71 15.13
N GLU C 148 -12.06 -49.31 16.39
CA GLU C 148 -12.61 -48.00 16.71
C GLU C 148 -11.61 -46.88 16.47
N GLN C 149 -10.39 -47.20 16.04
CA GLN C 149 -9.39 -46.17 15.81
C GLN C 149 -9.78 -45.31 14.63
N VAL C 150 -9.62 -43.99 14.78
CA VAL C 150 -9.85 -43.10 13.66
C VAL C 150 -8.57 -42.86 12.87
N ALA C 151 -7.41 -43.11 13.46
CA ALA C 151 -6.13 -42.95 12.79
C ALA C 151 -5.05 -43.63 13.61
N ALA C 152 -3.98 -44.04 12.93
CA ALA C 152 -2.82 -44.62 13.57
C ALA C 152 -1.60 -44.33 12.72
N GLY C 153 -0.44 -44.33 13.35
CA GLY C 153 0.76 -44.01 12.59
C GLY C 153 2.01 -44.42 13.32
N MET C 154 3.11 -44.42 12.59
CA MET C 154 4.41 -44.73 13.15
C MET C 154 5.47 -43.84 12.52
N GLY C 155 6.40 -43.36 13.35
CA GLY C 155 7.55 -42.63 12.86
C GLY C 155 8.75 -43.56 12.91
N ILE C 156 9.46 -43.63 11.79
CA ILE C 156 10.58 -44.55 11.62
C ILE C 156 11.87 -43.75 11.59
N TYR C 157 12.77 -44.05 12.53
CA TYR C 157 14.04 -43.35 12.65
C TYR C 157 15.14 -44.23 12.09
N GLY C 158 15.53 -43.99 10.84
CA GLY C 158 16.61 -44.71 10.22
C GLY C 158 17.55 -43.75 9.52
N PRO C 159 18.20 -44.23 8.45
CA PRO C 159 18.96 -43.29 7.60
C PRO C 159 18.10 -42.15 7.11
N ARG C 160 16.85 -42.43 6.77
CA ARG C 160 15.83 -41.43 6.52
C ARG C 160 14.90 -41.33 7.72
N THR C 161 14.08 -40.29 7.74
CA THR C 161 13.04 -40.13 8.74
C THR C 161 11.69 -40.22 8.04
N VAL C 162 10.88 -41.19 8.45
CA VAL C 162 9.64 -41.51 7.76
C VAL C 162 8.46 -41.38 8.72
N PHE C 163 7.37 -40.81 8.23
CA PHE C 163 6.11 -40.69 8.96
C PHE C 163 5.05 -41.49 8.20
N CYS C 164 4.69 -42.65 8.73
CA CYS C 164 3.76 -43.57 8.10
C CYS C 164 2.43 -43.57 8.84
N ILE C 165 1.35 -43.18 8.17
CA ILE C 165 0.05 -43.03 8.81
C ILE C 165 -1.06 -43.64 7.95
N ALA C 166 -2.20 -43.88 8.59
CA ALA C 166 -3.41 -44.29 7.90
C ALA C 166 -4.60 -43.79 8.71
N LEU C 167 -5.64 -43.32 8.02
CA LEU C 167 -6.83 -42.79 8.66
C LEU C 167 -8.04 -43.65 8.32
N LYS C 168 -8.95 -43.77 9.29
CA LYS C 168 -10.13 -44.59 9.08
C LYS C 168 -10.98 -44.06 7.95
N ASP C 169 -11.05 -42.73 7.81
CA ASP C 169 -11.89 -42.06 6.82
C ASP C 169 -11.20 -41.88 5.46
N ALA C 170 -10.14 -42.64 5.20
CA ALA C 170 -9.35 -42.48 3.98
C ALA C 170 -8.77 -43.83 3.59
N PRO C 171 -8.67 -44.13 2.31
CA PRO C 171 -8.15 -45.43 1.89
C PRO C 171 -6.64 -45.49 1.78
N GLY C 172 -6.04 -46.53 2.37
CA GLY C 172 -4.64 -46.83 2.14
C GLY C 172 -3.75 -46.43 3.31
N CYS C 173 -2.51 -46.90 3.21
CA CYS C 173 -1.46 -46.57 4.16
C CYS C 173 -0.42 -45.71 3.44
N HIS C 174 -0.08 -44.58 4.04
CA HIS C 174 0.68 -43.54 3.36
C HIS C 174 2.04 -43.30 4.00
N GLU C 175 3.04 -43.07 3.16
CA GLU C 175 4.42 -42.88 3.58
C GLU C 175 4.82 -41.43 3.35
N PHE C 176 5.40 -40.79 4.37
CA PHE C 176 5.86 -39.40 4.30
C PHE C 176 7.33 -39.32 4.67
N LEU C 177 8.10 -38.59 3.86
CA LEU C 177 9.54 -38.42 4.07
C LEU C 177 9.85 -37.04 4.61
N LEU C 178 10.72 -36.98 5.61
CA LEU C 178 11.14 -35.70 6.18
C LEU C 178 12.17 -35.07 5.27
N MET C 179 11.83 -33.91 4.70
CA MET C 179 12.68 -33.24 3.72
C MET C 179 13.66 -32.28 4.40
N ASP C 180 14.57 -31.74 3.58
CA ASP C 180 15.58 -30.81 4.09
C ASP C 180 14.96 -29.55 4.67
N ASP C 181 13.84 -29.09 4.12
CA ASP C 181 13.21 -27.87 4.60
C ASP C 181 12.45 -28.06 5.89
N GLY C 182 12.45 -29.27 6.46
CA GLY C 182 11.71 -29.54 7.67
C GLY C 182 10.26 -29.90 7.46
N LYS C 183 9.86 -30.19 6.23
CA LYS C 183 8.48 -30.50 5.89
C LYS C 183 8.37 -31.97 5.48
N TRP C 184 7.13 -32.46 5.48
CA TRP C 184 6.84 -33.84 5.13
C TRP C 184 6.24 -33.89 3.73
N MET C 185 6.69 -34.87 2.93
CA MET C 185 6.24 -35.01 1.56
C MET C 185 5.73 -36.43 1.33
N HIS C 186 4.55 -36.54 0.74
CA HIS C 186 4.01 -37.85 0.39
C HIS C 186 4.89 -38.53 -0.67
N VAL C 187 5.25 -39.79 -0.42
CA VAL C 187 6.13 -40.50 -1.33
C VAL C 187 5.58 -41.85 -1.78
N LYS C 188 4.64 -42.46 -1.05
CA LYS C 188 4.09 -43.73 -1.49
C LYS C 188 2.76 -43.98 -0.78
N GLU C 189 1.79 -44.46 -1.55
CA GLU C 189 0.52 -44.94 -1.01
C GLU C 189 0.43 -46.43 -1.27
N THR C 190 0.26 -47.21 -0.22
CA THR C 190 0.17 -48.66 -0.33
C THR C 190 -1.28 -49.11 -0.17
N THR C 191 -1.73 -49.96 -1.07
CA THR C 191 -3.11 -50.43 -1.06
C THR C 191 -3.23 -51.93 -1.30
N HIS C 192 -2.13 -52.63 -1.54
CA HIS C 192 -2.17 -54.07 -1.80
C HIS C 192 -0.91 -54.71 -1.29
N ILE C 193 -1.05 -55.74 -0.47
CA ILE C 193 0.06 -56.56 -0.02
C ILE C 193 -0.08 -57.93 -0.65
N GLY C 194 0.88 -58.30 -1.50
CA GLY C 194 0.82 -59.51 -2.28
C GLY C 194 1.64 -60.63 -1.69
N GLU C 195 1.97 -61.61 -2.52
CA GLU C 195 2.63 -62.82 -2.08
C GLU C 195 4.13 -62.73 -2.33
N GLY C 196 4.90 -63.36 -1.44
CA GLY C 196 6.34 -63.33 -1.54
C GLY C 196 6.94 -64.15 -0.42
N LYS C 197 8.24 -64.35 -0.51
CA LYS C 197 8.96 -65.21 0.42
C LYS C 197 9.86 -64.34 1.30
N MET C 198 9.30 -63.89 2.42
CA MET C 198 10.02 -63.10 3.41
C MET C 198 9.28 -63.20 4.72
N PHE C 199 10.00 -63.41 5.81
CA PHE C 199 9.35 -63.59 7.11
C PHE C 199 10.19 -62.94 8.20
N ALA C 200 9.51 -62.55 9.28
CA ALA C 200 10.13 -61.93 10.44
C ALA C 200 9.66 -62.71 11.66
N PRO C 201 10.43 -63.71 12.09
CA PRO C 201 9.95 -64.58 13.17
C PRO C 201 10.28 -64.06 14.56
N GLY C 202 9.35 -63.34 15.15
CA GLY C 202 9.53 -62.91 16.52
C GLY C 202 9.23 -64.04 17.49
N ASN C 203 9.81 -63.94 18.67
CA ASN C 203 9.73 -64.98 19.69
C ASN C 203 10.01 -66.35 19.10
N LEU C 204 11.19 -66.47 18.48
CA LEU C 204 11.59 -67.74 17.90
C LEU C 204 12.02 -68.74 18.96
N ARG C 205 12.01 -68.33 20.23
CA ARG C 205 12.30 -69.25 21.32
C ARG C 205 11.12 -70.17 21.60
N ALA C 206 9.96 -69.86 21.03
CA ALA C 206 8.75 -70.64 21.24
C ALA C 206 8.60 -71.76 20.23
N THR C 207 9.52 -71.85 19.24
CA THR C 207 9.55 -72.99 18.32
C THR C 207 10.00 -74.30 19.03
N PHE C 208 9.98 -74.29 20.37
CA PHE C 208 10.42 -75.39 21.21
C PHE C 208 9.28 -76.05 21.98
N ASP C 209 8.38 -75.25 22.55
CA ASP C 209 7.23 -75.73 23.28
C ASP C 209 5.93 -75.47 22.53
N ASN C 210 6.03 -75.03 21.28
CA ASN C 210 4.88 -74.88 20.40
C ASN C 210 5.15 -75.69 19.14
N PRO C 211 4.67 -76.95 19.07
CA PRO C 211 4.96 -77.76 17.87
C PRO C 211 4.32 -77.20 16.61
N ALA C 212 3.23 -76.44 16.73
CA ALA C 212 2.60 -75.85 15.55
C ALA C 212 3.45 -74.70 15.01
N TYR C 213 3.98 -73.86 15.89
CA TYR C 213 4.87 -72.79 15.47
C TYR C 213 6.10 -73.36 14.77
N GLU C 214 6.62 -74.47 15.28
CA GLU C 214 7.77 -75.13 14.65
C GLU C 214 7.45 -75.54 13.22
N ARG C 215 6.31 -76.21 13.02
CA ARG C 215 5.93 -76.65 11.68
C ARG C 215 5.82 -75.46 10.72
N LEU C 216 5.36 -74.31 11.22
CA LEU C 216 5.26 -73.13 10.38
C LEU C 216 6.63 -72.60 9.98
N ILE C 217 7.51 -72.39 10.96
CA ILE C 217 8.86 -71.88 10.67
C ILE C 217 9.59 -72.82 9.71
N ASN C 218 9.42 -74.13 9.88
CA ASN C 218 10.09 -75.07 8.98
C ASN C 218 9.54 -74.98 7.57
N PHE C 219 8.26 -74.61 7.41
CA PHE C 219 7.75 -74.35 6.06
C PHE C 219 8.45 -73.14 5.45
N TYR C 220 8.53 -72.04 6.21
CA TYR C 220 9.23 -70.86 5.73
C TYR C 220 10.67 -71.20 5.35
N LEU C 221 11.38 -71.90 6.25
CA LEU C 221 12.75 -72.31 5.98
C LEU C 221 12.84 -73.32 4.86
N GLY C 222 11.78 -74.08 4.60
CA GLY C 222 11.84 -75.12 3.60
C GLY C 222 11.53 -74.61 2.21
N GLU C 223 10.87 -73.46 2.12
CA GLU C 223 10.62 -72.83 0.84
C GLU C 223 11.59 -71.68 0.60
N LYS C 224 12.64 -71.58 1.40
CA LYS C 224 13.71 -70.59 1.25
C LYS C 224 13.17 -69.16 1.30
N TYR C 225 12.45 -68.88 2.38
CA TYR C 225 11.96 -67.53 2.66
C TYR C 225 13.13 -66.70 3.20
N THR C 226 13.24 -65.47 2.72
CA THR C 226 14.29 -64.57 3.18
C THR C 226 13.96 -64.03 4.57
N LEU C 227 14.97 -64.00 5.43
CA LEU C 227 14.77 -63.65 6.84
C LEU C 227 15.13 -62.18 7.05
N ARG C 228 14.26 -61.45 7.75
CA ARG C 228 14.46 -60.03 8.05
C ARG C 228 13.83 -59.77 9.43
N TYR C 229 14.65 -59.89 10.47
CA TYR C 229 14.20 -59.64 11.85
C TYR C 229 15.23 -58.77 12.56
N THR C 230 14.81 -57.57 12.99
CA THR C 230 15.71 -56.62 13.63
C THR C 230 15.52 -56.51 15.14
N GLY C 231 14.40 -56.98 15.69
CA GLY C 231 14.11 -56.89 17.09
C GLY C 231 13.20 -55.74 17.47
N GLY C 232 13.19 -54.70 16.65
CA GLY C 232 12.26 -53.59 16.80
C GLY C 232 11.06 -53.80 15.90
N MET C 233 9.87 -53.59 16.45
CA MET C 233 8.65 -53.90 15.72
C MET C 233 8.43 -52.96 14.55
N VAL C 234 8.70 -51.67 14.74
CA VAL C 234 8.44 -50.65 13.73
C VAL C 234 9.08 -51.01 12.40
N PRO C 235 10.40 -51.26 12.32
CA PRO C 235 10.97 -51.61 11.02
C PRO C 235 10.57 -52.99 10.53
N ASP C 236 10.28 -53.93 11.45
CA ASP C 236 9.97 -55.30 11.03
C ASP C 236 8.61 -55.39 10.36
N VAL C 237 7.69 -54.48 10.67
CA VAL C 237 6.36 -54.49 10.08
C VAL C 237 6.33 -53.51 8.91
N PHE C 238 7.10 -52.42 9.03
CA PHE C 238 7.16 -51.43 7.96
C PHE C 238 7.69 -52.02 6.66
N GLN C 239 8.58 -53.02 6.75
CA GLN C 239 9.12 -53.61 5.54
C GLN C 239 8.06 -54.39 4.76
N ILE C 240 7.04 -54.90 5.47
CA ILE C 240 5.95 -55.58 4.78
C ILE C 240 5.15 -54.58 3.95
N ILE C 241 4.94 -53.38 4.48
CA ILE C 241 4.18 -52.38 3.75
C ILE C 241 4.97 -51.82 2.57
N VAL C 242 6.30 -51.71 2.71
CA VAL C 242 7.10 -51.15 1.63
C VAL C 242 7.29 -52.17 0.50
N LYS C 243 7.69 -53.39 0.85
CA LYS C 243 7.89 -54.44 -0.14
C LYS C 243 6.59 -55.02 -0.67
N GLU C 244 5.46 -54.77 0.01
CA GLU C 244 4.17 -55.36 -0.35
C GLU C 244 4.25 -56.88 -0.34
N LYS C 245 5.01 -57.41 0.62
CA LYS C 245 5.27 -58.83 0.80
C LYS C 245 5.71 -59.02 2.25
N GLY C 246 5.52 -60.23 2.76
CA GLY C 246 6.16 -60.61 4.00
C GLY C 246 5.17 -61.10 5.04
N VAL C 247 5.74 -61.68 6.10
CA VAL C 247 5.01 -62.16 7.26
C VAL C 247 5.75 -61.70 8.50
N PHE C 248 4.99 -61.28 9.51
CA PHE C 248 5.53 -61.02 10.83
C PHE C 248 4.80 -61.91 11.81
N THR C 249 5.53 -62.57 12.70
CA THR C 249 4.95 -63.50 13.65
C THR C 249 5.52 -63.25 15.04
N ASN C 250 4.64 -63.31 16.04
CA ASN C 250 5.07 -63.29 17.44
C ASN C 250 4.11 -64.20 18.19
N VAL C 251 4.61 -65.34 18.65
CA VAL C 251 3.77 -66.41 19.18
C VAL C 251 4.21 -66.74 20.60
N THR C 252 3.24 -66.80 21.51
CA THR C 252 3.55 -67.16 22.89
C THR C 252 3.60 -68.69 23.04
N SER C 253 4.07 -69.13 24.20
CA SER C 253 4.21 -70.55 24.49
C SER C 253 4.02 -70.73 25.99
N PRO C 254 3.89 -71.98 26.45
CA PRO C 254 3.80 -72.19 27.91
C PRO C 254 4.92 -71.56 28.71
N THR C 255 6.17 -71.70 28.25
CA THR C 255 7.34 -71.17 28.95
C THR C 255 7.78 -69.81 28.42
N THR C 256 7.27 -69.37 27.27
CA THR C 256 7.63 -68.08 26.70
C THR C 256 6.46 -67.13 26.87
N LYS C 257 6.74 -65.94 27.42
CA LYS C 257 5.69 -64.99 27.71
C LYS C 257 5.55 -63.94 26.61
N ALA C 258 4.34 -63.41 26.49
CA ALA C 258 4.04 -62.38 25.52
C ALA C 258 4.53 -61.03 26.03
N LYS C 259 5.15 -60.25 25.14
CA LYS C 259 5.68 -58.95 25.50
C LYS C 259 5.04 -57.82 24.72
N LEU C 260 4.31 -58.11 23.65
CA LEU C 260 3.67 -57.08 22.85
C LEU C 260 2.37 -56.63 23.50
N ARG C 261 2.03 -55.35 23.31
CA ARG C 261 0.82 -54.75 23.83
C ARG C 261 -0.13 -54.41 22.69
N ILE C 262 -1.44 -54.58 22.94
CA ILE C 262 -2.40 -54.27 21.89
C ILE C 262 -2.55 -52.76 21.76
N LEU C 263 -2.65 -52.07 22.89
CA LEU C 263 -2.93 -50.64 22.87
C LEU C 263 -1.79 -49.86 22.26
N PHE C 264 -0.57 -50.09 22.73
CA PHE C 264 0.57 -49.26 22.33
C PHE C 264 1.21 -49.72 21.02
N GLU C 265 1.09 -50.98 20.65
CA GLU C 265 1.85 -51.50 19.52
C GLU C 265 1.00 -52.24 18.50
N VAL C 266 0.30 -53.27 18.93
CA VAL C 266 -0.27 -54.24 17.98
C VAL C 266 -1.50 -53.66 17.28
N ALA C 267 -2.46 -53.11 18.03
CA ALA C 267 -3.66 -52.58 17.40
C ALA C 267 -3.37 -51.41 16.48
N PRO C 268 -2.58 -50.39 16.86
CA PRO C 268 -2.29 -49.33 15.89
C PRO C 268 -1.63 -49.83 14.62
N LEU C 269 -0.66 -50.74 14.72
CA LEU C 269 -0.01 -51.27 13.53
C LEU C 269 -0.97 -52.12 12.70
N ALA C 270 -1.97 -52.72 13.32
CA ALA C 270 -2.94 -53.52 12.57
C ALA C 270 -3.72 -52.65 11.61
N LEU C 271 -4.06 -51.42 12.02
CA LEU C 271 -4.75 -50.51 11.11
C LEU C 271 -3.85 -50.14 9.92
N LEU C 272 -2.58 -49.84 10.18
CA LEU C 272 -1.66 -49.53 9.09
C LEU C 272 -1.50 -50.71 8.13
N ILE C 273 -1.55 -51.93 8.64
CA ILE C 273 -1.37 -53.10 7.78
C ILE C 273 -2.66 -53.42 7.02
N GLU C 274 -3.79 -53.41 7.70
CA GLU C 274 -5.04 -53.79 7.04
C GLU C 274 -5.51 -52.70 6.08
N LYS C 275 -5.29 -51.43 6.42
CA LYS C 275 -5.61 -50.37 5.46
C LYS C 275 -4.71 -50.42 4.24
N ALA C 276 -3.62 -51.19 4.27
CA ALA C 276 -2.70 -51.30 3.15
C ALA C 276 -2.91 -52.56 2.33
N GLY C 277 -3.96 -53.33 2.61
CA GLY C 277 -4.27 -54.51 1.83
C GLY C 277 -3.83 -55.81 2.47
N GLY C 278 -3.51 -55.80 3.75
CA GLY C 278 -3.06 -56.97 4.46
C GLY C 278 -4.08 -57.47 5.45
N ALA C 279 -3.63 -58.37 6.32
CA ALA C 279 -4.50 -58.94 7.33
C ALA C 279 -3.68 -59.19 8.59
N SER C 280 -4.39 -59.37 9.71
CA SER C 280 -3.74 -59.63 10.98
C SER C 280 -4.48 -60.76 11.69
N SER C 281 -3.78 -61.48 12.56
CA SER C 281 -4.40 -62.55 13.39
C SER C 281 -3.83 -62.37 14.79
N CYS C 282 -4.69 -62.16 15.81
CA CYS C 282 -4.14 -61.80 17.14
C CYS C 282 -4.75 -62.59 18.31
N ASP C 283 -4.09 -62.56 19.46
CA ASP C 283 -4.56 -63.19 20.72
C ASP C 283 -4.75 -64.70 20.56
N GLY C 284 -4.38 -65.26 19.43
CA GLY C 284 -4.66 -66.70 19.28
C GLY C 284 -6.14 -66.93 19.17
N LYS C 285 -6.87 -65.96 18.60
CA LYS C 285 -8.32 -66.08 18.40
C LYS C 285 -8.59 -65.96 16.90
N ALA C 286 -7.54 -66.09 16.09
CA ALA C 286 -7.67 -66.09 14.63
C ALA C 286 -8.62 -65.00 14.13
N VAL C 287 -8.62 -63.85 14.82
CA VAL C 287 -9.38 -62.69 14.40
C VAL C 287 -8.40 -61.55 14.19
N SER C 288 -8.90 -60.45 13.64
CA SER C 288 -8.06 -59.28 13.45
C SER C 288 -7.74 -58.62 14.80
N ALA C 289 -6.60 -57.94 14.85
CA ALA C 289 -6.25 -57.21 16.05
C ALA C 289 -7.17 -56.02 16.28
N LEU C 290 -7.88 -55.58 15.24
CA LEU C 290 -8.85 -54.51 15.38
C LEU C 290 -10.11 -54.97 16.10
N ASP C 291 -10.26 -56.28 16.33
CA ASP C 291 -11.44 -56.84 16.97
C ASP C 291 -11.11 -57.46 18.32
N ILE C 292 -9.92 -57.25 18.84
CA ILE C 292 -9.50 -57.81 20.12
C ILE C 292 -9.84 -56.80 21.22
N PRO C 293 -10.66 -57.19 22.20
CA PRO C 293 -11.00 -56.25 23.29
C PRO C 293 -9.78 -55.85 24.10
N ILE C 294 -9.64 -54.56 24.33
CA ILE C 294 -8.57 -54.00 25.15
C ILE C 294 -9.20 -53.66 26.50
N LEU C 295 -8.95 -54.49 27.52
CA LEU C 295 -9.58 -54.29 28.81
C LEU C 295 -8.69 -53.50 29.77
N VAL C 296 -7.38 -53.70 29.71
CA VAL C 296 -6.42 -52.93 30.48
C VAL C 296 -5.38 -52.36 29.53
N CYS C 297 -4.76 -51.25 29.93
CA CYS C 297 -3.84 -50.58 29.03
C CYS C 297 -2.58 -51.40 28.80
N ASP C 298 -2.08 -52.07 29.83
CA ASP C 298 -0.88 -52.89 29.70
C ASP C 298 -1.20 -54.30 29.23
N GLN C 299 -2.32 -54.49 28.53
CA GLN C 299 -2.70 -55.81 28.07
C GLN C 299 -1.71 -56.33 27.04
N ARG C 300 -1.36 -57.60 27.17
CA ARG C 300 -0.41 -58.26 26.28
C ARG C 300 -1.17 -59.08 25.24
N THR C 301 -0.47 -59.43 24.16
CA THR C 301 -1.08 -60.19 23.08
C THR C 301 0.02 -60.71 22.16
N GLN C 302 -0.40 -61.47 21.16
CA GLN C 302 0.44 -61.98 20.10
C GLN C 302 -0.24 -61.62 18.78
N ILE C 303 0.49 -61.70 17.67
CA ILE C 303 0.00 -61.16 16.41
C ILE C 303 0.71 -61.83 15.25
N CYS C 304 0.06 -61.78 14.09
CA CYS C 304 0.67 -62.10 12.81
C CYS C 304 0.23 -61.04 11.82
N TYR C 305 1.18 -60.45 11.10
CA TYR C 305 0.90 -59.44 10.10
C TYR C 305 1.38 -59.98 8.76
N GLY C 306 0.63 -59.72 7.70
CA GLY C 306 1.08 -60.13 6.39
C GLY C 306 -0.04 -60.04 5.37
N SER C 307 0.27 -60.53 4.17
CA SER C 307 -0.70 -60.64 3.10
C SER C 307 -1.83 -61.58 3.50
N ILE C 308 -2.96 -61.45 2.79
CA ILE C 308 -4.12 -62.29 3.08
C ILE C 308 -3.74 -63.76 2.96
N GLY C 309 -2.95 -64.11 1.94
CA GLY C 309 -2.54 -65.49 1.75
C GLY C 309 -1.70 -66.02 2.91
N GLU C 310 -0.76 -65.22 3.40
CA GLU C 310 0.14 -65.68 4.44
C GLU C 310 -0.51 -65.70 5.82
N VAL C 311 -1.53 -64.87 6.05
CA VAL C 311 -2.26 -64.95 7.32
C VAL C 311 -3.16 -66.17 7.33
N ARG C 312 -3.73 -66.53 6.18
CA ARG C 312 -4.47 -67.77 6.06
C ARG C 312 -3.58 -68.97 6.41
N ARG C 313 -2.38 -69.01 5.85
CA ARG C 313 -1.45 -70.10 6.15
C ARG C 313 -1.05 -70.11 7.61
N PHE C 314 -0.95 -68.93 8.22
CA PHE C 314 -0.62 -68.86 9.65
C PHE C 314 -1.68 -69.57 10.48
N GLU C 315 -2.95 -69.26 10.21
CA GLU C 315 -4.04 -69.85 10.99
C GLU C 315 -4.21 -71.34 10.70
N GLU C 316 -3.97 -71.76 9.46
CA GLU C 316 -4.07 -73.18 9.12
C GLU C 316 -3.02 -74.00 9.86
N TYR C 317 -1.79 -73.47 9.96
CA TYR C 317 -0.73 -74.21 10.64
C TYR C 317 -0.91 -74.17 12.16
N MET C 318 -1.38 -73.04 12.69
CA MET C 318 -1.46 -72.86 14.14
C MET C 318 -2.76 -73.40 14.73
N TYR C 319 -3.87 -73.34 13.98
CA TYR C 319 -5.18 -73.68 14.52
C TYR C 319 -5.90 -74.78 13.75
N GLY C 320 -5.49 -75.09 12.53
CA GLY C 320 -6.18 -76.12 11.76
C GLY C 320 -6.87 -75.57 10.52
N THR C 321 -7.54 -74.43 10.65
CA THR C 321 -8.23 -73.82 9.53
C THR C 321 -8.36 -72.32 9.76
N SER C 322 -8.54 -71.59 8.67
CA SER C 322 -8.76 -70.15 8.73
C SER C 322 -10.24 -69.86 8.55
N PRO C 323 -10.97 -69.51 9.61
CA PRO C 323 -12.40 -69.21 9.46
C PRO C 323 -12.70 -68.14 8.41
N ARG C 324 -11.81 -67.18 8.24
CA ARG C 324 -12.05 -66.08 7.31
C ARG C 324 -11.58 -66.36 5.90
N PHE C 325 -10.49 -67.12 5.74
CA PHE C 325 -9.83 -67.21 4.44
C PHE C 325 -9.73 -68.62 3.89
N SER C 326 -9.94 -69.65 4.69
CA SER C 326 -9.90 -71.03 4.20
C SER C 326 -11.15 -71.35 3.40
N GLU C 327 -10.98 -72.18 2.37
CA GLU C 327 -12.08 -72.54 1.48
C GLU C 327 -13.11 -73.43 2.17
N GLY D 18 -25.18 22.43 -1.65
CA GLY D 18 -26.06 22.41 -2.79
C GLY D 18 -26.78 23.74 -3.06
N ASP D 19 -28.05 23.65 -3.45
CA ASP D 19 -28.86 24.81 -3.84
C ASP D 19 -30.05 24.96 -2.89
N SER D 20 -30.74 26.09 -3.03
CA SER D 20 -31.71 26.52 -2.04
C SER D 20 -33.05 25.79 -2.20
N LEU D 21 -33.91 26.02 -1.21
CA LEU D 21 -35.26 25.44 -1.20
C LEU D 21 -36.15 26.13 -2.22
N ALA D 22 -36.08 27.45 -2.31
CA ALA D 22 -36.89 28.17 -3.29
C ALA D 22 -36.58 27.70 -4.70
N GLU D 23 -35.30 27.46 -4.99
CA GLU D 23 -34.91 26.95 -6.30
C GLU D 23 -35.36 25.51 -6.49
N PHE D 24 -35.33 24.72 -5.42
CA PHE D 24 -35.82 23.34 -5.53
C PHE D 24 -37.31 23.35 -5.82
N LEU D 25 -38.06 24.23 -5.15
CA LEU D 25 -39.51 24.24 -5.30
C LEU D 25 -39.95 24.67 -6.69
N VAL D 26 -39.20 25.58 -7.33
CA VAL D 26 -39.57 26.06 -8.65
C VAL D 26 -39.48 24.93 -9.66
N GLU D 27 -38.67 23.90 -9.39
CA GLU D 27 -38.54 22.76 -10.27
C GLU D 27 -39.34 21.55 -9.82
N ALA D 28 -39.66 21.45 -8.52
CA ALA D 28 -40.40 20.30 -8.01
C ALA D 28 -41.86 20.36 -8.44
N THR D 29 -42.52 21.49 -8.22
CA THR D 29 -43.93 21.60 -8.55
C THR D 29 -44.19 22.84 -9.40
N PRO D 30 -45.13 22.77 -10.34
CA PRO D 30 -45.49 23.95 -11.12
C PRO D 30 -46.52 24.86 -10.46
N ASP D 31 -47.06 24.49 -9.29
CA ASP D 31 -48.06 25.31 -8.62
C ASP D 31 -47.36 26.34 -7.74
N PRO D 32 -47.43 27.63 -8.07
CA PRO D 32 -46.74 28.62 -7.23
C PRO D 32 -47.35 28.76 -5.84
N LYS D 33 -48.63 28.45 -5.67
CA LYS D 33 -49.22 28.50 -4.34
C LYS D 33 -48.60 27.45 -3.41
N LEU D 34 -48.40 26.23 -3.91
CA LEU D 34 -47.75 25.20 -3.10
C LEU D 34 -46.35 25.62 -2.69
N ARG D 35 -45.63 26.31 -3.57
CA ARG D 35 -44.30 26.76 -3.23
C ARG D 35 -44.33 27.77 -2.08
N GLN D 36 -45.29 28.70 -2.11
CA GLN D 36 -45.43 29.65 -1.02
C GLN D 36 -45.73 28.94 0.29
N LEU D 37 -46.53 27.88 0.24
CA LEU D 37 -46.88 27.15 1.45
C LEU D 37 -45.65 26.47 2.05
N MET D 38 -44.86 25.80 1.21
CA MET D 38 -43.64 25.15 1.69
C MET D 38 -42.68 26.17 2.29
N MET D 39 -42.62 27.37 1.69
CA MET D 39 -41.78 28.43 2.24
C MET D 39 -42.29 28.87 3.61
N SER D 40 -43.60 28.92 3.79
CA SER D 40 -44.14 29.33 5.08
C SER D 40 -43.90 28.26 6.14
N MET D 41 -43.98 26.99 5.74
CA MET D 41 -43.68 25.90 6.66
C MET D 41 -42.20 25.85 7.01
N ALA D 42 -41.32 26.15 6.04
CA ALA D 42 -39.89 26.16 6.32
C ALA D 42 -39.51 27.33 7.21
N GLU D 43 -40.17 28.48 7.07
CA GLU D 43 -39.89 29.61 7.94
C GLU D 43 -40.41 29.34 9.35
N ALA D 44 -41.56 28.67 9.47
CA ALA D 44 -42.07 28.32 10.79
C ALA D 44 -41.18 27.29 11.47
N THR D 45 -40.63 26.34 10.70
CA THR D 45 -39.69 25.38 11.25
C THR D 45 -38.45 26.09 11.78
N ARG D 46 -38.01 27.15 11.09
CA ARG D 46 -36.85 27.90 11.55
C ARG D 46 -37.13 28.61 12.86
N THR D 47 -38.35 29.16 13.01
CA THR D 47 -38.68 29.89 14.22
C THR D 47 -38.85 28.95 15.41
N ILE D 48 -39.49 27.80 15.18
CA ILE D 48 -39.66 26.82 16.26
C ILE D 48 -38.30 26.30 16.73
N ALA D 49 -37.38 26.11 15.80
CA ALA D 49 -36.04 25.66 16.17
C ALA D 49 -35.37 26.63 17.11
N HIS D 50 -35.65 27.93 16.97
CA HIS D 50 -35.06 28.93 17.85
C HIS D 50 -35.73 28.92 19.22
N LYS D 51 -37.04 28.68 19.26
CA LYS D 51 -37.77 28.66 20.54
C LYS D 51 -37.37 27.46 21.38
N VAL D 52 -37.19 26.30 20.75
CA VAL D 52 -36.78 25.11 21.50
C VAL D 52 -35.35 25.29 22.02
N ARG D 53 -34.48 25.95 21.23
CA ARG D 53 -33.08 26.11 21.62
C ARG D 53 -32.96 26.84 22.96
N THR D 54 -33.78 27.85 23.16
CA THR D 54 -33.72 28.71 24.35
C THR D 54 -34.89 28.46 25.30
N ALA D 55 -35.43 27.25 25.32
CA ALA D 55 -36.58 26.97 26.19
C ALA D 55 -36.13 26.80 27.62
N SER D 56 -36.93 27.31 28.55
CA SER D 56 -36.61 27.27 29.97
C SER D 56 -37.47 26.18 30.61
N CYS D 57 -36.90 24.99 30.77
CA CYS D 57 -37.67 23.89 31.35
C CYS D 57 -37.47 23.89 32.86
N ALA D 58 -37.35 25.09 33.44
CA ALA D 58 -37.10 25.18 34.88
C ALA D 58 -38.29 24.65 35.67
N GLY D 59 -39.51 24.95 35.22
CA GLY D 59 -40.70 24.50 35.92
C GLY D 59 -41.06 23.05 35.62
N THR D 60 -42.36 22.76 35.56
CA THR D 60 -42.83 21.42 35.25
C THR D 60 -42.89 21.13 33.75
N ALA D 61 -42.87 22.18 32.92
CA ALA D 61 -42.83 21.99 31.47
C ALA D 61 -41.72 22.85 30.87
N CYS D 62 -41.71 23.01 29.56
CA CYS D 62 -40.72 23.84 28.87
C CYS D 62 -41.46 25.01 28.23
N VAL D 63 -41.03 26.24 28.56
CA VAL D 63 -41.78 27.44 28.21
C VAL D 63 -40.95 28.33 27.32
N ASN D 64 -41.64 29.18 26.55
CA ASN D 64 -41.03 30.24 25.75
C ASN D 64 -42.10 31.30 25.47
N SER D 65 -41.75 32.29 24.64
CA SER D 65 -42.60 33.45 24.39
C SER D 65 -43.15 33.42 22.97
N PHE D 66 -44.45 33.63 22.85
CA PHE D 66 -45.13 33.87 21.57
C PHE D 66 -45.86 35.21 21.72
N GLY D 67 -45.19 36.29 21.35
CA GLY D 67 -45.77 37.61 21.54
C GLY D 67 -45.76 38.00 23.02
N ASP D 68 -46.88 38.54 23.48
CA ASP D 68 -46.97 39.01 24.86
C ASP D 68 -47.15 37.84 25.84
N GLU D 69 -48.05 36.91 25.52
CA GLU D 69 -48.32 35.80 26.43
C GLU D 69 -47.16 34.81 26.43
N GLN D 70 -47.05 34.05 27.52
CA GLN D 70 -45.93 33.15 27.75
C GLN D 70 -46.47 31.73 27.94
N LEU D 71 -46.14 30.84 27.03
CA LEU D 71 -46.71 29.49 27.00
C LEU D 71 -45.64 28.41 26.97
N ALA D 72 -46.07 27.17 26.80
CA ALA D 72 -45.18 26.03 26.67
C ALA D 72 -44.72 25.88 25.22
N VAL D 73 -43.65 25.10 25.04
CA VAL D 73 -43.05 24.99 23.71
C VAL D 73 -44.00 24.35 22.72
N ASP D 74 -44.72 23.30 23.13
CA ASP D 74 -45.68 22.69 22.21
C ASP D 74 -46.81 23.65 21.87
N MET D 75 -47.04 24.65 22.72
CA MET D 75 -48.05 25.67 22.44
C MET D 75 -47.48 26.83 21.65
N VAL D 76 -46.20 27.16 21.86
CA VAL D 76 -45.56 28.17 21.04
C VAL D 76 -45.44 27.69 19.61
N ALA D 77 -45.12 26.41 19.41
CA ALA D 77 -45.07 25.84 18.07
C ALA D 77 -46.45 25.83 17.42
N ASP D 78 -47.48 25.48 18.20
CA ASP D 78 -48.85 25.45 17.69
C ASP D 78 -49.23 26.80 17.08
N LYS D 79 -49.05 27.88 17.84
CA LYS D 79 -49.47 29.19 17.38
C LYS D 79 -48.61 29.72 16.24
N LEU D 80 -47.34 29.30 16.17
CA LEU D 80 -46.47 29.75 15.09
C LEU D 80 -46.88 29.13 13.76
N LEU D 81 -47.29 27.86 13.76
CA LEU D 81 -47.70 27.22 12.53
C LEU D 81 -49.04 27.77 12.05
N PHE D 82 -49.98 27.98 12.96
CA PHE D 82 -51.25 28.60 12.59
C PHE D 82 -51.01 30.00 12.03
N GLU D 83 -50.11 30.75 12.66
CA GLU D 83 -49.77 32.09 12.17
C GLU D 83 -49.16 32.00 10.76
N ALA D 84 -48.24 31.05 10.55
CA ALA D 84 -47.60 30.93 9.24
C ALA D 84 -48.61 30.54 8.18
N LEU D 85 -49.58 29.69 8.53
CA LEU D 85 -50.61 29.30 7.56
C LEU D 85 -51.56 30.45 7.27
N LYS D 86 -51.89 31.25 8.28
CA LYS D 86 -52.78 32.38 8.07
C LYS D 86 -52.18 33.39 7.11
N TYR D 87 -50.92 33.76 7.34
CA TYR D 87 -50.26 34.81 6.57
C TYR D 87 -49.63 34.28 5.28
N SER D 88 -49.79 33.00 4.97
CA SER D 88 -49.40 32.49 3.67
C SER D 88 -50.46 32.77 2.61
N HIS D 89 -51.71 32.99 3.02
CA HIS D 89 -52.88 33.31 2.21
C HIS D 89 -53.29 32.17 1.28
N VAL D 90 -52.63 31.02 1.32
CA VAL D 90 -52.96 29.90 0.45
C VAL D 90 -53.47 28.70 1.26
N CYS D 91 -53.95 28.92 2.48
CA CYS D 91 -54.40 27.84 3.34
C CYS D 91 -55.88 28.01 3.65
N LYS D 92 -56.68 27.01 3.30
CA LYS D 92 -58.10 27.03 3.61
C LYS D 92 -58.38 26.49 5.00
N LEU D 93 -58.02 25.24 5.26
CA LEU D 93 -58.24 24.61 6.55
C LEU D 93 -56.91 24.23 7.19
N ALA D 94 -56.84 24.38 8.52
CA ALA D 94 -55.69 23.96 9.30
C ALA D 94 -56.16 23.16 10.50
N CYS D 95 -55.36 22.19 10.92
CA CYS D 95 -55.74 21.34 12.03
C CYS D 95 -54.51 20.93 12.81
N SER D 96 -54.60 21.05 14.14
CA SER D 96 -53.50 20.71 15.04
C SER D 96 -53.83 19.47 15.85
N GLU D 97 -52.79 18.74 16.23
CA GLU D 97 -52.98 17.56 17.08
C GLU D 97 -53.59 17.93 18.42
N GLU D 98 -53.31 19.14 18.92
CA GLU D 98 -53.78 19.55 20.24
C GLU D 98 -55.29 19.70 20.27
N VAL D 99 -55.85 20.40 19.29
CA VAL D 99 -57.30 20.52 19.16
C VAL D 99 -57.70 19.90 17.82
N PRO D 100 -58.01 18.60 17.78
CA PRO D 100 -58.24 17.93 16.49
C PRO D 100 -59.56 18.33 15.85
N GLU D 101 -59.78 19.64 15.74
CA GLU D 101 -60.96 20.19 15.08
C GLU D 101 -60.47 21.24 14.09
N PRO D 102 -60.74 21.06 12.79
CA PRO D 102 -60.23 22.01 11.79
C PRO D 102 -60.72 23.43 12.01
N VAL D 103 -59.96 24.37 11.46
CA VAL D 103 -60.23 25.81 11.59
C VAL D 103 -59.92 26.47 10.25
N ASP D 104 -60.69 27.50 9.91
CA ASP D 104 -60.55 28.20 8.65
C ASP D 104 -59.53 29.33 8.78
N MET D 105 -58.59 29.38 7.83
CA MET D 105 -57.49 30.32 7.86
C MET D 105 -57.66 31.47 6.88
N GLY D 106 -58.85 31.63 6.31
CA GLY D 106 -59.14 32.78 5.45
C GLY D 106 -58.49 32.78 4.10
N GLY D 107 -57.83 31.68 3.71
CA GLY D 107 -57.24 31.55 2.41
C GLY D 107 -57.94 30.52 1.55
N GLU D 108 -57.27 30.12 0.48
CA GLU D 108 -57.81 29.07 -0.38
C GLU D 108 -56.67 28.43 -1.15
N GLY D 109 -56.73 27.11 -1.27
CA GLY D 109 -55.69 26.38 -1.98
C GLY D 109 -55.40 25.01 -1.38
N PHE D 110 -55.02 24.98 -0.10
CA PHE D 110 -54.59 23.76 0.55
C PHE D 110 -55.16 23.67 1.95
N CYS D 111 -55.20 22.44 2.46
CA CYS D 111 -55.55 22.15 3.85
C CYS D 111 -54.36 21.44 4.48
N VAL D 112 -53.91 21.95 5.62
CA VAL D 112 -52.69 21.48 6.27
C VAL D 112 -53.05 20.96 7.65
N ALA D 113 -52.61 19.74 7.96
CA ALA D 113 -52.72 19.16 9.29
C ALA D 113 -51.31 18.88 9.79
N PHE D 114 -51.08 19.15 11.07
CA PHE D 114 -49.72 19.09 11.59
C PHE D 114 -49.71 18.68 13.05
N ASP D 115 -48.60 18.05 13.45
CA ASP D 115 -48.26 17.84 14.85
C ASP D 115 -47.23 18.90 15.22
N PRO D 116 -47.56 19.89 16.05
CA PRO D 116 -46.63 21.01 16.26
C PRO D 116 -45.29 20.60 16.85
N LEU D 117 -45.30 19.78 17.89
CA LEU D 117 -44.06 19.32 18.51
C LEU D 117 -44.24 17.88 18.96
N ASP D 118 -43.58 16.95 18.26
CA ASP D 118 -43.67 15.52 18.50
C ASP D 118 -42.51 15.10 19.41
N GLY D 119 -42.80 14.92 20.69
CA GLY D 119 -41.76 14.51 21.60
C GLY D 119 -41.65 15.40 22.82
N SER D 120 -42.77 16.00 23.24
CA SER D 120 -42.73 16.87 24.41
C SER D 120 -42.27 16.13 25.65
N SER D 121 -42.27 14.80 25.62
CA SER D 121 -41.84 13.96 26.73
C SER D 121 -40.34 13.75 26.76
N ILE D 122 -39.59 14.38 25.84
CA ILE D 122 -38.14 14.22 25.76
C ILE D 122 -37.48 15.58 25.53
N VAL D 123 -38.25 16.67 25.62
CA VAL D 123 -37.67 17.99 25.42
C VAL D 123 -36.75 18.38 26.57
N ASP D 124 -37.12 18.04 27.81
CA ASP D 124 -36.25 18.37 28.93
C ASP D 124 -34.95 17.59 28.91
N THR D 125 -34.92 16.43 28.23
CA THR D 125 -33.75 15.58 28.15
C THR D 125 -32.88 15.86 26.93
N ASN D 126 -33.08 17.03 26.30
CA ASN D 126 -32.35 17.45 25.10
C ASN D 126 -32.26 16.36 24.03
N PHE D 127 -33.32 15.57 23.89
CA PHE D 127 -33.35 14.65 22.77
C PHE D 127 -33.84 15.39 21.53
N ALA D 128 -33.64 14.78 20.37
CA ALA D 128 -34.15 15.35 19.14
C ALA D 128 -35.67 15.23 19.08
N VAL D 129 -36.33 16.32 18.70
CA VAL D 129 -37.78 16.38 18.55
C VAL D 129 -38.09 16.89 17.15
N GLY D 130 -39.39 17.01 16.85
CA GLY D 130 -39.74 17.40 15.50
C GLY D 130 -41.18 17.81 15.33
N THR D 131 -41.45 18.37 14.15
CA THR D 131 -42.77 18.75 13.70
C THR D 131 -43.15 17.93 12.48
N ILE D 132 -44.40 17.48 12.41
CA ILE D 132 -44.91 16.75 11.26
C ILE D 132 -46.06 17.54 10.68
N PHE D 133 -46.14 17.60 9.35
CA PHE D 133 -47.27 18.22 8.69
C PHE D 133 -47.49 17.56 7.33
N GLY D 134 -48.76 17.43 6.94
CA GLY D 134 -49.12 16.97 5.62
C GLY D 134 -50.02 18.00 4.94
N VAL D 135 -49.87 18.11 3.63
CA VAL D 135 -50.58 19.12 2.84
C VAL D 135 -51.50 18.43 1.86
N TRP D 136 -52.80 18.74 1.93
CA TRP D 136 -53.84 18.16 1.11
C TRP D 136 -54.48 19.23 0.22
N PRO D 137 -54.85 18.88 -1.01
CA PRO D 137 -55.56 19.83 -1.86
C PRO D 137 -57.03 19.89 -1.51
N GLY D 138 -57.62 21.07 -1.68
CA GLY D 138 -59.06 21.18 -1.56
C GLY D 138 -59.56 21.96 -0.37
N ASP D 139 -60.66 21.48 0.21
CA ASP D 139 -61.34 22.22 1.28
C ASP D 139 -61.81 21.32 2.42
N LYS D 140 -61.38 20.07 2.50
CA LYS D 140 -61.77 19.19 3.59
C LYS D 140 -60.55 18.41 4.07
N LEU D 141 -60.48 18.19 5.38
CA LEU D 141 -59.45 17.35 5.99
C LEU D 141 -60.01 16.02 6.46
N THR D 142 -61.26 15.72 6.13
CA THR D 142 -61.90 14.45 6.40
C THR D 142 -62.36 13.84 5.08
N ASN D 143 -62.59 12.53 5.09
CA ASN D 143 -62.92 11.80 3.86
C ASN D 143 -61.82 11.99 2.81
N ILE D 144 -60.58 11.84 3.25
CA ILE D 144 -59.43 11.89 2.38
C ILE D 144 -58.56 10.66 2.64
N THR D 145 -57.54 10.50 1.83
CA THR D 145 -56.55 9.45 2.01
C THR D 145 -55.16 10.07 1.95
N GLY D 146 -54.18 9.34 2.48
CA GLY D 146 -52.83 9.86 2.49
C GLY D 146 -52.21 9.97 1.11
N ARG D 147 -52.74 9.25 0.13
CA ARG D 147 -52.21 9.32 -1.22
C ARG D 147 -52.63 10.60 -1.94
N GLU D 148 -53.70 11.24 -1.48
CA GLU D 148 -54.16 12.49 -2.06
C GLU D 148 -53.30 13.69 -1.67
N GLN D 149 -52.27 13.49 -0.84
CA GLN D 149 -51.43 14.59 -0.40
C GLN D 149 -50.64 15.17 -1.56
N VAL D 150 -50.54 16.50 -1.60
CA VAL D 150 -49.69 17.17 -2.58
C VAL D 150 -48.28 17.35 -2.06
N ALA D 151 -48.08 17.32 -0.75
CA ALA D 151 -46.76 17.43 -0.13
C ALA D 151 -46.88 17.07 1.32
N ALA D 152 -45.76 16.62 1.89
CA ALA D 152 -45.67 16.32 3.30
C ALA D 152 -44.24 16.56 3.74
N GLY D 153 -44.07 16.86 5.02
CA GLY D 153 -42.73 17.16 5.49
C GLY D 153 -42.64 17.09 6.99
N MET D 154 -41.39 17.08 7.47
CA MET D 154 -41.11 17.11 8.88
C MET D 154 -39.88 17.97 9.14
N GLY D 155 -39.95 18.78 10.19
CA GLY D 155 -38.81 19.56 10.64
C GLY D 155 -38.22 18.90 11.88
N ILE D 156 -36.91 18.66 11.84
CA ILE D 156 -36.21 17.91 12.87
C ILE D 156 -35.32 18.89 13.63
N TYR D 157 -35.55 18.99 14.93
CA TYR D 157 -34.81 19.90 15.81
C TYR D 157 -33.80 19.10 16.59
N GLY D 158 -32.54 19.15 16.15
CA GLY D 158 -31.45 18.52 16.86
C GLY D 158 -30.26 19.44 16.97
N PRO D 159 -29.05 18.88 17.00
CA PRO D 159 -27.85 19.73 16.89
C PRO D 159 -27.88 20.58 15.63
N ARG D 160 -28.37 20.02 14.53
CA ARG D 160 -28.68 20.75 13.31
C ARG D 160 -30.20 20.93 13.22
N THR D 161 -30.62 21.80 12.31
CA THR D 161 -32.05 21.98 12.02
C THR D 161 -32.30 21.54 10.59
N VAL D 162 -33.16 20.55 10.40
CA VAL D 162 -33.38 19.91 9.11
C VAL D 162 -34.84 20.04 8.71
N PHE D 163 -35.05 20.31 7.42
CA PHE D 163 -36.38 20.39 6.83
C PHE D 163 -36.46 19.27 5.80
N CYS D 164 -37.18 18.20 6.14
CA CYS D 164 -37.26 17.02 5.29
C CYS D 164 -38.65 16.96 4.68
N ILE D 165 -38.74 17.06 3.35
CA ILE D 165 -40.01 17.16 2.66
C ILE D 165 -40.01 16.26 1.43
N ALA D 166 -41.22 16.00 0.94
CA ALA D 166 -41.44 15.30 -0.32
C ALA D 166 -42.72 15.82 -0.93
N LEU D 167 -42.72 15.99 -2.25
CA LEU D 167 -43.87 16.51 -2.98
C LEU D 167 -44.39 15.46 -3.95
N LYS D 168 -45.72 15.46 -4.14
CA LYS D 168 -46.35 14.48 -5.01
C LYS D 168 -45.84 14.58 -6.45
N ASP D 169 -45.59 15.81 -6.91
CA ASP D 169 -45.18 16.06 -8.28
C ASP D 169 -43.67 15.98 -8.47
N ALA D 170 -42.96 15.34 -7.55
CA ALA D 170 -41.51 15.31 -7.63
C ALA D 170 -40.99 14.01 -7.06
N PRO D 171 -39.93 13.43 -7.64
CA PRO D 171 -39.44 12.13 -7.15
C PRO D 171 -38.47 12.29 -5.99
N GLY D 172 -38.70 11.52 -4.93
CA GLY D 172 -37.74 11.38 -3.85
C GLY D 172 -38.10 12.21 -2.63
N CYS D 173 -37.36 11.93 -1.56
CA CYS D 173 -37.48 12.65 -0.30
C CYS D 173 -36.23 13.49 -0.10
N HIS D 174 -36.42 14.77 0.19
CA HIS D 174 -35.34 15.74 0.14
C HIS D 174 -35.06 16.33 1.52
N GLU D 175 -33.77 16.50 1.81
CA GLU D 175 -33.27 16.99 3.09
C GLU D 175 -32.73 18.39 2.92
N PHE D 176 -33.12 19.30 3.81
CA PHE D 176 -32.64 20.67 3.79
C PHE D 176 -32.04 21.04 5.14
N LEU D 177 -30.87 21.66 5.10
CA LEU D 177 -30.14 22.05 6.30
C LEU D 177 -30.26 23.56 6.49
N LEU D 178 -30.51 23.98 7.73
CA LEU D 178 -30.62 25.40 8.04
C LEU D 178 -29.21 25.98 8.12
N MET D 179 -28.90 26.89 7.21
CA MET D 179 -27.56 27.44 7.12
C MET D 179 -27.41 28.68 8.01
N ASP D 180 -26.17 29.15 8.09
CA ASP D 180 -25.84 30.27 8.96
C ASP D 180 -26.59 31.55 8.59
N ASP D 181 -26.85 31.77 7.30
CA ASP D 181 -27.51 33.00 6.85
C ASP D 181 -29.02 33.00 7.08
N GLY D 182 -29.58 31.93 7.65
CA GLY D 182 -31.01 31.84 7.83
C GLY D 182 -31.75 31.24 6.65
N LYS D 183 -31.04 30.64 5.69
CA LYS D 183 -31.62 30.03 4.51
C LYS D 183 -31.44 28.51 4.57
N TRP D 184 -32.21 27.83 3.72
CA TRP D 184 -32.20 26.37 3.65
C TRP D 184 -31.44 25.91 2.42
N MET D 185 -30.61 24.87 2.59
CA MET D 185 -29.78 24.35 1.52
C MET D 185 -30.02 22.86 1.38
N HIS D 186 -30.21 22.41 0.13
CA HIS D 186 -30.35 20.99 -0.16
C HIS D 186 -29.06 20.25 0.18
N VAL D 187 -29.17 19.16 0.95
CA VAL D 187 -28.00 18.42 1.39
C VAL D 187 -28.08 16.93 1.11
N LYS D 188 -29.26 16.35 0.91
CA LYS D 188 -29.35 14.94 0.60
C LYS D 188 -30.70 14.64 -0.03
N GLU D 189 -30.67 13.84 -1.09
CA GLU D 189 -31.86 13.31 -1.72
C GLU D 189 -31.85 11.79 -1.56
N THR D 190 -32.90 11.25 -0.97
CA THR D 190 -33.02 9.81 -0.76
C THR D 190 -34.05 9.26 -1.74
N THR D 191 -33.69 8.15 -2.41
CA THR D 191 -34.59 7.51 -3.37
C THR D 191 -34.64 6.01 -3.23
N HIS D 192 -33.87 5.41 -2.32
CA HIS D 192 -33.85 3.97 -2.14
C HIS D 192 -33.55 3.65 -0.68
N ILE D 193 -34.40 2.84 -0.06
CA ILE D 193 -34.19 2.33 1.28
C ILE D 193 -33.94 0.84 1.18
N GLY D 194 -32.72 0.41 1.56
CA GLY D 194 -32.30 -0.96 1.37
C GLY D 194 -32.39 -1.78 2.64
N GLU D 195 -31.64 -2.87 2.66
CA GLU D 195 -31.73 -3.87 3.72
C GLU D 195 -30.64 -3.66 4.76
N GLY D 196 -30.97 -3.98 6.01
CA GLY D 196 -30.04 -3.83 7.10
C GLY D 196 -30.70 -4.26 8.39
N LYS D 197 -29.89 -4.32 9.44
CA LYS D 197 -30.34 -4.81 10.74
C LYS D 197 -30.38 -3.62 11.71
N MET D 198 -31.54 -2.97 11.77
CA MET D 198 -31.78 -1.87 12.69
C MET D 198 -33.28 -1.75 12.86
N PHE D 199 -33.74 -1.62 14.10
CA PHE D 199 -35.17 -1.65 14.37
C PHE D 199 -35.53 -0.66 15.47
N ALA D 200 -36.78 -0.21 15.43
CA ALA D 200 -37.33 0.70 16.43
C ALA D 200 -38.62 0.08 16.95
N PRO D 201 -38.57 -0.63 18.07
CA PRO D 201 -39.77 -1.34 18.56
C PRO D 201 -40.68 -0.47 19.41
N GLY D 202 -41.67 0.16 18.78
CA GLY D 202 -42.65 0.92 19.52
C GLY D 202 -43.71 0.03 20.13
N ASN D 203 -44.31 0.53 21.21
CA ASN D 203 -45.29 -0.20 22.01
C ASN D 203 -44.82 -1.63 22.28
N LEU D 204 -43.64 -1.72 22.92
CA LEU D 204 -43.08 -3.02 23.22
C LEU D 204 -43.81 -3.75 24.34
N ARG D 205 -44.81 -3.09 24.92
CA ARG D 205 -45.68 -3.70 25.92
C ARG D 205 -46.71 -4.62 25.29
N ALA D 206 -46.85 -4.60 23.97
CA ALA D 206 -47.83 -5.44 23.28
C ALA D 206 -47.27 -6.80 22.91
N THR D 207 -45.97 -7.01 23.17
CA THR D 207 -45.31 -8.30 23.02
C THR D 207 -45.77 -9.31 24.08
N PHE D 208 -46.90 -9.06 24.73
CA PHE D 208 -47.41 -9.95 25.77
C PHE D 208 -48.67 -10.67 25.33
N ASP D 209 -49.62 -9.94 24.76
CA ASP D 209 -50.90 -10.49 24.31
C ASP D 209 -51.00 -10.49 22.79
N ASN D 210 -49.91 -10.20 22.09
CA ASN D 210 -49.85 -10.30 20.63
C ASN D 210 -48.70 -11.26 20.35
N PRO D 211 -49.00 -12.55 20.18
CA PRO D 211 -47.92 -13.52 19.94
C PRO D 211 -47.17 -13.29 18.65
N ALA D 212 -47.80 -12.66 17.66
CA ALA D 212 -47.11 -12.38 16.41
C ALA D 212 -46.07 -11.28 16.59
N TYR D 213 -46.43 -10.22 17.32
CA TYR D 213 -45.46 -9.18 17.64
C TYR D 213 -44.31 -9.71 18.47
N GLU D 214 -44.62 -10.58 19.45
CA GLU D 214 -43.55 -11.18 20.24
C GLU D 214 -42.61 -12.00 19.37
N ARG D 215 -43.16 -12.89 18.53
CA ARG D 215 -42.31 -13.66 17.64
C ARG D 215 -41.51 -12.75 16.72
N LEU D 216 -42.09 -11.63 16.30
CA LEU D 216 -41.38 -10.70 15.44
C LEU D 216 -40.23 -10.02 16.18
N ILE D 217 -40.51 -9.48 17.37
CA ILE D 217 -39.46 -8.83 18.16
C ILE D 217 -38.34 -9.83 18.47
N ASN D 218 -38.70 -11.08 18.74
CA ASN D 218 -37.67 -12.09 19.01
C ASN D 218 -36.86 -12.40 17.76
N PHE D 219 -37.44 -12.27 16.58
CA PHE D 219 -36.64 -12.40 15.35
C PHE D 219 -35.61 -11.28 15.27
N TYR D 220 -36.05 -10.03 15.48
CA TYR D 220 -35.14 -8.90 15.47
C TYR D 220 -34.01 -9.11 16.47
N LEU D 221 -34.36 -9.47 17.72
CA LEU D 221 -33.34 -9.72 18.73
C LEU D 221 -32.50 -10.96 18.41
N GLY D 222 -33.04 -11.89 17.63
CA GLY D 222 -32.34 -13.13 17.36
C GLY D 222 -31.39 -13.03 16.19
N GLU D 223 -31.58 -12.03 15.34
CA GLU D 223 -30.68 -11.76 14.23
C GLU D 223 -29.69 -10.65 14.55
N LYS D 224 -29.60 -10.27 15.84
CA LYS D 224 -28.63 -9.28 16.32
C LYS D 224 -28.78 -7.94 15.60
N TYR D 225 -30.02 -7.44 15.61
CA TYR D 225 -30.32 -6.13 15.06
C TYR D 225 -29.88 -5.06 16.05
N THR D 226 -29.30 -3.98 15.55
CA THR D 226 -28.92 -2.88 16.42
C THR D 226 -30.17 -2.08 16.77
N LEU D 227 -30.27 -1.69 18.03
CA LEU D 227 -31.47 -1.06 18.58
C LEU D 227 -31.32 0.45 18.65
N ARG D 228 -32.33 1.16 18.13
CA ARG D 228 -32.35 2.64 18.16
C ARG D 228 -33.82 3.09 18.24
N TYR D 229 -34.28 3.30 19.47
CA TYR D 229 -35.63 3.79 19.75
C TYR D 229 -35.48 4.91 20.77
N THR D 230 -35.92 6.11 20.40
CA THR D 230 -35.80 7.28 21.25
C THR D 230 -37.12 7.70 21.87
N GLY D 231 -38.25 7.19 21.36
CA GLY D 231 -39.57 7.52 21.85
C GLY D 231 -40.30 8.56 21.02
N GLY D 232 -39.56 9.42 20.32
CA GLY D 232 -40.16 10.37 19.40
C GLY D 232 -40.13 9.81 17.99
N MET D 233 -41.27 9.91 17.31
CA MET D 233 -41.40 9.27 16.01
C MET D 233 -40.59 9.97 14.93
N VAL D 234 -40.54 11.30 14.98
CA VAL D 234 -39.83 12.08 13.96
C VAL D 234 -38.39 11.58 13.84
N PRO D 235 -37.58 11.54 14.90
CA PRO D 235 -36.21 11.02 14.73
C PRO D 235 -36.17 9.52 14.50
N ASP D 236 -37.14 8.77 15.01
CA ASP D 236 -37.12 7.32 14.85
C ASP D 236 -37.40 6.89 13.42
N VAL D 237 -38.12 7.70 12.65
CA VAL D 237 -38.44 7.38 11.27
C VAL D 237 -37.43 8.07 10.36
N PHE D 238 -36.98 9.26 10.76
CA PHE D 238 -35.99 9.98 9.97
C PHE D 238 -34.69 9.20 9.84
N GLN D 239 -34.34 8.40 10.85
CA GLN D 239 -33.12 7.61 10.77
C GLN D 239 -33.21 6.55 9.69
N ILE D 240 -34.42 6.08 9.39
CA ILE D 240 -34.59 5.14 8.28
C ILE D 240 -34.28 5.81 6.95
N ILE D 241 -34.68 7.06 6.80
CA ILE D 241 -34.43 7.78 5.55
C ILE D 241 -32.95 8.10 5.40
N VAL D 242 -32.27 8.40 6.51
CA VAL D 242 -30.86 8.78 6.43
C VAL D 242 -29.97 7.56 6.22
N LYS D 243 -30.15 6.54 7.04
CA LYS D 243 -29.36 5.32 6.95
C LYS D 243 -29.76 4.46 5.75
N GLU D 244 -30.91 4.71 5.13
CA GLU D 244 -31.42 3.88 4.05
C GLU D 244 -31.55 2.42 4.50
N LYS D 245 -31.96 2.26 5.76
CA LYS D 245 -32.11 0.98 6.43
C LYS D 245 -33.04 1.19 7.60
N GLY D 246 -33.68 0.12 8.04
CA GLY D 246 -34.35 0.13 9.34
C GLY D 246 -35.81 -0.26 9.24
N VAL D 247 -36.37 -0.50 10.42
CA VAL D 247 -37.78 -0.82 10.59
C VAL D 247 -38.30 -0.02 11.77
N PHE D 248 -39.49 0.53 11.64
CA PHE D 248 -40.23 1.12 12.75
C PHE D 248 -41.53 0.35 12.88
N THR D 249 -41.88 -0.02 14.11
CA THR D 249 -43.09 -0.80 14.36
C THR D 249 -43.85 -0.17 15.52
N ASN D 250 -45.16 -0.09 15.38
CA ASN D 250 -46.06 0.33 16.46
C ASN D 250 -47.33 -0.50 16.30
N VAL D 251 -47.54 -1.45 17.20
CA VAL D 251 -48.55 -2.48 17.04
C VAL D 251 -49.48 -2.45 18.25
N THR D 252 -50.79 -2.47 17.98
CA THR D 252 -51.78 -2.49 19.04
C THR D 252 -52.01 -3.91 19.54
N SER D 253 -52.72 -4.01 20.66
CA SER D 253 -52.97 -5.30 21.28
C SER D 253 -54.32 -5.21 22.00
N PRO D 254 -54.85 -6.34 22.47
CA PRO D 254 -56.08 -6.27 23.29
C PRO D 254 -55.94 -5.32 24.47
N THR D 255 -54.82 -5.36 25.18
CA THR D 255 -54.65 -4.50 26.35
C THR D 255 -53.91 -3.20 26.05
N THR D 256 -53.24 -3.10 24.90
CA THR D 256 -52.56 -1.87 24.49
C THR D 256 -53.29 -1.29 23.29
N LYS D 257 -53.76 -0.05 23.41
CA LYS D 257 -54.50 0.60 22.34
C LYS D 257 -53.61 1.56 21.57
N ALA D 258 -54.01 1.82 20.33
CA ALA D 258 -53.22 2.64 19.43
C ALA D 258 -53.31 4.12 19.81
N LYS D 259 -52.16 4.80 19.74
CA LYS D 259 -52.03 6.20 20.10
C LYS D 259 -51.55 7.09 18.97
N LEU D 260 -51.04 6.51 17.87
CA LEU D 260 -50.58 7.31 16.75
C LEU D 260 -51.78 7.79 15.93
N ARG D 261 -51.64 8.96 15.32
CA ARG D 261 -52.71 9.57 14.55
C ARG D 261 -52.33 9.56 13.07
N ILE D 262 -53.32 9.28 12.21
CA ILE D 262 -53.02 9.15 10.78
C ILE D 262 -52.82 10.51 10.15
N LEU D 263 -53.73 11.45 10.44
CA LEU D 263 -53.72 12.73 9.77
C LEU D 263 -52.47 13.54 10.14
N PHE D 264 -52.19 13.65 11.43
CA PHE D 264 -51.11 14.51 11.90
C PHE D 264 -49.74 13.84 11.84
N GLU D 265 -49.67 12.51 11.87
CA GLU D 265 -48.39 11.85 12.05
C GLU D 265 -48.12 10.75 11.03
N VAL D 266 -49.00 9.75 10.94
CA VAL D 266 -48.67 8.54 10.21
C VAL D 266 -48.74 8.74 8.71
N ALA D 267 -49.83 9.34 8.21
CA ALA D 267 -49.96 9.52 6.77
C ALA D 267 -48.90 10.43 6.17
N PRO D 268 -48.59 11.62 6.74
CA PRO D 268 -47.50 12.41 6.16
C PRO D 268 -46.18 11.67 6.16
N LEU D 269 -45.83 10.99 7.25
CA LEU D 269 -44.58 10.25 7.29
C LEU D 269 -44.60 9.10 6.31
N ALA D 270 -45.78 8.56 5.99
CA ALA D 270 -45.86 7.48 5.02
C ALA D 270 -45.47 7.98 3.63
N LEU D 271 -45.86 9.20 3.29
CA LEU D 271 -45.43 9.78 2.01
C LEU D 271 -43.92 9.99 2.00
N LEU D 272 -43.37 10.52 3.10
CA LEU D 272 -41.93 10.68 3.20
C LEU D 272 -41.21 9.34 3.12
N ILE D 273 -41.82 8.27 3.66
CA ILE D 273 -41.18 6.97 3.66
C ILE D 273 -41.33 6.28 2.31
N GLU D 274 -42.54 6.31 1.73
CA GLU D 274 -42.74 5.63 0.45
C GLU D 274 -42.03 6.38 -0.67
N LYS D 275 -42.05 7.71 -0.61
CA LYS D 275 -41.08 8.46 -1.39
C LYS D 275 -39.73 8.13 -0.77
N ALA D 276 -38.70 8.04 -1.61
CA ALA D 276 -37.33 7.66 -1.23
C ALA D 276 -37.15 6.14 -1.19
N GLY D 277 -38.12 5.35 -1.62
CA GLY D 277 -37.90 3.93 -1.79
C GLY D 277 -38.38 2.99 -0.70
N GLY D 278 -39.25 3.44 0.21
CA GLY D 278 -39.70 2.60 1.31
C GLY D 278 -41.12 2.10 1.14
N ALA D 279 -41.63 1.51 2.22
CA ALA D 279 -42.97 0.96 2.21
C ALA D 279 -43.58 1.13 3.60
N SER D 280 -44.90 1.04 3.66
CA SER D 280 -45.63 1.15 4.91
C SER D 280 -46.71 0.08 4.95
N SER D 281 -47.08 -0.31 6.17
CA SER D 281 -48.16 -1.26 6.42
C SER D 281 -49.00 -0.67 7.56
N CYS D 282 -50.12 -0.06 7.21
CA CYS D 282 -50.94 0.68 8.17
C CYS D 282 -52.12 -0.15 8.63
N ASP D 283 -52.67 0.25 9.79
CA ASP D 283 -53.78 -0.47 10.41
C ASP D 283 -53.48 -1.96 10.49
N GLY D 284 -54.50 -2.77 10.73
CA GLY D 284 -54.34 -4.20 10.63
C GLY D 284 -54.60 -4.76 9.25
N LYS D 285 -54.46 -3.95 8.20
CA LYS D 285 -54.95 -4.30 6.87
C LYS D 285 -53.86 -4.55 5.84
N ALA D 286 -52.59 -4.53 6.24
CA ALA D 286 -51.49 -4.88 5.33
C ALA D 286 -51.53 -4.07 4.04
N VAL D 287 -51.95 -2.82 4.12
CA VAL D 287 -51.95 -1.91 2.99
C VAL D 287 -51.07 -0.71 3.34
N SER D 288 -50.84 0.14 2.34
CA SER D 288 -50.08 1.35 2.59
C SER D 288 -50.90 2.32 3.42
N ALA D 289 -50.21 3.15 4.19
CA ALA D 289 -50.90 4.20 4.96
C ALA D 289 -51.47 5.27 4.05
N LEU D 290 -50.97 5.38 2.82
CA LEU D 290 -51.53 6.32 1.87
C LEU D 290 -52.89 5.89 1.34
N ASP D 291 -53.32 4.66 1.66
CA ASP D 291 -54.58 4.12 1.15
C ASP D 291 -55.61 3.90 2.25
N ILE D 292 -55.36 4.38 3.46
CA ILE D 292 -56.29 4.23 4.57
C ILE D 292 -57.19 5.46 4.61
N PRO D 293 -58.52 5.31 4.49
CA PRO D 293 -59.40 6.47 4.55
C PRO D 293 -59.36 7.14 5.92
N ILE D 294 -59.26 8.47 5.91
CA ILE D 294 -59.23 9.28 7.12
C ILE D 294 -60.63 9.88 7.29
N LEU D 295 -61.38 9.33 8.24
CA LEU D 295 -62.78 9.73 8.44
C LEU D 295 -62.94 10.81 9.51
N VAL D 296 -62.16 10.76 10.59
CA VAL D 296 -62.17 11.79 11.62
C VAL D 296 -60.74 12.24 11.88
N CYS D 297 -60.61 13.46 12.40
CA CYS D 297 -59.28 14.05 12.58
C CYS D 297 -58.47 13.33 13.66
N ASP D 298 -59.11 12.95 14.78
CA ASP D 298 -58.42 12.26 15.86
C ASP D 298 -58.37 10.75 15.65
N GLN D 299 -58.48 10.30 14.41
CA GLN D 299 -58.45 8.87 14.12
C GLN D 299 -57.07 8.30 14.46
N ARG D 300 -57.07 7.15 15.12
CA ARG D 300 -55.83 6.48 15.50
C ARG D 300 -55.54 5.30 14.58
N THR D 301 -54.31 4.80 14.67
CA THR D 301 -53.87 3.73 13.78
C THR D 301 -52.59 3.11 14.33
N GLN D 302 -52.11 2.10 13.62
CA GLN D 302 -50.83 1.45 13.87
C GLN D 302 -50.10 1.44 12.54
N ILE D 303 -48.79 1.20 12.58
CA ILE D 303 -47.98 1.40 11.39
C ILE D 303 -46.70 0.58 11.48
N CYS D 304 -46.12 0.30 10.32
CA CYS D 304 -44.76 -0.21 10.19
C CYS D 304 -44.11 0.55 9.05
N TYR D 305 -42.91 1.07 9.28
CA TYR D 305 -42.14 1.79 8.28
C TYR D 305 -40.83 1.05 8.05
N GLY D 306 -40.40 0.96 6.80
CA GLY D 306 -39.13 0.34 6.53
C GLY D 306 -38.99 0.04 5.05
N SER D 307 -37.87 -0.64 4.74
CA SER D 307 -37.63 -1.12 3.40
C SER D 307 -38.69 -2.13 2.98
N ILE D 308 -38.81 -2.31 1.66
CA ILE D 308 -39.79 -3.25 1.12
C ILE D 308 -39.56 -4.64 1.70
N GLY D 309 -38.29 -5.05 1.83
CA GLY D 309 -38.00 -6.36 2.41
C GLY D 309 -38.48 -6.50 3.84
N GLU D 310 -38.27 -5.45 4.66
CA GLU D 310 -38.65 -5.53 6.06
C GLU D 310 -40.14 -5.33 6.29
N VAL D 311 -40.82 -4.62 5.40
CA VAL D 311 -42.28 -4.51 5.51
C VAL D 311 -42.94 -5.81 5.08
N ARG D 312 -42.37 -6.49 4.08
CA ARG D 312 -42.84 -7.82 3.71
C ARG D 312 -42.79 -8.77 4.91
N ARG D 313 -41.67 -8.75 5.65
CA ARG D 313 -41.53 -9.58 6.83
C ARG D 313 -42.54 -9.21 7.91
N PHE D 314 -42.85 -7.91 8.04
CA PHE D 314 -43.81 -7.48 9.05
C PHE D 314 -45.19 -8.08 8.79
N GLU D 315 -45.65 -8.01 7.54
CA GLU D 315 -46.98 -8.54 7.22
C GLU D 315 -47.00 -10.07 7.31
N GLU D 316 -45.90 -10.72 6.94
CA GLU D 316 -45.83 -12.18 7.03
C GLU D 316 -45.88 -12.64 8.48
N TYR D 317 -45.19 -11.93 9.38
CA TYR D 317 -45.19 -12.31 10.79
C TYR D 317 -46.52 -11.98 11.46
N MET D 318 -47.12 -10.84 11.10
CA MET D 318 -48.31 -10.37 11.79
C MET D 318 -49.61 -10.93 11.21
N TYR D 319 -49.65 -11.19 9.90
CA TYR D 319 -50.89 -11.58 9.23
C TYR D 319 -50.80 -12.90 8.50
N GLY D 320 -49.61 -13.43 8.25
CA GLY D 320 -49.45 -14.68 7.54
C GLY D 320 -48.77 -14.53 6.20
N THR D 321 -49.15 -13.50 5.44
CA THR D 321 -48.55 -13.26 4.12
C THR D 321 -48.67 -11.79 3.77
N SER D 322 -47.79 -11.35 2.85
CA SER D 322 -47.81 -10.00 2.33
C SER D 322 -48.49 -9.98 0.97
N PRO D 323 -49.74 -9.51 0.87
CA PRO D 323 -50.40 -9.46 -0.45
C PRO D 323 -49.61 -8.72 -1.51
N ARG D 324 -48.86 -7.67 -1.13
CA ARG D 324 -48.15 -6.88 -2.11
C ARG D 324 -46.74 -7.39 -2.40
N PHE D 325 -46.06 -7.97 -1.40
CA PHE D 325 -44.63 -8.23 -1.53
C PHE D 325 -44.24 -9.70 -1.39
N SER D 326 -45.13 -10.57 -0.90
CA SER D 326 -44.77 -11.98 -0.79
C SER D 326 -44.76 -12.63 -2.18
N GLU D 327 -44.37 -13.90 -2.21
CA GLU D 327 -44.34 -14.71 -3.42
C GLU D 327 -43.49 -14.06 -4.51
N GLY E 18 5.21 26.67 -43.03
CA GLY E 18 6.48 26.99 -42.36
C GLY E 18 6.60 26.22 -41.05
N ASP E 19 7.05 26.87 -39.97
CA ASP E 19 7.28 26.16 -38.71
C ASP E 19 6.40 26.68 -37.57
N SER E 20 6.35 25.91 -36.49
CA SER E 20 5.39 26.15 -35.43
C SER E 20 5.91 27.20 -34.44
N LEU E 21 5.04 27.61 -33.53
CA LEU E 21 5.43 28.59 -32.52
C LEU E 21 6.35 27.95 -31.49
N ALA E 22 6.02 26.73 -31.06
CA ALA E 22 6.88 26.03 -30.12
C ALA E 22 8.27 25.80 -30.71
N GLU E 23 8.33 25.50 -32.01
CA GLU E 23 9.63 25.31 -32.66
C GLU E 23 10.38 26.63 -32.74
N PHE E 24 9.67 27.73 -33.02
CA PHE E 24 10.32 29.04 -33.10
C PHE E 24 10.87 29.47 -31.75
N LEU E 25 10.10 29.25 -30.68
CA LEU E 25 10.50 29.74 -29.37
C LEU E 25 11.76 29.04 -28.86
N VAL E 26 11.96 27.78 -29.21
CA VAL E 26 13.14 27.07 -28.72
C VAL E 26 14.42 27.69 -29.25
N GLU E 27 14.36 28.36 -30.41
CA GLU E 27 15.53 29.00 -31.00
C GLU E 27 15.60 30.49 -30.71
N ALA E 28 14.48 31.13 -30.39
CA ALA E 28 14.49 32.57 -30.14
C ALA E 28 15.17 32.87 -28.81
N THR E 29 14.76 32.17 -27.74
CA THR E 29 15.31 32.41 -26.42
C THR E 29 15.75 31.10 -25.80
N PRO E 30 16.83 31.11 -25.00
CA PRO E 30 17.22 29.90 -24.25
C PRO E 30 16.50 29.75 -22.93
N ASP E 31 15.65 30.71 -22.55
CA ASP E 31 14.95 30.66 -21.27
C ASP E 31 13.67 29.86 -21.42
N PRO E 32 13.56 28.69 -20.81
CA PRO E 32 12.32 27.91 -20.92
C PRO E 32 11.13 28.56 -20.23
N LYS E 33 11.36 29.41 -19.22
CA LYS E 33 10.26 30.13 -18.59
C LYS E 33 9.62 31.12 -19.58
N LEU E 34 10.44 31.86 -20.30
CA LEU E 34 9.91 32.79 -21.30
C LEU E 34 9.14 32.05 -22.38
N ARG E 35 9.59 30.84 -22.75
CA ARG E 35 8.89 30.07 -23.76
C ARG E 35 7.50 29.66 -23.27
N GLN E 36 7.40 29.22 -22.01
CA GLN E 36 6.09 28.86 -21.48
C GLN E 36 5.17 30.08 -21.42
N LEU E 37 5.72 31.24 -21.10
CA LEU E 37 4.90 32.45 -21.02
C LEU E 37 4.33 32.81 -22.39
N MET E 38 5.18 32.80 -23.42
CA MET E 38 4.71 33.10 -24.77
C MET E 38 3.67 32.09 -25.23
N MET E 39 3.84 30.82 -24.87
CA MET E 39 2.85 29.81 -25.22
C MET E 39 1.52 30.10 -24.54
N SER E 40 1.56 30.57 -23.30
CA SER E 40 0.32 30.89 -22.59
C SER E 40 -0.35 32.12 -23.19
N MET E 41 0.45 33.08 -23.64
CA MET E 41 -0.13 34.25 -24.30
C MET E 41 -0.76 33.88 -25.63
N ALA E 42 -0.16 32.94 -26.35
CA ALA E 42 -0.75 32.50 -27.61
C ALA E 42 -2.02 31.71 -27.38
N GLU E 43 -2.09 30.93 -26.30
CA GLU E 43 -3.30 30.20 -26.00
C GLU E 43 -4.43 31.14 -25.59
N ALA E 44 -4.09 32.20 -24.85
CA ALA E 44 -5.10 33.18 -24.48
C ALA E 44 -5.59 33.95 -25.70
N THR E 45 -4.68 34.25 -26.64
CA THR E 45 -5.09 34.93 -27.86
C THR E 45 -6.07 34.09 -28.66
N ARG E 46 -5.87 32.77 -28.70
CA ARG E 46 -6.79 31.90 -29.43
C ARG E 46 -8.15 31.86 -28.74
N THR E 47 -8.17 31.86 -27.40
CA THR E 47 -9.45 31.80 -26.70
C THR E 47 -10.20 33.12 -26.82
N ILE E 48 -9.50 34.25 -26.69
CA ILE E 48 -10.16 35.55 -26.87
C ILE E 48 -10.68 35.69 -28.29
N ALA E 49 -9.92 35.17 -29.27
CA ALA E 49 -10.36 35.25 -30.66
C ALA E 49 -11.70 34.55 -30.87
N HIS E 50 -11.95 33.46 -30.13
CA HIS E 50 -13.22 32.77 -30.26
C HIS E 50 -14.34 33.52 -29.56
N LYS E 51 -14.05 34.13 -28.42
CA LYS E 51 -15.09 34.85 -27.69
C LYS E 51 -15.56 36.08 -28.45
N VAL E 52 -14.62 36.79 -29.10
CA VAL E 52 -15.01 37.95 -29.91
C VAL E 52 -15.82 37.51 -31.12
N ARG E 53 -15.51 36.34 -31.67
CA ARG E 53 -16.18 35.87 -32.88
C ARG E 53 -17.69 35.78 -32.69
N THR E 54 -18.12 35.26 -31.55
CA THR E 54 -19.55 35.04 -31.29
C THR E 54 -20.10 36.02 -30.28
N ALA E 55 -19.48 37.19 -30.13
CA ALA E 55 -19.97 38.19 -29.20
C ALA E 55 -21.11 38.97 -29.85
N SER E 56 -22.09 39.35 -29.02
CA SER E 56 -23.18 40.19 -29.53
C SER E 56 -22.58 41.57 -29.79
N CYS E 57 -23.27 42.64 -29.41
CA CYS E 57 -22.60 43.95 -29.58
C CYS E 57 -21.30 43.96 -28.77
N ALA E 58 -21.37 43.69 -27.47
CA ALA E 58 -20.18 43.68 -26.58
C ALA E 58 -20.53 42.84 -25.37
N GLY E 59 -21.07 41.65 -25.59
CA GLY E 59 -21.49 40.75 -24.54
C GLY E 59 -21.01 39.32 -24.74
N THR E 60 -20.18 38.83 -23.83
CA THR E 60 -19.55 37.50 -23.86
C THR E 60 -19.23 36.99 -25.26
N GLN E 70 -21.79 36.13 -18.25
CA GLN E 70 -22.10 36.87 -19.47
C GLN E 70 -21.67 38.34 -19.33
N LEU E 71 -20.38 38.59 -19.48
CA LEU E 71 -19.78 39.91 -19.32
C LEU E 71 -19.54 40.55 -20.69
N ALA E 72 -18.83 41.67 -20.69
CA ALA E 72 -18.43 42.34 -21.92
C ALA E 72 -17.14 41.73 -22.45
N VAL E 73 -16.85 42.00 -23.73
CA VAL E 73 -15.69 41.38 -24.36
C VAL E 73 -14.39 41.84 -23.73
N ASP E 74 -14.27 43.15 -23.43
CA ASP E 74 -13.05 43.62 -22.81
C ASP E 74 -12.86 43.05 -21.42
N MET E 75 -13.93 42.59 -20.78
CA MET E 75 -13.82 41.95 -19.48
C MET E 75 -13.56 40.46 -19.59
N VAL E 76 -14.12 39.81 -20.61
CA VAL E 76 -13.82 38.40 -20.86
C VAL E 76 -12.35 38.24 -21.25
N ALA E 77 -11.84 39.17 -22.07
CA ALA E 77 -10.43 39.13 -22.42
C ALA E 77 -9.55 39.38 -21.20
N ASP E 78 -9.92 40.36 -20.37
CA ASP E 78 -9.15 40.64 -19.17
C ASP E 78 -9.02 39.39 -18.30
N LYS E 79 -10.14 38.72 -18.03
CA LYS E 79 -10.10 37.56 -17.14
C LYS E 79 -9.37 36.39 -17.78
N LEU E 80 -9.41 36.28 -19.11
CA LEU E 80 -8.71 35.19 -19.78
C LEU E 80 -7.20 35.41 -19.73
N LEU E 81 -6.75 36.66 -19.84
CA LEU E 81 -5.31 36.92 -19.79
C LEU E 81 -4.76 36.73 -18.39
N PHE E 82 -5.49 37.18 -17.37
CA PHE E 82 -5.09 36.92 -15.99
C PHE E 82 -5.06 35.41 -15.72
N GLU E 83 -6.02 34.67 -16.26
CA GLU E 83 -6.04 33.22 -16.09
C GLU E 83 -4.81 32.58 -16.71
N ALA E 84 -4.43 33.00 -17.90
CA ALA E 84 -3.28 32.42 -18.57
C ALA E 84 -1.98 32.71 -17.82
N LEU E 85 -1.88 33.91 -17.23
CA LEU E 85 -0.67 34.25 -16.48
C LEU E 85 -0.56 33.46 -15.19
N LYS E 86 -1.69 33.26 -14.49
CA LYS E 86 -1.65 32.50 -13.25
C LYS E 86 -1.22 31.06 -13.51
N TYR E 87 -1.81 30.42 -14.51
CA TYR E 87 -1.53 29.01 -14.78
C TYR E 87 -0.26 28.80 -15.58
N SER E 88 0.46 29.86 -15.91
CA SER E 88 1.79 29.71 -16.50
C SER E 88 2.85 29.44 -15.45
N HIS E 89 2.60 29.87 -14.21
CA HIS E 89 3.49 29.70 -13.06
C HIS E 89 4.77 30.51 -13.19
N VAL E 90 4.95 31.26 -14.27
CA VAL E 90 6.15 32.04 -14.50
C VAL E 90 5.86 33.54 -14.46
N CYS E 91 4.74 33.94 -13.85
CA CYS E 91 4.34 35.34 -13.81
C CYS E 91 4.30 35.82 -12.37
N LYS E 92 5.11 36.84 -12.06
CA LYS E 92 5.13 37.45 -10.74
C LYS E 92 4.08 38.55 -10.62
N LEU E 93 4.19 39.60 -11.44
CA LEU E 93 3.25 40.71 -11.41
C LEU E 93 2.52 40.81 -12.74
N ALA E 94 1.24 41.17 -12.67
CA ALA E 94 0.43 41.42 -13.84
C ALA E 94 -0.35 42.71 -13.63
N CYS E 95 -0.59 43.43 -14.73
CA CYS E 95 -1.28 44.71 -14.64
C CYS E 95 -2.09 44.92 -15.91
N SER E 96 -3.35 45.29 -15.74
CA SER E 96 -4.26 45.54 -16.84
C SER E 96 -4.59 47.02 -16.93
N GLU E 97 -4.91 47.47 -18.14
CA GLU E 97 -5.33 48.85 -18.33
C GLU E 97 -6.59 49.16 -17.55
N GLU E 98 -7.44 48.16 -17.32
CA GLU E 98 -8.71 48.39 -16.65
C GLU E 98 -8.52 48.80 -15.19
N VAL E 99 -7.68 48.08 -14.46
CA VAL E 99 -7.31 48.43 -13.10
C VAL E 99 -5.81 48.66 -13.05
N PRO E 100 -5.34 49.89 -13.26
CA PRO E 100 -3.90 50.13 -13.39
C PRO E 100 -3.13 49.96 -12.09
N GLU E 101 -3.35 48.84 -11.40
CA GLU E 101 -2.63 48.51 -10.17
C GLU E 101 -2.12 47.09 -10.28
N PRO E 102 -0.80 46.87 -10.21
CA PRO E 102 -0.27 45.51 -10.37
C PRO E 102 -0.83 44.56 -9.32
N VAL E 103 -0.81 43.28 -9.67
CA VAL E 103 -1.35 42.22 -8.82
C VAL E 103 -0.43 41.01 -8.91
N ASP E 104 -0.30 40.29 -7.79
CA ASP E 104 0.61 39.15 -7.70
C ASP E 104 -0.10 37.89 -8.16
N MET E 105 0.55 37.15 -9.05
CA MET E 105 -0.03 35.96 -9.66
C MET E 105 0.54 34.66 -9.11
N GLY E 106 1.27 34.71 -8.00
CA GLY E 106 1.71 33.49 -7.37
C GLY E 106 2.81 32.74 -8.08
N GLY E 107 3.42 33.33 -9.11
CA GLY E 107 4.52 32.73 -9.80
C GLY E 107 5.84 33.45 -9.56
N GLU E 108 6.81 33.16 -10.42
CA GLU E 108 8.10 33.83 -10.34
C GLU E 108 8.75 33.77 -11.71
N GLY E 109 9.33 34.89 -12.13
CA GLY E 109 10.01 34.96 -13.40
C GLY E 109 9.87 36.27 -14.15
N PHE E 110 8.62 36.65 -14.46
CA PHE E 110 8.34 37.78 -15.34
C PHE E 110 7.19 38.62 -14.80
N CYS E 111 7.15 39.86 -15.24
CA CYS E 111 6.04 40.77 -14.99
C CYS E 111 5.46 41.19 -16.33
N VAL E 112 4.15 41.04 -16.50
CA VAL E 112 3.48 41.26 -17.77
C VAL E 112 2.44 42.36 -17.57
N ALA E 113 2.47 43.35 -18.45
CA ALA E 113 1.44 44.38 -18.50
C ALA E 113 0.75 44.30 -19.85
N PHE E 114 -0.57 44.46 -19.87
CA PHE E 114 -1.31 44.20 -21.09
C PHE E 114 -2.54 45.09 -21.18
N ASP E 115 -2.95 45.37 -22.42
CA ASP E 115 -4.26 45.94 -22.71
C ASP E 115 -5.13 44.81 -23.23
N PRO E 116 -6.15 44.38 -22.48
CA PRO E 116 -6.89 43.17 -22.89
C PRO E 116 -7.54 43.30 -24.25
N LEU E 117 -8.20 44.42 -24.53
CA LEU E 117 -8.81 44.64 -25.84
C LEU E 117 -8.65 46.10 -26.21
N ASP E 118 -7.81 46.38 -27.20
CA ASP E 118 -7.53 47.73 -27.65
C ASP E 118 -8.48 48.08 -28.78
N GLY E 119 -9.29 49.10 -28.57
CA GLY E 119 -10.29 49.45 -29.55
C GLY E 119 -11.67 49.18 -28.98
N SER E 120 -12.14 50.05 -28.09
CA SER E 120 -13.41 49.82 -27.40
C SER E 120 -14.60 50.25 -28.24
N SER E 121 -14.37 51.06 -29.28
CA SER E 121 -15.44 51.52 -30.15
C SER E 121 -15.59 50.62 -31.38
N ILE E 122 -14.50 50.41 -32.12
CA ILE E 122 -14.53 49.69 -33.39
C ILE E 122 -14.99 48.24 -33.30
N VAL E 123 -15.40 47.79 -32.11
CA VAL E 123 -15.88 46.41 -32.00
C VAL E 123 -17.26 46.26 -32.61
N ASP E 124 -18.16 47.23 -32.39
CA ASP E 124 -19.50 47.11 -32.95
C ASP E 124 -19.49 47.18 -34.47
N THR E 125 -18.46 47.77 -35.06
CA THR E 125 -18.36 47.91 -36.51
C THR E 125 -17.59 46.76 -37.15
N ASN E 126 -17.40 45.66 -36.42
CA ASN E 126 -16.63 44.50 -36.90
C ASN E 126 -15.29 44.92 -37.50
N PHE E 127 -14.66 45.92 -36.88
CA PHE E 127 -13.32 46.31 -37.28
C PHE E 127 -12.31 45.39 -36.60
N ALA E 128 -11.08 45.42 -37.10
CA ALA E 128 -10.02 44.65 -36.48
C ALA E 128 -9.65 45.27 -35.13
N VAL E 129 -9.54 44.42 -34.10
CA VAL E 129 -9.14 44.83 -32.77
C VAL E 129 -7.99 43.93 -32.33
N GLY E 130 -7.47 44.17 -31.13
CA GLY E 130 -6.31 43.42 -30.74
C GLY E 130 -6.01 43.50 -29.26
N THR E 131 -5.05 42.67 -28.85
CA THR E 131 -4.51 42.63 -27.51
C THR E 131 -3.05 43.02 -27.56
N ILE E 132 -2.60 43.83 -26.61
CA ILE E 132 -1.20 44.24 -26.52
C ILE E 132 -0.67 43.77 -25.18
N PHE E 133 0.56 43.26 -25.17
CA PHE E 133 1.19 42.90 -23.91
C PHE E 133 2.70 43.06 -24.03
N GLY E 134 3.32 43.49 -22.93
CA GLY E 134 4.77 43.53 -22.83
C GLY E 134 5.21 42.72 -21.63
N VAL E 135 6.38 42.10 -21.75
CA VAL E 135 6.91 41.21 -20.72
C VAL E 135 8.20 41.80 -20.18
N TRP E 136 8.24 42.04 -18.88
CA TRP E 136 9.39 42.61 -18.20
C TRP E 136 9.99 41.61 -17.23
N PRO E 137 11.31 41.54 -17.12
CA PRO E 137 11.92 40.65 -16.13
C PRO E 137 11.91 41.29 -14.76
N GLY E 138 11.78 40.46 -13.73
CA GLY E 138 11.95 40.97 -12.38
C GLY E 138 10.71 40.98 -11.51
N ASP E 139 10.55 42.05 -10.72
CA ASP E 139 9.46 42.08 -9.76
C ASP E 139 8.76 43.42 -9.69
N LYS E 140 8.99 44.33 -10.64
CA LYS E 140 8.41 45.66 -10.61
C LYS E 140 7.89 46.01 -12.01
N LEU E 141 6.75 46.70 -12.04
CA LEU E 141 6.24 47.29 -13.27
C LEU E 141 6.35 48.81 -13.26
N THR E 142 7.01 49.37 -12.25
CA THR E 142 7.27 50.79 -12.16
C THR E 142 8.78 51.02 -12.06
N ASN E 143 9.20 52.22 -12.41
CA ASN E 143 10.62 52.60 -12.46
C ASN E 143 11.40 51.66 -13.37
N ILE E 144 10.82 51.40 -14.54
CA ILE E 144 11.44 50.58 -15.58
C ILE E 144 11.35 51.36 -16.90
N THR E 145 11.97 50.80 -17.93
CA THR E 145 11.88 51.36 -19.27
C THR E 145 11.49 50.27 -20.25
N GLY E 146 11.02 50.70 -21.42
CA GLY E 146 10.59 49.74 -22.43
C GLY E 146 11.72 48.94 -23.02
N ARG E 147 12.96 49.39 -22.86
CA ARG E 147 14.10 48.64 -23.38
C ARG E 147 14.43 47.44 -22.52
N GLU E 148 14.01 47.46 -21.25
CA GLU E 148 14.23 46.32 -20.37
C GLU E 148 13.29 45.16 -20.68
N GLN E 149 12.41 45.31 -21.66
CA GLN E 149 11.47 44.26 -21.99
C GLN E 149 12.22 43.06 -22.55
N VAL E 150 11.85 41.86 -22.09
CA VAL E 150 12.41 40.64 -22.65
C VAL E 150 11.59 40.13 -23.81
N ALA E 151 10.33 40.54 -23.94
CA ALA E 151 9.45 40.12 -25.01
C ALA E 151 8.24 41.03 -25.05
N ALA E 152 7.63 41.12 -26.22
CA ALA E 152 6.38 41.86 -26.39
C ALA E 152 5.61 41.20 -27.52
N GLY E 153 4.30 41.40 -27.51
CA GLY E 153 3.51 40.77 -28.56
C GLY E 153 2.13 41.40 -28.63
N MET E 154 1.45 41.11 -29.74
CA MET E 154 0.08 41.55 -29.91
C MET E 154 -0.69 40.47 -30.67
N GLY E 155 -1.93 40.23 -30.24
CA GLY E 155 -2.83 39.36 -30.95
C GLY E 155 -3.86 40.22 -31.67
N ILE E 156 -4.02 39.94 -32.97
CA ILE E 156 -4.88 40.74 -33.84
C ILE E 156 -6.10 39.91 -34.22
N TYR E 157 -7.29 40.40 -33.88
CA TYR E 157 -8.55 39.70 -34.15
C TYR E 157 -9.23 40.35 -35.34
N GLY E 158 -9.07 39.75 -36.52
CA GLY E 158 -9.73 40.21 -37.71
C GLY E 158 -10.33 39.03 -38.44
N PRO E 159 -10.42 39.12 -39.76
CA PRO E 159 -10.79 37.94 -40.54
C PRO E 159 -9.87 36.77 -40.25
N ARG E 160 -8.59 37.06 -40.07
CA ARG E 160 -7.61 36.12 -39.56
C ARG E 160 -7.33 36.41 -38.09
N THR E 161 -6.69 35.45 -37.42
CA THR E 161 -6.21 35.64 -36.07
C THR E 161 -4.69 35.57 -36.10
N VAL E 162 -4.04 36.64 -35.68
CA VAL E 162 -2.60 36.78 -35.82
C VAL E 162 -1.97 37.00 -34.46
N PHE E 163 -0.84 36.33 -34.22
CA PHE E 163 -0.04 36.48 -33.01
C PHE E 163 1.32 37.04 -33.43
N CYS E 164 1.54 38.32 -33.17
CA CYS E 164 2.73 39.04 -33.59
C CYS E 164 3.61 39.34 -32.38
N ILE E 165 4.82 38.77 -32.37
CA ILE E 165 5.70 38.85 -31.21
C ILE E 165 7.12 39.18 -31.64
N ALA E 166 7.91 39.63 -30.67
CA ALA E 166 9.35 39.83 -30.83
C ALA E 166 10.03 39.64 -29.49
N LEU E 167 11.19 38.99 -29.51
CA LEU E 167 11.96 38.72 -28.31
C LEU E 167 13.28 39.47 -28.34
N LYS E 168 13.73 39.92 -27.17
CA LYS E 168 14.96 40.69 -27.10
C LYS E 168 16.16 39.88 -27.58
N ASP E 169 16.17 38.57 -27.29
CA ASP E 169 17.27 37.68 -27.64
C ASP E 169 17.15 37.10 -29.06
N ALA E 170 16.34 37.72 -29.92
CA ALA E 170 16.10 37.18 -31.24
C ALA E 170 15.86 38.32 -32.21
N PRO E 171 16.33 38.18 -33.44
CA PRO E 171 16.19 39.27 -34.42
C PRO E 171 14.84 39.25 -35.14
N GLY E 172 14.18 40.39 -35.19
CA GLY E 172 13.03 40.57 -36.05
C GLY E 172 11.72 40.54 -35.29
N CYS E 173 10.67 40.93 -36.01
CA CYS E 173 9.30 40.88 -35.53
C CYS E 173 8.58 39.80 -36.32
N HIS E 174 7.93 38.88 -35.60
CA HIS E 174 7.46 37.64 -36.21
C HIS E 174 5.95 37.55 -36.16
N GLU E 175 5.38 37.06 -37.26
CA GLU E 175 3.93 36.95 -37.45
C GLU E 175 3.53 35.48 -37.43
N PHE E 176 2.52 35.15 -36.63
CA PHE E 176 2.02 33.80 -36.52
C PHE E 176 0.52 33.80 -36.82
N LEU E 177 0.09 32.84 -37.64
CA LEU E 177 -1.30 32.72 -38.05
C LEU E 177 -1.94 31.54 -37.34
N LEU E 178 -3.17 31.74 -36.86
CA LEU E 178 -3.91 30.67 -36.19
C LEU E 178 -4.52 29.74 -37.24
N MET E 179 -4.08 28.49 -37.24
CA MET E 179 -4.50 27.52 -38.25
C MET E 179 -5.75 26.76 -37.80
N ASP E 180 -6.29 25.96 -38.73
CA ASP E 180 -7.52 25.22 -38.46
C ASP E 180 -7.35 24.24 -37.30
N ASP E 181 -6.16 23.68 -37.12
CA ASP E 181 -5.93 22.71 -36.06
C ASP E 181 -5.79 23.34 -34.68
N GLY E 182 -5.88 24.65 -34.57
CA GLY E 182 -5.72 25.33 -33.30
C GLY E 182 -4.28 25.64 -32.93
N LYS E 183 -3.36 25.53 -33.86
CA LYS E 183 -1.95 25.76 -33.63
C LYS E 183 -1.51 27.01 -34.39
N TRP E 184 -0.34 27.53 -34.01
CA TRP E 184 0.21 28.73 -34.62
C TRP E 184 1.33 28.39 -35.57
N MET E 185 1.34 29.05 -36.73
CA MET E 185 2.35 28.80 -37.77
C MET E 185 3.01 30.11 -38.14
N HIS E 186 4.34 30.09 -38.19
CA HIS E 186 5.10 31.25 -38.64
C HIS E 186 4.80 31.55 -40.09
N VAL E 187 4.49 32.81 -40.39
CA VAL E 187 4.11 33.20 -41.75
C VAL E 187 4.92 34.35 -42.30
N LYS E 188 5.55 35.19 -41.47
CA LYS E 188 6.38 36.27 -41.98
C LYS E 188 7.32 36.75 -40.88
N GLU E 189 8.57 37.00 -41.25
CA GLU E 189 9.53 37.67 -40.37
C GLU E 189 9.90 39.00 -41.01
N THR E 190 9.67 40.09 -40.30
CA THR E 190 9.96 41.42 -40.79
C THR E 190 11.22 41.95 -40.12
N THR E 191 12.15 42.46 -40.94
CA THR E 191 13.41 42.97 -40.44
C THR E 191 13.78 44.32 -41.03
N HIS E 192 12.99 44.88 -41.93
CA HIS E 192 13.28 46.18 -42.53
C HIS E 192 11.97 46.87 -42.87
N ILE E 193 11.79 48.08 -42.37
CA ILE E 193 10.66 48.94 -42.72
C ILE E 193 11.22 50.10 -43.52
N GLY E 194 10.80 50.19 -44.79
CA GLY E 194 11.34 51.18 -45.70
C GLY E 194 10.45 52.38 -45.87
N GLU E 195 10.65 53.09 -46.97
CA GLU E 195 9.97 54.35 -47.20
C GLU E 195 8.73 54.13 -48.06
N GLY E 196 7.71 54.94 -47.81
CA GLY E 196 6.46 54.80 -48.53
C GLY E 196 5.50 55.89 -48.12
N LYS E 197 4.38 55.93 -48.84
CA LYS E 197 3.39 57.00 -48.68
C LYS E 197 2.15 56.37 -48.02
N MET E 198 2.14 56.37 -46.69
CA MET E 198 1.01 55.88 -45.91
C MET E 198 1.14 56.46 -44.51
N PHE E 199 0.04 56.97 -43.96
CA PHE E 199 0.08 57.61 -42.66
C PHE E 199 -1.19 57.28 -41.87
N ALA E 200 -1.06 57.32 -40.56
CA ALA E 200 -2.18 57.06 -39.64
C ALA E 200 -2.25 58.23 -38.68
N PRO E 201 -3.10 59.20 -38.94
CA PRO E 201 -3.11 60.42 -38.12
C PRO E 201 -3.99 60.30 -36.88
N GLY E 202 -3.40 59.87 -35.77
CA GLY E 202 -4.13 59.86 -34.52
C GLY E 202 -4.18 61.25 -33.91
N ASN E 203 -5.21 61.48 -33.11
CA ASN E 203 -5.49 62.81 -32.56
C ASN E 203 -5.35 63.88 -33.64
N LEU E 204 -6.12 63.69 -34.71
CA LEU E 204 -6.10 64.64 -35.82
C LEU E 204 -6.78 65.94 -35.46
N ARG E 205 -7.33 66.01 -34.26
CA ARG E 205 -7.93 67.24 -33.77
C ARG E 205 -6.86 68.23 -33.36
N ALA E 206 -5.71 67.75 -32.89
CA ALA E 206 -4.69 68.65 -32.40
C ALA E 206 -3.97 69.36 -33.53
N THR E 207 -4.27 69.02 -34.79
CA THR E 207 -3.79 69.75 -35.97
C THR E 207 -4.43 71.13 -36.11
N PHE E 208 -5.11 71.57 -35.06
CA PHE E 208 -5.72 72.88 -34.97
C PHE E 208 -5.04 73.73 -33.93
N ASP E 209 -4.59 73.11 -32.83
CA ASP E 209 -3.88 73.77 -31.76
C ASP E 209 -2.39 73.43 -31.70
N ASN E 210 -1.89 72.63 -32.64
CA ASN E 210 -0.46 72.34 -32.73
C ASN E 210 -0.02 72.65 -34.17
N PRO E 211 0.52 73.84 -34.41
CA PRO E 211 0.88 74.23 -35.78
C PRO E 211 1.94 73.35 -36.41
N ALA E 212 2.82 72.72 -35.62
CA ALA E 212 3.81 71.82 -36.20
C ALA E 212 3.17 70.53 -36.69
N TYR E 213 2.26 69.97 -35.89
CA TYR E 213 1.49 68.81 -36.34
C TYR E 213 0.64 69.16 -37.56
N GLU E 214 0.09 70.38 -37.60
CA GLU E 214 -0.69 70.82 -38.74
C GLU E 214 0.12 70.78 -40.04
N ARG E 215 1.30 71.40 -40.03
CA ARG E 215 2.17 71.37 -41.21
C ARG E 215 2.57 69.95 -41.60
N LEU E 216 2.74 69.07 -40.61
CA LEU E 216 3.13 67.69 -40.92
C LEU E 216 2.02 66.98 -41.67
N ILE E 217 0.80 67.03 -41.14
CA ILE E 217 -0.33 66.41 -41.83
C ILE E 217 -0.52 66.98 -43.22
N ASN E 218 -0.30 68.30 -43.36
CA ASN E 218 -0.43 68.93 -44.67
C ASN E 218 0.66 68.45 -45.63
N PHE E 219 1.83 68.09 -45.12
CA PHE E 219 2.83 67.45 -45.97
C PHE E 219 2.35 66.09 -46.45
N TYR E 220 1.87 65.26 -45.51
CA TYR E 220 1.31 63.97 -45.90
C TYR E 220 0.17 64.16 -46.89
N LEU E 221 -0.76 65.06 -46.57
CA LEU E 221 -1.88 65.29 -47.45
C LEU E 221 -1.44 65.89 -48.77
N GLY E 222 -0.33 66.63 -48.79
CA GLY E 222 0.10 67.32 -49.99
C GLY E 222 1.00 66.50 -50.90
N GLU E 223 1.57 65.42 -50.36
CA GLU E 223 2.40 64.51 -51.13
C GLU E 223 1.64 63.27 -51.58
N LYS E 224 0.31 63.30 -51.49
CA LYS E 224 -0.55 62.21 -51.93
C LYS E 224 -0.24 60.92 -51.17
N TYR E 225 -0.20 61.04 -49.84
CA TYR E 225 -0.03 59.88 -48.99
C TYR E 225 -1.35 59.16 -48.82
N THR E 226 -1.32 57.82 -48.86
CA THR E 226 -2.52 57.04 -48.67
C THR E 226 -2.92 57.02 -47.20
N LEU E 227 -4.20 57.16 -46.93
CA LEU E 227 -4.70 57.30 -45.56
C LEU E 227 -5.25 55.97 -45.08
N ARG E 228 -4.83 55.55 -43.88
CA ARG E 228 -5.28 54.29 -43.28
C ARG E 228 -5.31 54.49 -41.77
N TYR E 229 -6.48 54.88 -41.25
CA TYR E 229 -6.68 55.05 -39.82
C TYR E 229 -8.00 54.41 -39.43
N THR E 230 -7.94 53.42 -38.53
CA THR E 230 -9.14 52.71 -38.10
C THR E 230 -9.60 53.07 -36.70
N GLY E 231 -8.74 53.70 -35.90
CA GLY E 231 -9.08 54.07 -34.54
C GLY E 231 -8.54 53.12 -33.48
N GLY E 232 -8.28 51.87 -33.85
CA GLY E 232 -7.63 50.92 -32.96
C GLY E 232 -6.14 50.88 -33.25
N MET E 233 -5.36 50.90 -32.18
CA MET E 233 -3.91 51.00 -32.35
C MET E 233 -3.31 49.74 -32.93
N VAL E 234 -3.78 48.57 -32.49
CA VAL E 234 -3.21 47.30 -32.93
C VAL E 234 -3.22 47.20 -34.46
N PRO E 235 -4.35 47.34 -35.16
CA PRO E 235 -4.28 47.24 -36.62
C PRO E 235 -3.60 48.42 -37.29
N ASP E 236 -3.63 49.61 -36.69
CA ASP E 236 -3.03 50.78 -37.31
C ASP E 236 -1.51 50.74 -37.29
N VAL E 237 -0.93 50.02 -36.33
CA VAL E 237 0.52 49.91 -36.22
C VAL E 237 0.96 48.62 -36.89
N PHE E 238 0.10 47.59 -36.83
CA PHE E 238 0.42 46.32 -37.47
C PHE E 238 0.60 46.47 -38.97
N GLN E 239 -0.13 47.41 -39.58
CA GLN E 239 0.00 47.60 -41.03
C GLN E 239 1.37 48.12 -41.41
N ILE E 240 2.04 48.84 -40.50
CA ILE E 240 3.40 49.30 -40.78
C ILE E 240 4.34 48.10 -40.88
N ILE E 241 4.15 47.10 -40.02
CA ILE E 241 5.02 45.94 -40.04
C ILE E 241 4.74 45.07 -41.27
N VAL E 242 3.47 44.99 -41.68
CA VAL E 242 3.11 44.13 -42.80
C VAL E 242 3.50 44.79 -44.13
N LYS E 243 3.10 46.04 -44.32
CA LYS E 243 3.43 46.77 -45.54
C LYS E 243 4.88 47.18 -45.61
N GLU E 244 5.61 47.14 -44.49
CA GLU E 244 6.99 47.60 -44.41
C GLU E 244 7.11 49.06 -44.86
N LYS E 245 6.09 49.84 -44.51
CA LYS E 245 5.94 51.25 -44.85
C LYS E 245 4.95 51.85 -43.86
N GLY E 246 5.02 53.16 -43.68
CA GLY E 246 3.96 53.89 -43.02
C GLY E 246 4.46 54.73 -41.87
N VAL E 247 3.55 55.59 -41.40
CA VAL E 247 3.77 56.47 -40.26
C VAL E 247 2.56 56.37 -39.35
N PHE E 248 2.79 56.33 -38.04
CA PHE E 248 1.72 56.45 -37.06
C PHE E 248 2.02 57.65 -36.18
N THR E 249 1.01 58.48 -35.93
CA THR E 249 1.18 59.69 -35.14
C THR E 249 0.07 59.83 -34.11
N ASN E 250 0.46 60.25 -32.91
CA ASN E 250 -0.51 60.62 -31.87
C ASN E 250 0.16 61.75 -31.08
N VAL E 251 -0.34 62.97 -31.25
CA VAL E 251 0.34 64.18 -30.79
C VAL E 251 -0.61 64.95 -29.88
N THR E 252 -0.11 65.35 -28.71
CA THR E 252 -0.91 66.14 -27.78
C THR E 252 -0.86 67.62 -28.17
N SER E 253 -1.73 68.39 -27.54
CA SER E 253 -1.83 69.82 -27.82
C SER E 253 -2.27 70.51 -26.55
N PRO E 254 -2.26 71.85 -26.51
CA PRO E 254 -2.78 72.56 -25.34
C PRO E 254 -4.19 72.13 -24.97
N THR E 255 -5.08 71.95 -25.94
CA THR E 255 -6.46 71.56 -25.70
C THR E 255 -6.70 70.06 -25.82
N THR E 256 -5.74 69.30 -26.34
CA THR E 256 -5.89 67.85 -26.50
C THR E 256 -5.02 67.13 -25.48
N LYS E 257 -5.62 66.19 -24.75
CA LYS E 257 -4.93 65.47 -23.70
C LYS E 257 -4.43 64.11 -24.20
N ALA E 258 -3.36 63.63 -23.59
CA ALA E 258 -2.76 62.35 -23.97
C ALA E 258 -3.56 61.20 -23.39
N LYS E 259 -3.83 60.19 -24.20
CA LYS E 259 -4.62 59.05 -23.78
C LYS E 259 -3.93 57.69 -23.93
N LEU E 260 -2.80 57.63 -24.64
CA LEU E 260 -2.07 56.39 -24.78
C LEU E 260 -1.24 56.13 -23.53
N ARG E 261 -1.04 54.84 -23.23
CA ARG E 261 -0.30 54.42 -22.05
C ARG E 261 1.02 53.81 -22.50
N ILE E 262 2.09 54.09 -21.75
CA ILE E 262 3.41 53.57 -22.15
C ILE E 262 3.50 52.10 -21.81
N LEU E 263 3.09 51.73 -20.60
CA LEU E 263 3.27 50.37 -20.12
C LEU E 263 2.40 49.39 -20.91
N PHE E 264 1.11 49.69 -21.04
CA PHE E 264 0.18 48.74 -21.64
C PHE E 264 0.17 48.79 -23.16
N GLU E 265 0.56 49.90 -23.77
CA GLU E 265 0.36 50.06 -25.21
C GLU E 265 1.62 50.49 -25.94
N VAL E 266 2.19 51.62 -25.55
CA VAL E 266 3.20 52.28 -26.37
C VAL E 266 4.55 51.57 -26.29
N ALA E 267 5.02 51.27 -25.08
CA ALA E 267 6.32 50.61 -24.96
C ALA E 267 6.33 49.21 -25.56
N PRO E 268 5.33 48.33 -25.30
CA PRO E 268 5.36 47.02 -25.96
C PRO E 268 5.37 47.10 -27.48
N LEU E 269 4.54 47.97 -28.05
CA LEU E 269 4.51 48.11 -29.50
C LEU E 269 5.80 48.71 -30.02
N ALA E 270 6.50 49.50 -29.20
CA ALA E 270 7.77 50.07 -29.64
C ALA E 270 8.80 48.99 -29.89
N LEU E 271 8.81 47.95 -29.05
CA LEU E 271 9.72 46.83 -29.29
C LEU E 271 9.37 46.10 -30.58
N LEU E 272 8.09 45.85 -30.82
CA LEU E 272 7.68 45.20 -32.06
C LEU E 272 8.05 46.04 -33.27
N ILE E 273 7.86 47.37 -33.20
CA ILE E 273 8.14 48.27 -34.36
C ILE E 273 9.62 48.32 -34.52
N GLU E 274 10.32 48.78 -33.50
CA GLU E 274 11.78 48.64 -33.56
C GLU E 274 11.94 47.13 -33.61
N LYS E 275 13.10 46.59 -33.86
CA LYS E 275 13.17 45.11 -33.97
C LYS E 275 12.55 44.71 -35.30
N ALA E 276 12.14 45.70 -36.09
CA ALA E 276 11.62 45.39 -37.44
C ALA E 276 12.35 46.30 -38.41
N GLY E 277 13.10 47.26 -37.86
CA GLY E 277 13.89 48.19 -38.70
C GLY E 277 13.29 49.55 -38.63
N GLY E 278 12.35 49.73 -37.70
CA GLY E 278 11.67 50.99 -37.57
C GLY E 278 12.20 51.80 -36.40
N ALA E 279 11.47 52.86 -36.08
CA ALA E 279 11.87 53.77 -35.02
C ALA E 279 10.62 54.30 -34.32
N SER E 280 10.83 54.85 -33.12
CA SER E 280 9.76 55.44 -32.33
C SER E 280 10.26 56.77 -31.79
N SER E 281 9.32 57.70 -31.59
CA SER E 281 9.62 58.99 -30.97
C SER E 281 8.49 59.24 -29.98
N CYS E 282 8.81 59.19 -28.68
CA CYS E 282 7.73 59.25 -27.66
C CYS E 282 7.82 60.37 -26.64
N ASP E 283 6.81 60.49 -25.78
CA ASP E 283 6.73 61.45 -24.64
C ASP E 283 7.17 62.88 -24.96
N GLY E 284 6.76 63.44 -26.08
CA GLY E 284 7.10 64.85 -26.28
C GLY E 284 8.59 65.07 -26.19
N LYS E 285 9.36 64.03 -26.46
CA LYS E 285 10.83 64.17 -26.51
C LYS E 285 11.25 63.57 -27.85
N ALA E 286 12.54 63.43 -28.10
CA ALA E 286 13.02 62.85 -29.35
C ALA E 286 13.73 61.51 -29.11
N VAL E 287 13.23 60.71 -28.18
CA VAL E 287 13.82 59.42 -27.88
C VAL E 287 12.83 58.30 -28.19
N SER E 288 13.33 57.08 -28.14
CA SER E 288 12.51 55.90 -28.33
C SER E 288 11.60 55.69 -27.12
N ALA E 289 10.47 55.01 -27.36
CA ALA E 289 9.61 54.67 -26.24
C ALA E 289 10.26 53.64 -25.33
N LEU E 290 11.28 52.95 -25.82
CA LEU E 290 12.03 52.03 -25.00
C LEU E 290 12.93 52.74 -24.00
N ASP E 291 13.08 54.06 -24.13
CA ASP E 291 13.94 54.84 -23.26
C ASP E 291 13.17 55.84 -22.41
N ILE E 292 11.84 55.74 -22.37
CA ILE E 292 11.00 56.62 -21.57
C ILE E 292 10.82 55.99 -20.20
N PRO E 293 11.25 56.63 -19.12
CA PRO E 293 11.03 56.05 -17.79
C PRO E 293 9.54 55.98 -17.48
N ILE E 294 9.11 54.82 -17.01
CA ILE E 294 7.73 54.58 -16.60
C ILE E 294 7.69 54.64 -15.08
N LEU E 295 7.15 55.74 -14.55
CA LEU E 295 7.15 55.95 -13.11
C LEU E 295 5.87 55.43 -12.46
N VAL E 296 4.74 55.55 -13.13
CA VAL E 296 3.48 54.99 -12.67
C VAL E 296 2.91 54.12 -13.78
N CYS E 297 2.07 53.16 -13.40
CA CYS E 297 1.54 52.21 -14.37
C CYS E 297 0.58 52.90 -15.34
N ASP E 298 -0.24 53.82 -14.85
CA ASP E 298 -1.19 54.54 -15.68
C ASP E 298 -0.58 55.76 -16.37
N GLN E 299 0.74 55.77 -16.54
CA GLN E 299 1.40 56.92 -17.16
C GLN E 299 0.99 57.04 -18.62
N ARG E 300 0.73 58.28 -19.05
CA ARG E 300 0.31 58.56 -20.40
C ARG E 300 1.47 59.13 -21.21
N THR E 301 1.29 59.14 -22.53
CA THR E 301 2.36 59.57 -23.44
C THR E 301 1.77 59.82 -24.82
N GLN E 302 2.64 60.25 -25.72
CA GLN E 302 2.36 60.42 -27.14
C GLN E 302 3.45 59.65 -27.87
N ILE E 303 3.25 59.39 -29.17
CA ILE E 303 4.15 58.49 -29.89
C ILE E 303 4.10 58.78 -31.38
N CYS E 304 5.17 58.41 -32.08
CA CYS E 304 5.20 58.31 -33.52
C CYS E 304 5.97 57.03 -33.86
N TYR E 305 5.38 56.19 -34.71
CA TYR E 305 5.99 54.95 -35.17
C TYR E 305 6.16 55.03 -36.68
N GLY E 306 7.25 54.49 -37.19
CA GLY E 306 7.42 54.44 -38.63
C GLY E 306 8.85 54.10 -39.02
N SER E 307 9.08 54.17 -40.33
CA SER E 307 10.42 54.00 -40.88
C SER E 307 11.35 55.07 -40.34
N ILE E 308 12.66 54.80 -40.43
CA ILE E 308 13.66 55.75 -39.96
C ILE E 308 13.48 57.10 -40.66
N GLY E 309 13.20 57.06 -41.97
CA GLY E 309 13.00 58.30 -42.71
C GLY E 309 11.78 59.07 -42.24
N GLU E 310 10.67 58.39 -41.98
CA GLU E 310 9.44 59.07 -41.61
C GLU E 310 9.45 59.53 -40.15
N VAL E 311 10.20 58.85 -39.29
CA VAL E 311 10.34 59.35 -37.92
C VAL E 311 11.28 60.54 -37.87
N ARG E 312 12.32 60.53 -38.71
CA ARG E 312 13.17 61.70 -38.84
C ARG E 312 12.35 62.94 -39.23
N ARG E 313 11.46 62.78 -40.21
CA ARG E 313 10.61 63.90 -40.61
C ARG E 313 9.67 64.32 -39.47
N PHE E 314 9.22 63.37 -38.67
CA PHE E 314 8.34 63.71 -37.55
C PHE E 314 9.05 64.63 -36.56
N GLU E 315 10.26 64.25 -36.14
CA GLU E 315 10.99 65.05 -35.16
C GLU E 315 11.45 66.38 -35.74
N GLU E 316 11.80 66.41 -37.03
CA GLU E 316 12.20 67.65 -37.68
C GLU E 316 11.04 68.65 -37.72
N TYR E 317 9.82 68.16 -37.98
CA TYR E 317 8.67 69.05 -38.06
C TYR E 317 8.22 69.50 -36.67
N MET E 318 8.30 68.61 -35.68
CA MET E 318 7.75 68.89 -34.36
C MET E 318 8.73 69.63 -33.45
N TYR E 319 10.04 69.39 -33.59
CA TYR E 319 11.02 69.91 -32.65
C TYR E 319 12.09 70.79 -33.29
N GLY E 320 12.24 70.75 -34.61
CA GLY E 320 13.26 71.53 -35.27
C GLY E 320 14.32 70.67 -35.93
N THR E 321 14.77 69.62 -35.24
CA THR E 321 15.76 68.71 -35.79
C THR E 321 15.62 67.36 -35.10
N SER E 322 16.12 66.32 -35.78
CA SER E 322 16.14 64.98 -35.22
C SER E 322 17.53 64.67 -34.69
N PRO E 323 17.75 64.71 -33.37
CA PRO E 323 19.09 64.40 -32.84
C PRO E 323 19.65 63.07 -33.30
N ARG E 324 18.78 62.08 -33.51
CA ARG E 324 19.25 60.74 -33.87
C ARG E 324 19.43 60.55 -35.37
N PHE E 325 18.59 61.17 -36.19
CA PHE E 325 18.53 60.84 -37.61
C PHE E 325 18.82 61.99 -38.55
N SER E 326 18.79 63.23 -38.08
CA SER E 326 19.14 64.36 -38.93
C SER E 326 20.65 64.41 -39.10
N GLU E 327 21.12 64.49 -40.33
CA GLU E 327 22.54 64.44 -40.61
C GLU E 327 23.28 65.66 -40.05
N GLY F 18 27.61 -23.75 -9.96
CA GLY F 18 28.96 -23.90 -10.49
C GLY F 18 29.62 -25.19 -10.04
N ASP F 19 30.91 -25.12 -9.72
CA ASP F 19 31.69 -26.29 -9.35
C ASP F 19 32.22 -26.14 -7.92
N SER F 20 32.76 -27.23 -7.39
CA SER F 20 33.06 -27.30 -5.97
C SER F 20 34.35 -26.57 -5.64
N LEU F 21 34.62 -26.47 -4.34
CA LEU F 21 35.84 -25.79 -3.89
C LEU F 21 37.08 -26.62 -4.20
N ALA F 22 37.01 -27.93 -3.96
CA ALA F 22 38.16 -28.79 -4.26
C ALA F 22 38.52 -28.75 -5.74
N GLU F 23 37.51 -28.70 -6.61
CA GLU F 23 37.77 -28.64 -8.04
C GLU F 23 38.36 -27.28 -8.44
N PHE F 24 37.88 -26.20 -7.81
CA PHE F 24 38.43 -24.88 -8.10
C PHE F 24 39.90 -24.79 -7.72
N LEU F 25 40.25 -25.36 -6.57
CA LEU F 25 41.62 -25.24 -6.06
C LEU F 25 42.64 -25.92 -6.97
N VAL F 26 42.23 -26.98 -7.67
CA VAL F 26 43.15 -27.70 -8.55
C VAL F 26 43.64 -26.80 -9.68
N GLU F 27 42.86 -25.81 -10.07
CA GLU F 27 43.24 -24.90 -11.14
C GLU F 27 43.85 -23.60 -10.64
N ALA F 28 43.56 -23.20 -9.39
CA ALA F 28 44.07 -21.94 -8.88
C ALA F 28 45.57 -22.03 -8.58
N THR F 29 45.98 -23.05 -7.84
CA THR F 29 47.37 -23.17 -7.44
C THR F 29 47.90 -24.57 -7.73
N PRO F 30 49.18 -24.67 -8.09
CA PRO F 30 49.79 -26.00 -8.27
C PRO F 30 50.29 -26.63 -6.98
N ASP F 31 50.21 -25.92 -5.86
CA ASP F 31 50.71 -26.43 -4.59
C ASP F 31 49.61 -27.23 -3.89
N PRO F 32 49.75 -28.56 -3.76
CA PRO F 32 48.72 -29.32 -3.06
C PRO F 32 48.66 -29.00 -1.57
N LYS F 33 49.74 -28.52 -0.98
CA LYS F 33 49.70 -28.08 0.41
C LYS F 33 48.81 -26.85 0.56
N LEU F 34 48.92 -25.89 -0.36
CA LEU F 34 48.06 -24.72 -0.31
C LEU F 34 46.60 -25.11 -0.44
N ARG F 35 46.30 -26.12 -1.26
CA ARG F 35 44.93 -26.59 -1.39
C ARG F 35 44.43 -27.21 -0.10
N GLN F 36 45.26 -28.02 0.57
CA GLN F 36 44.87 -28.60 1.85
C GLN F 36 44.61 -27.51 2.88
N LEU F 37 45.41 -26.45 2.86
CA LEU F 37 45.22 -25.36 3.80
C LEU F 37 43.90 -24.64 3.54
N MET F 38 43.62 -24.32 2.27
CA MET F 38 42.36 -23.67 1.93
C MET F 38 41.17 -24.55 2.27
N MET F 39 41.29 -25.86 2.05
CA MET F 39 40.21 -26.77 2.40
C MET F 39 40.00 -26.81 3.91
N SER F 40 41.09 -26.75 4.68
CA SER F 40 40.96 -26.76 6.14
C SER F 40 40.37 -25.46 6.65
N MET F 41 40.68 -24.34 5.99
CA MET F 41 40.09 -23.06 6.38
C MET F 41 38.59 -23.01 6.07
N ALA F 42 38.18 -23.61 4.95
CA ALA F 42 36.75 -23.65 4.63
C ALA F 42 35.99 -24.57 5.58
N GLU F 43 36.62 -25.64 6.05
CA GLU F 43 35.97 -26.51 7.03
C GLU F 43 35.83 -25.81 8.38
N ALA F 44 36.84 -25.04 8.78
CA ALA F 44 36.73 -24.29 10.02
C ALA F 44 35.67 -23.20 9.92
N THR F 45 35.57 -22.57 8.75
CA THR F 45 34.51 -21.59 8.54
C THR F 45 33.13 -22.22 8.69
N ARG F 46 32.98 -23.47 8.25
CA ARG F 46 31.69 -24.14 8.37
C ARG F 46 31.35 -24.42 9.83
N THR F 47 32.33 -24.82 10.63
CA THR F 47 32.05 -25.13 12.03
C THR F 47 31.74 -23.87 12.82
N ILE F 48 32.48 -22.79 12.58
CA ILE F 48 32.23 -21.52 13.27
C ILE F 48 30.85 -21.00 12.91
N ALA F 49 30.42 -21.21 11.65
CA ALA F 49 29.09 -20.78 11.26
C ALA F 49 28.01 -21.48 12.08
N HIS F 50 28.25 -22.75 12.44
CA HIS F 50 27.27 -23.48 13.25
C HIS F 50 27.34 -23.07 14.71
N LYS F 51 28.54 -22.73 15.22
CA LYS F 51 28.64 -22.29 16.61
C LYS F 51 27.98 -20.94 16.80
N VAL F 52 28.13 -20.04 15.83
CA VAL F 52 27.46 -18.74 15.92
C VAL F 52 25.96 -18.93 15.74
N ARG F 53 25.56 -19.86 14.87
CA ARG F 53 24.14 -20.08 14.58
C ARG F 53 23.36 -20.46 15.84
N THR F 54 23.95 -21.30 16.68
CA THR F 54 23.30 -21.77 17.88
C THR F 54 23.91 -21.14 19.14
N ALA F 55 24.47 -19.95 18.99
CA ALA F 55 25.10 -19.29 20.13
C ALA F 55 24.04 -18.67 21.03
N SER F 56 24.28 -18.73 22.34
CA SER F 56 23.34 -18.21 23.32
C SER F 56 23.83 -16.88 23.86
N CYS F 57 23.51 -15.80 23.12
CA CYS F 57 23.66 -14.45 23.66
C CYS F 57 22.57 -14.25 24.69
N ALA F 58 22.74 -14.88 25.85
CA ALA F 58 21.78 -14.85 26.94
C ALA F 58 22.37 -14.17 28.18
N GLY F 59 23.26 -13.20 27.96
CA GLY F 59 23.87 -12.48 29.06
C GLY F 59 24.84 -11.42 28.59
N THR F 60 26.01 -11.34 29.24
CA THR F 60 27.00 -10.34 28.90
C THR F 60 27.76 -10.67 27.62
N ALA F 61 27.61 -11.88 27.08
CA ALA F 61 28.33 -12.26 25.87
C ALA F 61 27.65 -13.46 25.23
N CYS F 62 27.96 -13.67 23.96
CA CYS F 62 27.56 -14.88 23.27
C CYS F 62 28.50 -16.02 23.65
N VAL F 63 27.94 -17.23 23.72
CA VAL F 63 28.69 -18.39 24.18
C VAL F 63 28.35 -19.60 23.33
N ASN F 64 29.31 -20.51 23.22
CA ASN F 64 29.10 -21.86 22.72
C ASN F 64 30.22 -22.73 23.30
N SER F 65 30.40 -23.93 22.75
CA SER F 65 31.31 -24.90 23.34
C SER F 65 32.40 -25.29 22.35
N PHE F 66 33.66 -25.22 22.82
CA PHE F 66 34.80 -25.88 22.19
C PHE F 66 35.15 -27.08 23.07
N GLY F 67 34.77 -28.27 22.63
CA GLY F 67 34.94 -29.44 23.46
C GLY F 67 34.06 -29.37 24.70
N ASP F 68 34.65 -29.14 25.87
CA ASP F 68 33.91 -29.12 27.12
C ASP F 68 34.24 -27.89 27.96
N GLU F 69 34.51 -26.75 27.31
CA GLU F 69 34.70 -25.47 27.98
C GLU F 69 33.74 -24.46 27.36
N GLN F 70 32.79 -23.97 28.15
CA GLN F 70 31.79 -23.04 27.66
C GLN F 70 32.43 -21.66 27.56
N LEU F 71 33.03 -21.37 26.40
CA LEU F 71 33.72 -20.12 26.15
C LEU F 71 32.82 -19.18 25.36
N ALA F 72 33.38 -18.06 24.95
CA ALA F 72 32.68 -17.11 24.09
C ALA F 72 32.84 -17.51 22.63
N VAL F 73 31.98 -16.95 21.77
CA VAL F 73 32.01 -17.35 20.38
C VAL F 73 33.33 -16.97 19.72
N ASP F 74 33.83 -15.77 20.00
CA ASP F 74 35.11 -15.37 19.43
C ASP F 74 36.25 -16.23 19.94
N MET F 75 36.06 -16.90 21.08
CA MET F 75 37.06 -17.80 21.61
C MET F 75 36.87 -19.22 21.10
N VAL F 76 35.63 -19.63 20.84
CA VAL F 76 35.39 -20.91 20.19
C VAL F 76 35.94 -20.87 18.78
N ALA F 77 35.79 -19.74 18.09
CA ALA F 77 36.35 -19.58 16.76
C ALA F 77 37.88 -19.63 16.81
N ASP F 78 38.48 -18.99 17.81
CA ASP F 78 39.93 -19.03 17.97
C ASP F 78 40.46 -20.46 18.04
N LYS F 79 39.88 -21.26 18.92
CA LYS F 79 40.40 -22.61 19.13
C LYS F 79 40.11 -23.50 17.93
N LEU F 80 39.03 -23.24 17.20
CA LEU F 80 38.70 -24.04 16.03
C LEU F 80 39.66 -23.76 14.87
N LEU F 81 40.08 -22.50 14.71
CA LEU F 81 41.01 -22.16 13.66
C LEU F 81 42.42 -22.67 13.98
N PHE F 82 42.86 -22.53 15.23
CA PHE F 82 44.13 -23.11 15.63
C PHE F 82 44.12 -24.63 15.46
N GLU F 83 43.01 -25.27 15.81
CA GLU F 83 42.86 -26.71 15.62
C GLU F 83 42.95 -27.08 14.14
N ALA F 84 42.27 -26.33 13.28
CA ALA F 84 42.30 -26.63 11.86
C ALA F 84 43.68 -26.43 11.27
N LEU F 85 44.42 -25.42 11.76
CA LEU F 85 45.78 -25.21 11.29
C LEU F 85 46.72 -26.28 11.80
N LYS F 86 46.52 -26.74 13.03
CA LYS F 86 47.37 -27.79 13.60
C LYS F 86 47.25 -29.08 12.80
N TYR F 87 46.02 -29.51 12.54
CA TYR F 87 45.77 -30.80 11.90
C TYR F 87 45.82 -30.73 10.38
N SER F 88 46.12 -29.57 9.80
CA SER F 88 46.33 -29.49 8.37
C SER F 88 47.74 -29.93 7.99
N HIS F 89 48.69 -29.86 8.91
CA HIS F 89 50.09 -30.25 8.78
C HIS F 89 50.87 -29.36 7.81
N VAL F 90 50.25 -28.34 7.24
CA VAL F 90 50.94 -27.44 6.31
C VAL F 90 51.06 -26.02 6.88
N CYS F 91 50.94 -25.88 8.19
CA CYS F 91 51.00 -24.60 8.86
C CYS F 91 52.18 -24.58 9.82
N LYS F 92 53.12 -23.66 9.60
CA LYS F 92 54.27 -23.50 10.49
C LYS F 92 53.93 -22.58 11.65
N LEU F 93 53.58 -21.33 11.35
CA LEU F 93 53.24 -20.34 12.35
C LEU F 93 51.79 -19.89 12.18
N ALA F 94 51.12 -19.66 13.30
CA ALA F 94 49.77 -19.14 13.33
C ALA F 94 49.69 -18.02 14.35
N CYS F 95 48.83 -17.04 14.08
CA CYS F 95 48.71 -15.90 14.98
C CYS F 95 47.28 -15.38 14.95
N SER F 96 46.72 -15.16 16.15
CA SER F 96 45.37 -14.68 16.33
C SER F 96 45.38 -13.27 16.92
N GLU F 97 44.30 -12.52 16.65
CA GLU F 97 44.18 -11.19 17.23
C GLU F 97 44.14 -11.27 18.76
N GLU F 98 43.63 -12.38 19.31
CA GLU F 98 43.51 -12.50 20.75
C GLU F 98 44.87 -12.55 21.43
N VAL F 99 45.77 -13.39 20.92
CA VAL F 99 47.14 -13.47 21.43
C VAL F 99 48.12 -13.10 20.32
N PRO F 100 48.46 -11.81 20.17
CA PRO F 100 49.30 -11.39 19.03
C PRO F 100 50.76 -11.81 19.16
N GLU F 101 50.97 -13.09 19.46
CA GLU F 101 52.29 -13.68 19.54
C GLU F 101 52.26 -14.98 18.74
N PRO F 102 53.07 -15.11 17.70
CA PRO F 102 53.02 -16.32 16.86
C PRO F 102 53.28 -17.57 17.68
N VAL F 103 52.78 -18.69 17.17
CA VAL F 103 52.88 -19.98 17.83
C VAL F 103 53.15 -21.04 16.78
N ASP F 104 53.96 -22.03 17.13
CA ASP F 104 54.35 -23.06 16.18
C ASP F 104 53.32 -24.18 16.23
N MET F 105 52.85 -24.58 15.06
CA MET F 105 51.78 -25.56 14.94
C MET F 105 52.30 -26.94 14.54
N GLY F 106 53.61 -27.16 14.61
CA GLY F 106 54.16 -28.47 14.36
C GLY F 106 54.12 -28.90 12.92
N GLY F 107 53.74 -27.99 12.01
CA GLY F 107 53.73 -28.28 10.60
C GLY F 107 54.82 -27.52 9.85
N GLU F 108 54.67 -27.51 8.53
CA GLU F 108 55.64 -26.82 7.69
C GLU F 108 55.03 -26.51 6.34
N GLY F 109 55.26 -25.28 5.86
CA GLY F 109 54.75 -24.85 4.57
C GLY F 109 54.33 -23.39 4.51
N PHE F 110 53.37 -23.00 5.36
CA PHE F 110 52.77 -21.67 5.31
C PHE F 110 52.61 -21.12 6.72
N CYS F 111 52.48 -19.79 6.79
CA CYS F 111 52.15 -19.07 8.02
C CYS F 111 50.85 -18.32 7.82
N VAL F 112 49.92 -18.49 8.77
CA VAL F 112 48.56 -17.98 8.65
C VAL F 112 48.28 -17.05 9.83
N ALA F 113 47.76 -15.85 9.53
CA ALA F 113 47.27 -14.92 10.53
C ALA F 113 45.79 -14.66 10.29
N PHE F 114 45.02 -14.57 11.37
CA PHE F 114 43.57 -14.52 11.24
C PHE F 114 42.93 -13.70 12.35
N ASP F 115 41.76 -13.12 12.03
CA ASP F 115 40.85 -12.57 13.03
C ASP F 115 39.73 -13.58 13.19
N PRO F 116 39.62 -14.27 14.34
CA PRO F 116 38.66 -15.39 14.43
C PRO F 116 37.22 -15.00 14.17
N LEU F 117 36.75 -13.92 14.77
CA LEU F 117 35.39 -13.42 14.58
C LEU F 117 35.49 -11.90 14.60
N ASP F 118 35.24 -11.28 13.44
CA ASP F 118 35.44 -9.84 13.33
C ASP F 118 34.33 -9.04 14.00
N GLY F 119 33.08 -9.38 13.70
CA GLY F 119 31.99 -8.70 14.36
C GLY F 119 31.98 -8.98 15.84
N SER F 120 31.91 -7.92 16.66
CA SER F 120 31.94 -8.03 18.11
C SER F 120 30.96 -7.09 18.82
N SER F 121 30.58 -5.98 18.20
CA SER F 121 29.57 -5.06 18.70
C SER F 121 28.22 -5.30 18.04
N ILE F 122 28.12 -6.33 17.20
CA ILE F 122 26.93 -6.59 16.39
C ILE F 122 26.51 -8.06 16.46
N VAL F 123 27.17 -8.87 17.29
CA VAL F 123 26.83 -10.29 17.35
C VAL F 123 25.47 -10.49 18.00
N ASP F 124 25.18 -9.73 19.05
CA ASP F 124 23.88 -9.84 19.70
C ASP F 124 22.74 -9.33 18.83
N THR F 125 23.03 -8.48 17.86
CA THR F 125 22.00 -7.89 17.00
C THR F 125 21.77 -8.67 15.72
N ASN F 126 22.25 -9.92 15.66
CA ASN F 126 22.11 -10.78 14.48
C ASN F 126 22.51 -10.07 13.19
N PHE F 127 23.53 -9.23 13.27
CA PHE F 127 24.10 -8.62 12.08
C PHE F 127 25.09 -9.61 11.45
N ALA F 128 25.50 -9.33 10.22
CA ALA F 128 26.49 -10.19 9.58
C ALA F 128 27.85 -10.01 10.25
N VAL F 129 28.52 -11.13 10.52
CA VAL F 129 29.85 -11.15 11.11
C VAL F 129 30.74 -12.02 10.22
N GLY F 130 32.02 -12.11 10.59
CA GLY F 130 32.91 -12.82 9.69
C GLY F 130 34.26 -13.13 10.30
N THR F 131 35.00 -13.96 9.56
CA THR F 131 36.38 -14.33 9.87
C THR F 131 37.28 -13.83 8.76
N ILE F 132 38.44 -13.29 9.12
CA ILE F 132 39.44 -12.86 8.15
C ILE F 132 40.72 -13.64 8.39
N PHE F 133 41.38 -14.06 7.30
CA PHE F 133 42.66 -14.73 7.43
C PHE F 133 43.51 -14.43 6.20
N GLY F 134 44.81 -14.29 6.43
CA GLY F 134 45.77 -14.17 5.36
C GLY F 134 46.81 -15.27 5.50
N VAL F 135 47.29 -15.76 4.36
CA VAL F 135 48.21 -16.89 4.32
C VAL F 135 49.52 -16.40 3.71
N TRP F 136 50.61 -16.56 4.46
CA TRP F 136 51.93 -16.13 4.02
C TRP F 136 52.84 -17.33 3.87
N PRO F 137 53.69 -17.36 2.85
CA PRO F 137 54.64 -18.45 2.69
C PRO F 137 55.83 -18.28 3.62
N GLY F 138 56.37 -19.41 4.07
CA GLY F 138 57.62 -19.34 4.79
C GLY F 138 57.54 -19.69 6.27
N ASP F 139 58.28 -18.94 7.08
CA ASP F 139 58.42 -19.24 8.49
C ASP F 139 58.35 -17.99 9.37
N LYS F 140 57.90 -16.85 8.85
CA LYS F 140 57.85 -15.61 9.60
C LYS F 140 56.51 -14.93 9.38
N LEU F 141 55.95 -14.37 10.46
CA LEU F 141 54.76 -13.53 10.38
C LEU F 141 55.06 -12.07 10.67
N THR F 142 56.32 -11.72 10.84
CA THR F 142 56.76 -10.35 11.01
C THR F 142 57.80 -10.02 9.95
N ASN F 143 57.99 -8.72 9.71
CA ASN F 143 58.88 -8.24 8.66
C ASN F 143 58.48 -8.81 7.30
N ILE F 144 57.19 -8.75 7.02
CA ILE F 144 56.61 -9.19 5.76
C ILE F 144 55.71 -8.09 5.23
N THR F 145 55.18 -8.29 4.03
CA THR F 145 54.22 -7.37 3.42
C THR F 145 53.02 -8.16 2.95
N GLY F 146 51.92 -7.44 2.72
CA GLY F 146 50.71 -8.08 2.25
C GLY F 146 50.81 -8.61 0.83
N ARG F 147 51.76 -8.10 0.05
CA ARG F 147 51.92 -8.59 -1.31
C ARG F 147 52.59 -9.96 -1.35
N GLU F 148 53.30 -10.33 -0.30
CA GLU F 148 53.92 -11.65 -0.23
C GLU F 148 52.92 -12.75 0.07
N GLN F 149 51.65 -12.41 0.26
CA GLN F 149 50.63 -13.43 0.58
C GLN F 149 50.42 -14.36 -0.61
N VAL F 150 50.32 -15.66 -0.30
CA VAL F 150 49.98 -16.63 -1.35
C VAL F 150 48.48 -16.82 -1.47
N ALA F 151 47.71 -16.46 -0.45
CA ALA F 151 46.26 -16.56 -0.46
C ALA F 151 45.72 -15.76 0.70
N ALA F 152 44.47 -15.32 0.55
CA ALA F 152 43.75 -14.64 1.61
C ALA F 152 42.28 -14.94 1.43
N GLY F 153 41.54 -14.86 2.52
CA GLY F 153 40.12 -15.19 2.44
C GLY F 153 39.37 -14.69 3.65
N MET F 154 38.04 -14.70 3.50
CA MET F 154 37.13 -14.34 4.57
C MET F 154 35.89 -15.21 4.51
N GLY F 155 35.43 -15.66 5.68
CA GLY F 155 34.17 -16.35 5.82
C GLY F 155 33.14 -15.40 6.41
N ILE F 156 31.98 -15.32 5.75
CA ILE F 156 30.93 -14.39 6.12
C ILE F 156 29.76 -15.18 6.68
N TYR F 157 29.39 -14.87 7.92
CA TYR F 157 28.29 -15.55 8.61
C TYR F 157 27.07 -14.63 8.58
N GLY F 158 26.14 -14.92 7.68
CA GLY F 158 24.90 -14.19 7.60
C GLY F 158 23.73 -15.14 7.45
N PRO F 159 22.67 -14.71 6.77
CA PRO F 159 21.61 -15.68 6.42
C PRO F 159 22.15 -16.86 5.64
N ARG F 160 23.10 -16.60 4.75
CA ARG F 160 23.90 -17.62 4.09
C ARG F 160 25.28 -17.66 4.73
N THR F 161 26.02 -18.71 4.42
CA THR F 161 27.42 -18.82 4.84
C THR F 161 28.30 -18.79 3.60
N VAL F 162 29.19 -17.79 3.54
CA VAL F 162 29.97 -17.53 2.33
C VAL F 162 31.45 -17.63 2.68
N PHE F 163 32.21 -18.26 1.80
CA PHE F 163 33.66 -18.37 1.91
C PHE F 163 34.25 -17.65 0.72
N CYS F 164 34.79 -16.46 0.96
CA CYS F 164 35.31 -15.59 -0.09
C CYS F 164 36.83 -15.60 -0.02
N ILE F 165 37.47 -16.05 -1.09
CA ILE F 165 38.92 -16.23 -1.12
C ILE F 165 39.48 -15.69 -2.41
N ALA F 166 40.79 -15.47 -2.40
CA ALA F 166 41.56 -15.12 -3.59
C ALA F 166 42.96 -15.69 -3.41
N LEU F 167 43.51 -16.23 -4.50
CA LEU F 167 44.83 -16.84 -4.47
C LEU F 167 45.77 -16.06 -5.36
N LYS F 168 47.03 -15.95 -4.93
CA LYS F 168 48.02 -15.19 -5.68
C LYS F 168 48.24 -15.81 -7.05
N ASP F 169 48.14 -17.12 -7.17
CA ASP F 169 48.37 -17.83 -8.41
C ASP F 169 47.13 -17.91 -9.28
N ALA F 170 46.12 -17.07 -9.02
CA ALA F 170 44.85 -17.18 -9.71
C ALA F 170 44.20 -15.81 -9.87
N PRO F 171 43.51 -15.56 -10.98
CA PRO F 171 42.90 -14.24 -11.19
C PRO F 171 41.53 -14.11 -10.56
N GLY F 172 41.31 -13.03 -9.81
CA GLY F 172 39.99 -12.67 -9.36
C GLY F 172 39.74 -13.05 -7.91
N CYS F 173 38.61 -12.55 -7.41
CA CYS F 173 38.11 -12.83 -6.07
C CYS F 173 36.88 -13.70 -6.21
N HIS F 174 36.85 -14.82 -5.49
CA HIS F 174 35.88 -15.87 -5.72
C HIS F 174 34.98 -16.08 -4.50
N GLU F 175 33.70 -16.32 -4.79
CA GLU F 175 32.66 -16.47 -3.77
C GLU F 175 32.23 -17.93 -3.72
N PHE F 176 32.17 -18.50 -2.52
CA PHE F 176 31.73 -19.88 -2.35
C PHE F 176 30.58 -19.92 -1.36
N LEU F 177 29.53 -20.65 -1.70
CA LEU F 177 28.33 -20.79 -0.88
C LEU F 177 28.29 -22.16 -0.22
N LEU F 178 27.96 -22.19 1.07
CA LEU F 178 27.82 -23.44 1.80
C LEU F 178 26.46 -24.06 1.47
N MET F 179 26.49 -25.23 0.83
CA MET F 179 25.27 -25.89 0.37
C MET F 179 24.73 -26.84 1.44
N ASP F 180 23.54 -27.38 1.17
CA ASP F 180 22.86 -28.27 2.11
C ASP F 180 23.68 -29.52 2.42
N ASP F 181 24.44 -30.03 1.44
CA ASP F 181 25.21 -31.26 1.65
C ASP F 181 26.47 -31.04 2.49
N GLY F 182 26.73 -29.81 2.93
CA GLY F 182 27.92 -29.52 3.69
C GLY F 182 29.13 -29.20 2.84
N LYS F 183 28.96 -28.95 1.55
CA LYS F 183 30.04 -28.67 0.63
C LYS F 183 29.96 -27.22 0.16
N TRP F 184 31.06 -26.75 -0.45
CA TRP F 184 31.17 -25.40 -0.94
C TRP F 184 31.05 -25.38 -2.47
N MET F 185 30.29 -24.42 -2.98
CA MET F 185 30.04 -24.30 -4.42
C MET F 185 30.40 -22.90 -4.90
N HIS F 186 31.15 -22.82 -5.99
CA HIS F 186 31.48 -21.54 -6.59
C HIS F 186 30.22 -20.86 -7.10
N VAL F 187 30.02 -19.59 -6.75
CA VAL F 187 28.80 -18.88 -7.12
C VAL F 187 29.05 -17.55 -7.80
N LYS F 188 30.21 -16.92 -7.64
CA LYS F 188 30.47 -15.65 -8.30
C LYS F 188 31.97 -15.41 -8.34
N GLU F 189 32.46 -14.95 -9.49
CA GLU F 189 33.83 -14.48 -9.63
C GLU F 189 33.80 -13.01 -9.97
N THR F 190 34.45 -12.19 -9.15
CA THR F 190 34.52 -10.75 -9.35
C THR F 190 35.90 -10.39 -9.85
N THR F 191 35.96 -9.56 -10.90
CA THR F 191 37.21 -9.13 -11.50
C THR F 191 37.25 -7.63 -11.77
N HIS F 192 36.17 -6.91 -11.46
CA HIS F 192 36.10 -5.47 -11.72
C HIS F 192 35.24 -4.80 -10.68
N ILE F 193 35.79 -3.77 -10.03
CA ILE F 193 35.04 -2.91 -9.13
C ILE F 193 34.97 -1.54 -9.78
N GLY F 194 33.75 -1.11 -10.14
CA GLY F 194 33.55 0.11 -10.87
C GLY F 194 33.10 1.26 -9.98
N GLU F 195 32.52 2.27 -10.60
CA GLU F 195 32.15 3.49 -9.89
C GLU F 195 30.68 3.48 -9.52
N GLY F 196 30.39 4.09 -8.38
CA GLY F 196 29.04 4.14 -7.86
C GLY F 196 29.04 4.92 -6.57
N LYS F 197 27.85 5.19 -6.07
CA LYS F 197 27.68 6.04 -4.90
C LYS F 197 27.23 5.17 -3.73
N MET F 198 28.21 4.69 -2.96
CA MET F 198 27.96 3.92 -1.75
C MET F 198 29.21 4.02 -0.89
N PHE F 199 29.04 4.31 0.40
CA PHE F 199 30.21 4.54 1.24
C PHE F 199 29.97 3.96 2.64
N ALA F 200 31.08 3.63 3.29
CA ALA F 200 31.08 3.11 4.65
C ALA F 200 32.03 3.99 5.44
N PRO F 201 31.51 4.98 6.15
CA PRO F 201 32.38 5.93 6.84
C PRO F 201 32.81 5.43 8.20
N GLY F 202 33.94 4.73 8.22
CA GLY F 202 34.49 4.29 9.48
C GLY F 202 35.24 5.40 10.16
N ASN F 203 35.35 5.30 11.47
CA ASN F 203 35.96 6.32 12.32
C ASN F 203 35.38 7.70 11.96
N LEU F 204 34.05 7.79 12.03
CA LEU F 204 33.38 9.04 11.70
C LEU F 204 33.51 10.08 12.81
N ARG F 205 34.13 9.70 13.92
CA ARG F 205 34.49 10.63 14.98
C ARG F 205 35.71 11.46 14.60
N ALA F 206 36.39 11.13 13.50
CA ALA F 206 37.58 11.87 13.10
C ALA F 206 37.24 13.05 12.20
N THR F 207 36.00 13.15 11.73
CA THR F 207 35.48 14.36 11.10
C THR F 207 35.20 15.37 12.20
N PHE F 208 36.17 15.57 13.08
CA PHE F 208 36.05 16.44 14.25
C PHE F 208 37.42 16.94 14.64
N ASP F 209 38.46 16.33 14.06
CA ASP F 209 39.85 16.68 14.31
C ASP F 209 40.62 16.71 13.00
N ASN F 210 40.25 15.83 12.06
CA ASN F 210 40.80 15.77 10.70
C ASN F 210 39.98 16.65 9.78
N PRO F 211 40.48 17.84 9.43
CA PRO F 211 39.68 18.73 8.57
C PRO F 211 39.44 18.16 7.19
N ALA F 212 40.34 17.31 6.67
CA ALA F 212 40.16 16.73 5.35
C ALA F 212 39.08 15.64 5.32
N TYR F 213 39.04 14.74 6.31
CA TYR F 213 38.00 13.71 6.35
C TYR F 213 36.61 14.36 6.36
N GLU F 214 36.48 15.49 7.05
CA GLU F 214 35.22 16.23 7.02
C GLU F 214 34.86 16.64 5.61
N ARG F 215 35.82 17.24 4.88
CA ARG F 215 35.57 17.62 3.49
C ARG F 215 35.20 16.41 2.64
N LEU F 216 35.84 15.27 2.89
CA LEU F 216 35.55 14.07 2.13
C LEU F 216 34.14 13.54 2.43
N ILE F 217 33.84 13.33 3.72
CA ILE F 217 32.51 12.83 4.09
C ILE F 217 31.42 13.78 3.62
N ASN F 218 31.67 15.09 3.70
CA ASN F 218 30.67 16.04 3.22
C ASN F 218 30.50 15.95 1.72
N PHE F 219 31.55 15.57 0.98
CA PHE F 219 31.37 15.31 -0.44
C PHE F 219 30.45 14.11 -0.66
N TYR F 220 30.73 13.00 0.04
CA TYR F 220 29.88 11.83 -0.06
C TYR F 220 28.43 12.17 0.30
N LEU F 221 28.25 12.87 1.43
CA LEU F 221 26.93 13.31 1.82
C LEU F 221 26.36 14.33 0.85
N GLY F 222 27.21 15.05 0.12
CA GLY F 222 26.78 16.10 -0.77
C GLY F 222 26.42 15.66 -2.17
N GLU F 223 26.87 14.47 -2.59
CA GLU F 223 26.48 13.92 -3.87
C GLU F 223 25.42 12.84 -3.75
N LYS F 224 24.78 12.74 -2.57
CA LYS F 224 23.70 11.78 -2.32
C LYS F 224 24.18 10.33 -2.50
N TYR F 225 25.27 10.00 -1.82
CA TYR F 225 25.78 8.64 -1.76
C TYR F 225 24.94 7.81 -0.81
N THR F 226 24.67 6.56 -1.18
CA THR F 226 23.94 5.67 -0.32
C THR F 226 24.85 5.18 0.80
N LEU F 227 24.34 5.15 2.02
CA LEU F 227 25.11 4.85 3.22
C LEU F 227 24.91 3.39 3.63
N ARG F 228 26.00 2.67 3.85
CA ARG F 228 25.94 1.25 4.24
C ARG F 228 27.13 0.96 5.17
N TYR F 229 26.91 1.08 6.47
CA TYR F 229 27.92 0.83 7.48
C TYR F 229 27.31 -0.02 8.58
N THR F 230 27.86 -1.22 8.81
CA THR F 230 27.34 -2.11 9.83
C THR F 230 28.21 -2.18 11.08
N GLY F 231 29.46 -1.71 11.00
CA GLY F 231 30.37 -1.71 12.11
C GLY F 231 31.37 -2.86 12.07
N GLY F 232 31.01 -3.96 11.41
CA GLY F 232 31.92 -5.07 11.19
C GLY F 232 32.58 -4.92 9.84
N MET F 233 33.90 -5.14 9.81
CA MET F 233 34.66 -4.88 8.60
C MET F 233 34.33 -5.89 7.49
N VAL F 234 34.17 -7.16 7.85
CA VAL F 234 33.93 -8.21 6.85
C VAL F 234 32.73 -7.85 5.97
N PRO F 235 31.52 -7.61 6.52
CA PRO F 235 30.41 -7.28 5.62
C PRO F 235 30.53 -5.91 4.99
N ASP F 236 31.21 -4.96 5.65
CA ASP F 236 31.32 -3.62 5.09
C ASP F 236 32.24 -3.58 3.88
N VAL F 237 33.19 -4.50 3.79
CA VAL F 237 34.13 -4.57 2.68
C VAL F 237 33.62 -5.58 1.66
N PHE F 238 32.98 -6.65 2.13
CA PHE F 238 32.44 -7.66 1.24
C PHE F 238 31.40 -7.09 0.30
N GLN F 239 30.64 -6.07 0.74
CA GLN F 239 29.60 -5.50 -0.10
C GLN F 239 30.17 -4.79 -1.31
N ILE F 240 31.41 -4.30 -1.21
CA ILE F 240 32.07 -3.66 -2.36
C ILE F 240 32.34 -4.70 -3.46
N ILE F 241 32.74 -5.91 -3.08
CA ILE F 241 33.04 -6.94 -4.07
C ILE F 241 31.76 -7.44 -4.72
N VAL F 242 30.67 -7.54 -3.96
CA VAL F 242 29.42 -8.06 -4.52
C VAL F 242 28.75 -7.02 -5.41
N LYS F 243 28.58 -5.80 -4.90
CA LYS F 243 27.94 -4.74 -5.67
C LYS F 243 28.85 -4.20 -6.76
N GLU F 244 30.16 -4.50 -6.71
CA GLU F 244 31.14 -3.95 -7.65
C GLU F 244 31.14 -2.42 -7.63
N LYS F 245 30.97 -1.87 -6.43
CA LYS F 245 30.90 -0.43 -6.19
C LYS F 245 31.18 -0.18 -4.73
N GLY F 246 31.66 1.03 -4.40
CA GLY F 246 31.66 1.48 -3.03
C GLY F 246 33.03 1.92 -2.56
N VAL F 247 33.03 2.56 -1.39
CA VAL F 247 34.24 3.02 -0.72
C VAL F 247 34.12 2.62 0.75
N PHE F 248 35.21 2.14 1.32
CA PHE F 248 35.32 1.96 2.76
C PHE F 248 36.48 2.83 3.22
N THR F 249 36.27 3.57 4.30
CA THR F 249 37.28 4.49 4.80
C THR F 249 37.41 4.32 6.31
N ASN F 250 38.65 4.34 6.79
CA ASN F 250 38.90 4.34 8.23
C ASN F 250 40.16 5.18 8.44
N VAL F 251 39.98 6.38 8.99
CA VAL F 251 41.04 7.39 9.03
C VAL F 251 41.24 7.83 10.48
N THR F 252 42.50 7.89 10.90
CA THR F 252 42.83 8.32 12.25
C THR F 252 42.82 9.84 12.34
N SER F 253 42.89 10.34 13.57
CA SER F 253 42.83 11.78 13.82
C SER F 253 43.67 12.08 15.05
N PRO F 254 43.91 13.37 15.34
CA PRO F 254 44.64 13.71 16.58
C PRO F 254 44.04 13.10 17.84
N THR F 255 42.72 13.11 17.99
CA THR F 255 42.10 12.57 19.21
C THR F 255 41.65 11.12 19.09
N THR F 256 41.54 10.59 17.87
CA THR F 256 41.12 9.21 17.65
C THR F 256 42.28 8.41 17.09
N LYS F 257 42.60 7.28 17.73
CA LYS F 257 43.71 6.45 17.30
C LYS F 257 43.21 5.29 16.43
N ALA F 258 44.12 4.78 15.61
CA ALA F 258 43.78 3.70 14.70
C ALA F 258 43.63 2.38 15.45
N LYS F 259 42.60 1.63 15.07
CA LYS F 259 42.27 0.37 15.74
C LYS F 259 42.33 -0.85 14.83
N LEU F 260 42.46 -0.66 13.52
CA LEU F 260 42.55 -1.79 12.60
C LEU F 260 43.96 -2.39 12.62
N ARG F 261 44.03 -3.69 12.35
CA ARG F 261 45.30 -4.41 12.30
C ARG F 261 45.64 -4.77 10.87
N ILE F 262 46.93 -4.67 10.54
CA ILE F 262 47.37 -4.97 9.18
C ILE F 262 47.43 -6.47 8.96
N LEU F 263 48.00 -7.18 9.93
CA LEU F 263 48.22 -8.62 9.76
C LEU F 263 46.91 -9.39 9.76
N PHE F 264 46.05 -9.14 10.75
CA PHE F 264 44.87 -9.98 10.90
C PHE F 264 43.71 -9.54 10.01
N GLU F 265 43.64 -8.26 9.63
CA GLU F 265 42.43 -7.77 8.95
C GLU F 265 42.73 -7.00 7.67
N VAL F 266 43.58 -5.97 7.74
CA VAL F 266 43.67 -5.00 6.65
C VAL F 266 44.37 -5.61 5.43
N ALA F 267 45.53 -6.22 5.64
CA ALA F 267 46.25 -6.78 4.50
C ALA F 267 45.49 -7.91 3.80
N PRO F 268 44.93 -8.92 4.51
CA PRO F 268 44.17 -9.96 3.79
C PRO F 268 43.02 -9.40 2.98
N LEU F 269 42.27 -8.46 3.55
CA LEU F 269 41.18 -7.85 2.79
C LEU F 269 41.71 -7.03 1.63
N ALA F 270 42.93 -6.50 1.74
CA ALA F 270 43.51 -5.74 0.64
C ALA F 270 43.78 -6.63 -0.56
N LEU F 271 44.21 -7.87 -0.32
CA LEU F 271 44.38 -8.80 -1.43
C LEU F 271 43.04 -9.13 -2.06
N LEU F 272 42.02 -9.37 -1.24
CA LEU F 272 40.68 -9.63 -1.76
C LEU F 272 40.14 -8.44 -2.55
N ILE F 273 40.46 -7.21 -2.13
CA ILE F 273 39.94 -6.03 -2.81
C ILE F 273 40.73 -5.72 -4.08
N GLU F 274 42.07 -5.80 -4.01
CA GLU F 274 42.86 -5.44 -5.19
C GLU F 274 42.72 -6.50 -6.27
N LYS F 275 42.67 -7.77 -5.89
CA LYS F 275 42.12 -8.75 -6.81
C LYS F 275 40.64 -8.44 -6.92
N ALA F 276 40.10 -8.56 -8.13
CA ALA F 276 38.71 -8.26 -8.48
C ALA F 276 38.53 -6.79 -8.90
N GLY F 277 39.63 -6.06 -9.06
CA GLY F 277 39.56 -4.74 -9.65
C GLY F 277 39.57 -3.53 -8.74
N GLY F 278 39.99 -3.67 -7.48
CA GLY F 278 39.97 -2.56 -6.56
C GLY F 278 41.34 -1.98 -6.28
N ALA F 279 41.38 -1.10 -5.28
CA ALA F 279 42.61 -0.46 -4.88
C ALA F 279 42.58 -0.25 -3.38
N SER F 280 43.74 -0.02 -2.80
CA SER F 280 43.85 0.23 -1.38
C SER F 280 44.77 1.42 -1.15
N SER F 281 44.50 2.15 -0.07
CA SER F 281 45.35 3.26 0.36
C SER F 281 45.51 3.11 1.87
N CYS F 282 46.64 2.56 2.29
CA CYS F 282 46.85 2.25 3.69
C CYS F 282 47.69 3.31 4.35
N ASP F 283 47.49 3.46 5.68
CA ASP F 283 48.22 4.46 6.45
C ASP F 283 48.23 5.83 5.79
N GLY F 284 49.04 6.75 6.32
CA GLY F 284 49.20 8.03 5.67
C GLY F 284 50.11 8.06 4.45
N LYS F 285 50.32 6.93 3.75
CA LYS F 285 51.36 6.87 2.71
C LYS F 285 50.85 6.78 1.28
N ALA F 286 49.54 6.75 1.05
CA ALA F 286 48.98 6.72 -0.31
C ALA F 286 49.56 5.58 -1.15
N VAL F 287 49.83 4.45 -0.51
CA VAL F 287 50.32 3.25 -1.18
C VAL F 287 49.34 2.12 -0.90
N SER F 288 49.55 0.99 -1.57
CA SER F 288 48.71 -0.17 -1.33
C SER F 288 48.99 -0.76 0.04
N ALA F 289 47.97 -1.40 0.63
CA ALA F 289 48.17 -2.08 1.89
C ALA F 289 49.03 -3.32 1.73
N LEU F 290 49.15 -3.84 0.50
CA LEU F 290 50.04 -4.95 0.23
C LEU F 290 51.50 -4.52 0.23
N ASP F 291 51.77 -3.22 0.31
CA ASP F 291 53.11 -2.68 0.26
C ASP F 291 53.52 -2.01 1.57
N ILE F 292 52.74 -2.18 2.63
CA ILE F 292 53.05 -1.60 3.93
C ILE F 292 53.84 -2.63 4.73
N PRO F 293 55.05 -2.32 5.19
CA PRO F 293 55.82 -3.28 5.99
C PRO F 293 55.10 -3.61 7.28
N ILE F 294 55.02 -4.90 7.59
CA ILE F 294 54.39 -5.39 8.81
C ILE F 294 55.51 -5.75 9.78
N LEU F 295 55.69 -4.90 10.79
CA LEU F 295 56.82 -5.05 11.72
C LEU F 295 56.47 -5.86 12.96
N VAL F 296 55.26 -5.67 13.51
CA VAL F 296 54.76 -6.45 14.63
C VAL F 296 53.38 -7.00 14.29
N CYS F 297 52.99 -8.06 14.99
CA CYS F 297 51.71 -8.70 14.69
C CYS F 297 50.55 -7.79 15.05
N ASP F 298 50.64 -7.09 16.18
CA ASP F 298 49.58 -6.20 16.64
C ASP F 298 49.70 -4.79 16.05
N GLN F 299 50.36 -4.65 14.91
CA GLN F 299 50.54 -3.34 14.30
C GLN F 299 49.19 -2.78 13.84
N ARG F 300 48.98 -1.49 14.08
CA ARG F 300 47.75 -0.81 13.70
C ARG F 300 47.96 -0.01 12.42
N THR F 301 46.86 0.39 11.81
CA THR F 301 46.92 1.09 10.54
C THR F 301 45.58 1.73 10.23
N GLN F 302 45.54 2.42 9.09
CA GLN F 302 44.34 3.01 8.51
C GLN F 302 44.27 2.51 7.07
N ILE F 303 43.10 2.63 6.45
CA ILE F 303 42.89 1.99 5.15
C ILE F 303 41.76 2.70 4.42
N CYS F 304 41.77 2.57 3.09
CA CYS F 304 40.65 2.90 2.23
C CYS F 304 40.55 1.79 1.19
N TYR F 305 39.34 1.23 1.03
CA TYR F 305 39.08 0.20 0.04
C TYR F 305 38.03 0.72 -0.93
N GLY F 306 38.21 0.42 -2.20
CA GLY F 306 37.22 0.81 -3.19
C GLY F 306 37.77 0.68 -4.60
N SER F 307 36.96 1.15 -5.55
CA SER F 307 37.38 1.24 -6.93
C SER F 307 38.55 2.20 -7.07
N ILE F 308 39.27 2.07 -8.20
CA ILE F 308 40.42 2.92 -8.45
C ILE F 308 40.02 4.39 -8.44
N GLY F 309 38.87 4.72 -9.02
CA GLY F 309 38.42 6.10 -9.02
C GLY F 309 38.17 6.66 -7.63
N GLU F 310 37.54 5.86 -6.76
CA GLU F 310 37.20 6.34 -5.43
C GLU F 310 38.40 6.36 -4.49
N VAL F 311 39.40 5.50 -4.72
CA VAL F 311 40.63 5.59 -3.95
C VAL F 311 41.46 6.78 -4.44
N ARG F 312 41.41 7.06 -5.74
CA ARG F 312 42.03 8.28 -6.26
C ARG F 312 41.48 9.51 -5.57
N ARG F 313 40.14 9.59 -5.46
CA ARG F 313 39.52 10.71 -4.77
C ARG F 313 39.89 10.74 -3.30
N PHE F 314 40.04 9.56 -2.68
CA PHE F 314 40.40 9.50 -1.28
C PHE F 314 41.75 10.16 -1.02
N GLU F 315 42.76 9.81 -1.82
CA GLU F 315 44.10 10.37 -1.62
C GLU F 315 44.15 11.84 -2.02
N GLU F 316 43.39 12.23 -3.05
CA GLU F 316 43.36 13.63 -3.45
C GLU F 316 42.76 14.51 -2.37
N TYR F 317 41.72 14.02 -1.68
CA TYR F 317 41.11 14.79 -0.60
C TYR F 317 41.99 14.80 0.64
N MET F 318 42.66 13.68 0.92
CA MET F 318 43.42 13.53 2.16
C MET F 318 44.86 14.04 2.06
N TYR F 319 45.48 13.96 0.88
CA TYR F 319 46.89 14.27 0.75
C TYR F 319 47.20 15.33 -0.30
N GLY F 320 46.27 15.66 -1.18
CA GLY F 320 46.52 16.66 -2.19
C GLY F 320 46.53 16.09 -3.60
N THR F 321 47.16 14.94 -3.77
CA THR F 321 47.22 14.29 -5.07
C THR F 321 47.43 12.79 -4.85
N SER F 322 47.07 12.01 -5.88
CA SER F 322 47.28 10.58 -5.86
C SER F 322 48.52 10.25 -6.67
N PRO F 323 49.65 9.93 -6.03
CA PRO F 323 50.86 9.57 -6.79
C PRO F 323 50.63 8.45 -7.80
N ARG F 324 49.76 7.50 -7.48
CA ARG F 324 49.56 6.34 -8.35
C ARG F 324 48.47 6.56 -9.39
N PHE F 325 47.42 7.32 -9.07
CA PHE F 325 46.21 7.35 -9.90
C PHE F 325 45.84 8.72 -10.46
N SER F 326 46.42 9.80 -9.96
CA SER F 326 46.08 11.11 -10.50
C SER F 326 46.69 11.31 -11.88
N GLU F 327 46.10 12.23 -12.64
CA GLU F 327 46.55 12.51 -14.00
C GLU F 327 47.91 13.19 -14.00
N GLY G 18 -44.36 45.90 20.77
CA GLY G 18 -45.57 46.06 19.99
C GLY G 18 -46.01 44.77 19.31
N ASP G 19 -46.49 44.87 18.08
CA ASP G 19 -47.03 43.74 17.33
C ASP G 19 -46.19 43.50 16.08
N SER G 20 -46.45 42.37 15.42
CA SER G 20 -45.56 41.89 14.39
C SER G 20 -45.78 42.62 13.07
N LEU G 21 -44.89 42.34 12.12
CA LEU G 21 -45.00 42.96 10.80
C LEU G 21 -46.15 42.37 10.00
N ALA G 22 -46.31 41.05 10.05
CA ALA G 22 -47.42 40.42 9.35
C ALA G 22 -48.76 40.94 9.87
N GLU G 23 -48.86 41.17 11.18
CA GLU G 23 -50.09 41.73 11.74
C GLU G 23 -50.28 43.18 11.32
N PHE G 24 -49.18 43.94 11.24
CA PHE G 24 -49.28 45.33 10.80
C PHE G 24 -49.74 45.41 9.35
N LEU G 25 -49.20 44.56 8.50
CA LEU G 25 -49.50 44.64 7.08
C LEU G 25 -50.95 44.28 6.80
N VAL G 26 -51.53 43.37 7.58
CA VAL G 26 -52.92 42.97 7.34
C VAL G 26 -53.87 44.14 7.57
N GLU G 27 -53.47 45.11 8.41
CA GLU G 27 -54.28 46.27 8.71
C GLU G 27 -53.91 47.50 7.90
N ALA G 28 -52.68 47.57 7.37
CA ALA G 28 -52.25 48.74 6.61
C ALA G 28 -52.89 48.78 5.23
N THR G 29 -52.81 47.68 4.49
CA THR G 29 -53.34 47.66 3.13
C THR G 29 -54.23 46.44 2.92
N PRO G 30 -55.30 46.58 2.10
CA PRO G 30 -56.14 45.44 1.77
C PRO G 30 -55.64 44.59 0.63
N ASP G 31 -54.53 44.96 -0.02
CA ASP G 31 -54.01 44.20 -1.14
C ASP G 31 -53.11 43.09 -0.62
N PRO G 32 -53.51 41.82 -0.74
CA PRO G 32 -52.63 40.74 -0.26
C PRO G 32 -51.35 40.60 -1.06
N LYS G 33 -51.34 41.03 -2.33
CA LYS G 33 -50.11 41.00 -3.11
C LYS G 33 -49.06 41.94 -2.52
N LEU G 34 -49.48 43.15 -2.14
CA LEU G 34 -48.56 44.10 -1.52
C LEU G 34 -48.00 43.57 -0.21
N ARG G 35 -48.83 42.86 0.56
CA ARG G 35 -48.37 42.31 1.83
C ARG G 35 -47.30 41.25 1.62
N GLN G 36 -47.48 40.38 0.62
CA GLN G 36 -46.47 39.38 0.31
C GLN G 36 -45.16 40.03 -0.12
N LEU G 37 -45.25 41.15 -0.84
CA LEU G 37 -44.04 41.85 -1.28
C LEU G 37 -43.27 42.44 -0.10
N MET G 38 -43.97 43.11 0.82
CA MET G 38 -43.30 43.67 1.99
C MET G 38 -42.65 42.58 2.85
N MET G 39 -43.29 41.42 2.94
CA MET G 39 -42.71 40.32 3.70
C MET G 39 -41.41 39.85 3.06
N SER G 40 -41.38 39.81 1.72
CA SER G 40 -40.16 39.37 1.04
C SER G 40 -39.05 40.38 1.20
N MET G 41 -39.39 41.67 1.22
CA MET G 41 -38.39 42.71 1.42
C MET G 41 -37.81 42.67 2.83
N ALA G 42 -38.64 42.35 3.83
CA ALA G 42 -38.13 42.24 5.19
C ALA G 42 -37.22 41.02 5.34
N GLU G 43 -37.52 39.93 4.62
CA GLU G 43 -36.66 38.76 4.65
C GLU G 43 -35.34 39.03 3.96
N ALA G 44 -35.37 39.78 2.85
CA ALA G 44 -34.12 40.11 2.16
C ALA G 44 -33.26 41.05 3.00
N THR G 45 -33.89 41.99 3.71
CA THR G 45 -33.14 42.87 4.59
C THR G 45 -32.46 42.09 5.71
N ARG G 46 -33.13 41.05 6.22
CA ARG G 46 -32.54 40.26 7.29
C ARG G 46 -31.32 39.51 6.80
N THR G 47 -31.39 38.97 5.58
CA THR G 47 -30.25 38.21 5.05
C THR G 47 -29.09 39.14 4.72
N ILE G 48 -29.38 40.31 4.16
CA ILE G 48 -28.31 41.28 3.88
C ILE G 48 -27.66 41.72 5.19
N ALA G 49 -28.46 41.86 6.25
CA ALA G 49 -27.90 42.24 7.54
C ALA G 49 -26.88 41.21 8.03
N HIS G 50 -27.09 39.93 7.71
CA HIS G 50 -26.15 38.89 8.10
C HIS G 50 -24.90 38.91 7.22
N LYS G 51 -25.06 39.20 5.93
CA LYS G 51 -23.91 39.23 5.02
C LYS G 51 -22.98 40.39 5.33
N VAL G 52 -23.56 41.56 5.68
CA VAL G 52 -22.73 42.71 6.02
C VAL G 52 -21.96 42.47 7.31
N ARG G 53 -22.58 41.75 8.25
CA ARG G 53 -21.96 41.48 9.55
C ARG G 53 -20.64 40.74 9.41
N THR G 54 -20.55 39.82 8.44
CA THR G 54 -19.38 38.99 8.23
C THR G 54 -18.60 39.43 7.00
N ALA G 55 -18.63 40.74 6.68
CA ALA G 55 -17.94 41.24 5.50
C ALA G 55 -16.44 41.24 5.78
N SER G 56 -15.70 40.42 5.04
CA SER G 56 -14.27 40.24 5.29
C SER G 56 -13.53 41.14 4.31
N CYS G 57 -13.50 42.42 4.69
CA CYS G 57 -12.96 43.49 3.87
C CYS G 57 -11.45 43.29 3.68
N ALA G 61 -11.99 45.50 -1.22
CA ALA G 61 -13.45 45.48 -1.12
C ALA G 61 -13.91 44.57 0.01
N CYS G 62 -15.16 44.75 0.45
CA CYS G 62 -15.76 43.92 1.47
C CYS G 62 -16.55 42.81 0.78
N VAL G 63 -16.24 41.55 1.13
CA VAL G 63 -16.72 40.42 0.36
C VAL G 63 -17.49 39.46 1.26
N ASN G 64 -18.41 38.72 0.64
CA ASN G 64 -19.16 37.65 1.30
C ASN G 64 -19.70 36.73 0.20
N SER G 65 -20.54 35.77 0.60
CA SER G 65 -21.07 34.78 -0.33
C SER G 65 -22.58 34.98 -0.54
N LEU G 71 -18.34 37.44 -3.90
CA LEU G 71 -18.57 38.76 -4.49
C LEU G 71 -18.42 39.86 -3.45
N ALA G 72 -18.74 41.10 -3.82
CA ALA G 72 -18.74 42.22 -2.90
C ALA G 72 -20.06 42.31 -2.18
N VAL G 73 -20.07 43.07 -1.07
CA VAL G 73 -21.27 43.13 -0.24
C VAL G 73 -22.42 43.81 -0.99
N ASP G 74 -22.14 44.90 -1.71
CA ASP G 74 -23.18 45.54 -2.48
C ASP G 74 -23.70 44.67 -3.61
N MET G 75 -22.91 43.68 -4.04
CA MET G 75 -23.35 42.76 -5.08
C MET G 75 -24.09 41.56 -4.50
N VAL G 76 -23.71 41.12 -3.30
CA VAL G 76 -24.47 40.08 -2.63
C VAL G 76 -25.87 40.60 -2.28
N ALA G 77 -25.94 41.86 -1.85
CA ALA G 77 -27.24 42.47 -1.59
C ALA G 77 -28.05 42.60 -2.87
N ASP G 78 -27.40 42.99 -3.97
CA ASP G 78 -28.08 43.09 -5.25
C ASP G 78 -28.75 41.77 -5.62
N LYS G 79 -27.98 40.67 -5.58
CA LYS G 79 -28.53 39.38 -5.99
C LYS G 79 -29.58 38.87 -5.01
N LEU G 80 -29.46 39.24 -3.73
CA LEU G 80 -30.45 38.79 -2.75
C LEU G 80 -31.78 39.48 -2.96
N LEU G 81 -31.75 40.77 -3.32
CA LEU G 81 -32.99 41.50 -3.55
C LEU G 81 -33.67 41.05 -4.83
N PHE G 82 -32.89 40.84 -5.90
CA PHE G 82 -33.47 40.31 -7.13
C PHE G 82 -34.10 38.93 -6.89
N GLU G 83 -33.44 38.09 -6.09
CA GLU G 83 -34.00 36.79 -5.76
C GLU G 83 -35.30 36.90 -5.00
N ALA G 84 -35.36 37.81 -4.02
CA ALA G 84 -36.58 37.96 -3.23
C ALA G 84 -37.74 38.45 -4.09
N LEU G 85 -37.45 39.32 -5.06
CA LEU G 85 -38.49 39.81 -5.95
C LEU G 85 -38.96 38.71 -6.91
N LYS G 86 -38.03 37.89 -7.40
CA LYS G 86 -38.41 36.83 -8.33
C LYS G 86 -39.35 35.82 -7.66
N TYR G 87 -39.00 35.36 -6.47
CA TYR G 87 -39.76 34.31 -5.81
C TYR G 87 -40.97 34.83 -5.05
N SER G 88 -41.24 36.14 -5.09
CA SER G 88 -42.47 36.67 -4.54
C SER G 88 -43.65 36.53 -5.50
N HIS G 89 -43.38 36.44 -6.80
CA HIS G 89 -44.34 36.26 -7.88
C HIS G 89 -45.25 37.48 -8.08
N VAL G 90 -45.05 38.56 -7.34
CA VAL G 90 -45.87 39.76 -7.46
C VAL G 90 -45.06 40.94 -8.00
N CYS G 91 -43.94 40.67 -8.67
CA CYS G 91 -43.07 41.72 -9.19
C CYS G 91 -43.00 41.60 -10.70
N LYS G 92 -43.41 42.65 -11.40
CA LYS G 92 -43.29 42.69 -12.86
C LYS G 92 -41.92 43.19 -13.29
N LEU G 93 -41.57 44.42 -12.89
CA LEU G 93 -40.30 45.01 -13.24
C LEU G 93 -39.48 45.26 -11.99
N ALA G 94 -38.16 45.06 -12.10
CA ALA G 94 -37.22 45.36 -11.04
C ALA G 94 -36.05 46.13 -11.64
N CYS G 95 -35.48 47.03 -10.84
CA CYS G 95 -34.37 47.84 -11.33
C CYS G 95 -33.47 48.20 -10.16
N SER G 96 -32.17 48.03 -10.35
CA SER G 96 -31.18 48.37 -9.34
C SER G 96 -30.37 49.58 -9.79
N GLU G 97 -29.89 50.37 -8.83
CA GLU G 97 -29.05 51.50 -9.16
C GLU G 97 -27.76 51.05 -9.83
N GLU G 98 -27.32 49.83 -9.54
CA GLU G 98 -26.06 49.33 -10.10
C GLU G 98 -26.18 49.17 -11.62
N VAL G 99 -27.26 48.55 -12.09
CA VAL G 99 -27.54 48.43 -13.51
C VAL G 99 -28.88 49.13 -13.79
N PRO G 100 -28.87 50.43 -14.10
CA PRO G 100 -30.13 51.18 -14.22
C PRO G 100 -30.96 50.85 -15.45
N GLU G 101 -31.21 49.57 -15.70
CA GLU G 101 -32.05 49.13 -16.82
C GLU G 101 -33.07 48.14 -16.27
N PRO G 102 -34.37 48.43 -16.38
CA PRO G 102 -35.37 47.52 -15.79
C PRO G 102 -35.28 46.12 -16.39
N VAL G 103 -35.74 45.15 -15.61
CA VAL G 103 -35.69 43.74 -15.97
C VAL G 103 -36.97 43.08 -15.50
N ASP G 104 -37.45 42.11 -16.28
CA ASP G 104 -38.72 41.42 -16.00
C ASP G 104 -38.50 40.24 -15.09
N MET G 105 -39.33 40.14 -14.05
CA MET G 105 -39.23 39.10 -13.04
C MET G 105 -40.31 38.02 -13.19
N GLY G 106 -41.02 38.01 -14.31
CA GLY G 106 -41.98 36.95 -14.56
C GLY G 106 -43.24 36.96 -13.72
N GLY G 107 -43.45 38.02 -12.94
CA GLY G 107 -44.65 38.17 -12.16
C GLY G 107 -45.52 39.32 -12.65
N GLU G 108 -46.47 39.72 -11.80
CA GLU G 108 -47.31 40.86 -12.10
C GLU G 108 -47.86 41.41 -10.79
N GLY G 109 -47.94 42.74 -10.71
CA GLY G 109 -48.46 43.38 -9.53
C GLY G 109 -47.77 44.70 -9.25
N PHE G 110 -46.45 44.66 -9.07
CA PHE G 110 -45.70 45.84 -8.67
C PHE G 110 -44.39 45.92 -9.44
N CYS G 111 -43.85 47.13 -9.48
CA CYS G 111 -42.51 47.39 -10.02
C CYS G 111 -41.68 47.99 -8.90
N VAL G 112 -40.50 47.43 -8.67
CA VAL G 112 -39.67 47.81 -7.54
C VAL G 112 -38.32 48.29 -8.05
N ALA G 113 -37.91 49.46 -7.60
CA ALA G 113 -36.58 50.01 -7.85
C ALA G 113 -35.89 50.18 -6.51
N PHE G 114 -34.60 49.85 -6.45
CA PHE G 114 -33.94 49.81 -5.16
C PHE G 114 -32.47 50.18 -5.31
N ASP G 115 -31.91 50.71 -4.21
CA ASP G 115 -30.48 50.86 -4.05
C ASP G 115 -30.02 49.73 -3.14
N PRO G 116 -29.24 48.75 -3.63
CA PRO G 116 -28.94 47.57 -2.80
C PRO G 116 -28.22 47.90 -1.51
N LEU G 117 -27.18 48.72 -1.55
CA LEU G 117 -26.45 49.12 -0.35
C LEU G 117 -26.02 50.57 -0.51
N ASP G 118 -26.62 51.46 0.27
CA ASP G 118 -26.35 52.89 0.17
C ASP G 118 -25.28 53.30 1.17
N GLY G 119 -24.03 53.10 0.78
CA GLY G 119 -22.96 53.53 1.65
C GLY G 119 -21.65 52.83 1.40
N SER G 120 -20.98 53.12 0.28
CA SER G 120 -19.76 52.44 -0.09
C SER G 120 -18.52 53.07 0.53
N SER G 121 -18.63 54.32 0.99
CA SER G 121 -17.54 55.04 1.63
C SER G 121 -17.53 54.86 3.13
N ILE G 122 -18.44 54.04 3.66
CA ILE G 122 -18.59 53.86 5.10
C ILE G 122 -18.72 52.40 5.53
N VAL G 123 -18.59 51.44 4.59
CA VAL G 123 -18.72 50.03 5.00
C VAL G 123 -17.48 49.60 5.79
N ASP G 124 -16.31 50.03 5.33
CA ASP G 124 -15.04 49.67 5.93
C ASP G 124 -14.88 50.28 7.32
N THR G 125 -15.55 51.39 7.60
CA THR G 125 -15.45 52.06 8.89
C THR G 125 -16.56 51.65 9.86
N ASN G 126 -17.23 50.53 9.59
CA ASN G 126 -18.34 50.04 10.41
C ASN G 126 -19.36 51.14 10.73
N PHE G 127 -19.63 52.00 9.77
CA PHE G 127 -20.71 52.98 9.94
C PHE G 127 -22.03 52.31 9.60
N ALA G 128 -23.12 52.97 9.97
CA ALA G 128 -24.43 52.45 9.61
C ALA G 128 -24.66 52.64 8.11
N VAL G 129 -25.15 51.59 7.45
CA VAL G 129 -25.43 51.60 6.03
C VAL G 129 -26.88 51.18 5.82
N GLY G 130 -27.33 51.15 4.58
CA GLY G 130 -28.73 50.84 4.37
C GLY G 130 -29.07 50.50 2.94
N THR G 131 -30.28 49.95 2.78
CA THR G 131 -30.89 49.63 1.51
C THR G 131 -32.15 50.47 1.35
N ILE G 132 -32.38 50.99 0.15
CA ILE G 132 -33.57 51.77 -0.16
C ILE G 132 -34.34 51.06 -1.27
N PHE G 133 -35.67 51.06 -1.17
CA PHE G 133 -36.49 50.52 -2.24
C PHE G 133 -37.82 51.26 -2.30
N GLY G 134 -38.32 51.44 -3.53
CA GLY G 134 -39.64 51.99 -3.74
C GLY G 134 -40.47 51.04 -4.58
N VAL G 135 -41.77 50.99 -4.30
CA VAL G 135 -42.67 50.05 -4.95
C VAL G 135 -43.71 50.83 -5.75
N TRP G 136 -43.77 50.56 -7.06
CA TRP G 136 -44.71 51.24 -7.92
C TRP G 136 -45.71 50.25 -8.51
N PRO G 137 -46.98 50.63 -8.62
CA PRO G 137 -47.96 49.74 -9.25
C PRO G 137 -47.88 49.83 -10.77
N GLY G 138 -48.18 48.72 -11.42
CA GLY G 138 -48.31 48.74 -12.86
C GLY G 138 -47.25 47.98 -13.60
N ASP G 139 -46.80 48.55 -14.73
CA ASP G 139 -45.85 47.87 -15.61
C ASP G 139 -44.75 48.79 -16.13
N LYS G 140 -44.56 49.97 -15.54
CA LYS G 140 -43.57 50.94 -16.03
C LYS G 140 -42.76 51.46 -14.87
N LEU G 141 -41.45 51.64 -15.10
CA LEU G 141 -40.58 52.33 -14.17
C LEU G 141 -40.10 53.67 -14.71
N THR G 142 -40.63 54.09 -15.86
CA THR G 142 -40.38 55.40 -16.44
C THR G 142 -41.71 56.11 -16.68
N ASN G 143 -41.63 57.44 -16.80
CA ASN G 143 -42.81 58.29 -16.97
C ASN G 143 -43.79 58.10 -15.80
N ILE G 144 -43.23 58.11 -14.59
CA ILE G 144 -43.98 57.94 -13.36
C ILE G 144 -43.62 59.07 -12.40
N THR G 145 -44.32 59.11 -11.27
CA THR G 145 -44.00 60.06 -10.22
C THR G 145 -43.89 59.32 -8.90
N GLY G 146 -43.21 59.96 -7.94
CA GLY G 146 -43.04 59.37 -6.64
C GLY G 146 -44.31 59.30 -5.84
N ARG G 147 -45.32 60.07 -6.23
CA ARG G 147 -46.59 60.04 -5.54
C ARG G 147 -47.41 58.81 -5.92
N GLU G 148 -47.13 58.19 -7.06
CA GLU G 148 -47.86 56.98 -7.46
C GLU G 148 -47.43 55.73 -6.72
N GLN G 149 -46.43 55.81 -5.83
CA GLN G 149 -45.97 54.62 -5.13
C GLN G 149 -47.03 54.10 -4.18
N VAL G 150 -47.15 52.76 -4.12
CA VAL G 150 -48.04 52.13 -3.15
C VAL G 150 -47.35 51.88 -1.83
N ALA G 151 -46.01 51.84 -1.81
CA ALA G 151 -45.22 51.64 -0.60
C ALA G 151 -43.76 51.95 -0.90
N ALA G 152 -43.02 52.30 0.14
CA ALA G 152 -41.59 52.51 0.08
C ALA G 152 -41.00 52.18 1.45
N GLY G 153 -39.71 51.81 1.45
CA GLY G 153 -39.09 51.43 2.71
C GLY G 153 -37.58 51.44 2.61
N MET G 154 -36.94 51.36 3.77
CA MET G 154 -35.49 51.26 3.86
C MET G 154 -35.10 50.33 4.99
N GLY G 155 -34.10 49.49 4.74
CA GLY G 155 -33.51 48.66 5.77
C GLY G 155 -32.18 49.24 6.19
N ILE G 156 -32.02 49.42 7.50
CA ILE G 156 -30.86 50.10 8.08
C ILE G 156 -30.01 49.06 8.82
N TYR G 157 -28.75 48.93 8.43
CA TYR G 157 -27.83 47.98 9.02
C TYR G 157 -26.87 48.71 9.96
N GLY G 158 -27.16 48.67 11.25
CA GLY G 158 -26.31 49.24 12.26
C GLY G 158 -26.09 48.25 13.39
N PRO G 159 -25.88 48.76 14.61
CA PRO G 159 -25.86 47.86 15.78
C PRO G 159 -27.14 47.03 15.87
N ARG G 160 -28.27 47.63 15.55
CA ARG G 160 -29.54 46.96 15.38
C ARG G 160 -29.84 46.82 13.88
N THR G 161 -30.84 46.01 13.56
CA THR G 161 -31.35 45.90 12.19
C THR G 161 -32.78 46.41 12.17
N VAL G 162 -33.03 47.45 11.38
CA VAL G 162 -34.31 48.15 11.38
C VAL G 162 -34.92 48.10 9.99
N PHE G 163 -36.24 47.86 9.94
CA PHE G 163 -37.02 47.85 8.70
C PHE G 163 -38.03 48.99 8.81
N CYS G 164 -37.76 50.07 8.09
CA CYS G 164 -38.57 51.27 8.15
C CYS G 164 -39.35 51.41 6.85
N ILE G 165 -40.68 51.36 6.94
CA ILE G 165 -41.53 51.33 5.76
C ILE G 165 -42.68 52.32 5.93
N ALA G 166 -43.31 52.65 4.81
CA ALA G 166 -44.55 53.42 4.80
C ALA G 166 -45.36 52.99 3.58
N LEU G 167 -46.67 52.87 3.76
CA LEU G 167 -47.56 52.45 2.71
C LEU G 167 -48.55 53.56 2.40
N LYS G 168 -48.90 53.69 1.12
CA LYS G 168 -49.81 54.76 0.71
C LYS G 168 -51.18 54.59 1.35
N ASP G 169 -51.63 53.35 1.55
CA ASP G 169 -52.94 53.07 2.11
C ASP G 169 -52.95 53.08 3.64
N ALA G 170 -51.93 53.67 4.27
CA ALA G 170 -51.81 53.61 5.72
C ALA G 170 -51.14 54.87 6.21
N PRO G 171 -51.56 55.38 7.36
CA PRO G 171 -50.98 56.64 7.86
C PRO G 171 -49.68 56.44 8.61
N GLY G 172 -48.66 57.21 8.27
CA GLY G 172 -47.46 57.30 9.07
C GLY G 172 -46.31 56.47 8.52
N CYS G 173 -45.15 56.68 9.13
CA CYS G 173 -43.93 55.95 8.84
C CYS G 173 -43.62 55.05 10.02
N HIS G 174 -43.41 53.76 9.76
CA HIS G 174 -43.36 52.74 10.80
C HIS G 174 -42.00 52.08 10.88
N GLU G 175 -41.55 51.83 12.10
CA GLU G 175 -40.25 51.25 12.38
C GLU G 175 -40.42 49.82 12.86
N PHE G 176 -39.65 48.90 12.29
CA PHE G 176 -39.67 47.50 12.70
C PHE G 176 -38.25 47.07 13.07
N LEU G 177 -38.12 46.39 14.20
CA LEU G 177 -36.84 45.93 14.72
C LEU G 177 -36.70 44.42 14.52
N LEU G 178 -35.52 44.00 14.09
CA LEU G 178 -35.24 42.57 13.92
C LEU G 178 -34.95 41.96 15.28
N MET G 179 -35.81 41.05 15.72
CA MET G 179 -35.70 40.44 17.03
C MET G 179 -34.85 39.17 16.98
N ASP G 180 -34.60 38.62 18.16
CA ASP G 180 -33.77 37.42 18.28
C ASP G 180 -34.37 36.24 17.53
N ASP G 181 -35.70 36.15 17.49
CA ASP G 181 -36.39 35.03 16.86
C ASP G 181 -36.37 35.09 15.33
N GLY G 182 -35.78 36.12 14.75
CA GLY G 182 -35.79 36.27 13.31
C GLY G 182 -37.03 36.92 12.75
N LYS G 183 -37.86 37.52 13.60
CA LYS G 183 -39.10 38.17 13.20
C LYS G 183 -39.00 39.67 13.41
N TRP G 184 -39.93 40.39 12.80
CA TRP G 184 -39.95 41.84 12.89
C TRP G 184 -41.06 42.28 13.83
N MET G 185 -40.74 43.24 14.68
CA MET G 185 -41.69 43.75 15.69
C MET G 185 -41.79 45.26 15.55
N HIS G 186 -43.02 45.75 15.49
CA HIS G 186 -43.27 47.18 15.42
C HIS G 186 -42.77 47.88 16.68
N VAL G 187 -42.01 48.96 16.51
CA VAL G 187 -41.41 49.65 17.65
C VAL G 187 -41.70 51.15 17.67
N LYS G 188 -42.05 51.78 16.55
CA LYS G 188 -42.35 53.21 16.57
C LYS G 188 -43.15 53.58 15.32
N GLU G 189 -44.17 54.41 15.52
CA GLU G 189 -44.91 55.03 14.44
C GLU G 189 -44.70 56.54 14.53
N THR G 190 -44.19 57.13 13.47
CA THR G 190 -43.90 58.56 13.42
C THR G 190 -44.95 59.26 12.55
N THR G 191 -45.52 60.35 13.07
CA THR G 191 -46.55 61.10 12.35
C THR G 191 -46.33 62.60 12.37
N HIS G 192 -45.29 63.09 13.04
CA HIS G 192 -45.05 64.53 13.07
C HIS G 192 -43.55 64.76 13.24
N ILE G 193 -42.99 65.56 12.35
CA ILE G 193 -41.59 65.98 12.45
C ILE G 193 -41.60 67.46 12.79
N GLY G 194 -41.10 67.79 13.98
CA GLY G 194 -41.18 69.12 14.53
C GLY G 194 -39.90 69.91 14.32
N GLU G 195 -39.73 70.93 15.16
CA GLU G 195 -38.63 71.87 14.99
C GLU G 195 -37.47 71.53 15.91
N GLY G 196 -36.28 71.81 15.41
CA GLY G 196 -35.05 71.55 16.14
C GLY G 196 -33.87 72.03 15.31
N LYS G 197 -32.71 72.01 15.95
CA LYS G 197 -31.48 72.54 15.36
C LYS G 197 -30.57 71.35 15.08
N MET G 198 -30.70 70.79 13.88
CA MET G 198 -29.85 69.69 13.45
C MET G 198 -29.87 69.64 11.93
N PHE G 199 -28.70 69.48 11.32
CA PHE G 199 -28.61 69.53 9.87
C PHE G 199 -27.61 68.51 9.35
N ALA G 200 -27.81 68.10 8.11
CA ALA G 200 -26.94 67.14 7.44
C ALA G 200 -26.53 67.78 6.12
N PRO G 201 -25.39 68.43 6.07
CA PRO G 201 -25.01 69.17 4.87
C PRO G 201 -24.32 68.32 3.83
N GLY G 202 -25.11 67.76 2.91
CA GLY G 202 -24.54 67.02 1.82
C GLY G 202 -24.03 67.94 0.73
N ASN G 203 -23.08 67.43 -0.04
CA ASN G 203 -22.39 68.20 -1.06
C ASN G 203 -21.97 69.57 -0.54
N LEU G 204 -21.18 69.59 0.55
CA LEU G 204 -20.82 70.91 1.11
C LEU G 204 -19.65 71.46 0.33
N ARG G 205 -19.32 70.82 -0.80
CA ARG G 205 -18.23 71.33 -1.66
C ARG G 205 -18.74 72.60 -2.36
N ALA G 206 -20.00 72.60 -2.75
CA ALA G 206 -20.54 73.75 -3.51
C ALA G 206 -20.82 74.90 -2.57
N THR G 207 -20.44 74.77 -1.31
CA THR G 207 -20.59 75.95 -0.44
C THR G 207 -19.72 77.04 -1.04
N PHE G 208 -19.12 76.78 -2.21
CA PHE G 208 -18.28 77.79 -2.92
C PHE G 208 -19.01 78.33 -4.15
N ASP G 209 -19.35 77.47 -5.10
CA ASP G 209 -19.94 77.97 -6.36
C ASP G 209 -21.48 78.06 -6.29
N ASN G 210 -22.05 78.29 -5.11
CA ASN G 210 -23.51 78.51 -4.99
C ASN G 210 -23.71 79.32 -3.72
N PRO G 211 -23.72 80.66 -3.82
CA PRO G 211 -23.77 81.53 -2.62
C PRO G 211 -25.04 81.37 -1.79
N ALA G 212 -26.14 80.90 -2.38
CA ALA G 212 -27.35 80.67 -1.61
C ALA G 212 -27.16 79.49 -0.68
N TYR G 213 -26.54 78.42 -1.18
CA TYR G 213 -26.16 77.32 -0.31
C TYR G 213 -25.16 77.80 0.74
N GLU G 214 -24.19 78.63 0.32
CA GLU G 214 -23.25 79.22 1.27
C GLU G 214 -23.96 80.05 2.31
N ARG G 215 -24.87 80.94 1.87
CA ARG G 215 -25.65 81.74 2.81
C ARG G 215 -26.44 80.84 3.75
N LEU G 216 -26.95 79.72 3.24
CA LEU G 216 -27.71 78.78 4.06
C LEU G 216 -26.84 78.06 5.07
N ILE G 217 -25.75 77.44 4.60
CA ILE G 217 -24.85 76.72 5.50
C ILE G 217 -24.32 77.66 6.58
N ASN G 218 -24.05 78.92 6.22
CA ASN G 218 -23.61 79.88 7.22
C ASN G 218 -24.71 80.18 8.23
N PHE G 219 -25.98 80.08 7.80
CA PHE G 219 -27.08 80.17 8.76
C PHE G 219 -27.05 78.99 9.73
N TYR G 220 -26.93 77.77 9.18
CA TYR G 220 -26.88 76.58 10.02
C TYR G 220 -25.76 76.67 11.04
N LEU G 221 -24.55 77.02 10.59
CA LEU G 221 -23.40 77.11 11.50
C LEU G 221 -23.55 78.25 12.50
N GLY G 222 -24.31 79.27 12.17
CA GLY G 222 -24.46 80.42 13.04
C GLY G 222 -25.60 80.34 14.03
N GLU G 223 -26.54 79.42 13.81
CA GLU G 223 -27.71 79.27 14.66
C GLU G 223 -27.58 78.14 15.68
N LYS G 224 -26.36 77.68 15.97
CA LYS G 224 -26.08 76.63 16.94
C LYS G 224 -26.75 75.31 16.53
N TYR G 225 -26.60 74.94 15.27
CA TYR G 225 -27.13 73.66 14.81
C TYR G 225 -26.15 72.52 15.09
N THR G 226 -26.68 71.40 15.58
CA THR G 226 -25.86 70.22 15.79
C THR G 226 -25.64 69.49 14.47
N LEU G 227 -24.41 69.02 14.25
CA LEU G 227 -24.02 68.43 12.99
C LEU G 227 -24.03 66.91 13.08
N ARG G 228 -24.66 66.25 12.10
CA ARG G 228 -24.72 64.78 12.03
C ARG G 228 -24.75 64.41 10.54
N TYR G 229 -23.57 64.14 9.99
CA TYR G 229 -23.44 63.73 8.58
C TYR G 229 -22.52 62.52 8.51
N THR G 230 -23.03 61.40 7.99
CA THR G 230 -22.27 60.17 7.90
C THR G 230 -21.82 59.81 6.49
N GLY G 231 -22.43 60.39 5.46
CA GLY G 231 -22.10 60.10 4.09
C GLY G 231 -23.07 59.15 3.42
N GLY G 232 -23.73 58.30 4.22
CA GLY G 232 -24.76 57.42 3.72
C GLY G 232 -26.13 58.07 3.92
N MET G 233 -26.95 58.01 2.88
CA MET G 233 -28.22 58.73 2.91
C MET G 233 -29.22 58.09 3.87
N VAL G 234 -29.28 56.75 3.89
CA VAL G 234 -30.25 56.03 4.71
C VAL G 234 -30.17 56.48 6.17
N PRO G 235 -29.01 56.40 6.84
CA PRO G 235 -28.98 56.85 8.24
C PRO G 235 -29.11 58.35 8.39
N ASP G 236 -28.69 59.13 7.40
CA ASP G 236 -28.77 60.58 7.51
C ASP G 236 -30.21 61.08 7.43
N VAL G 237 -31.09 60.32 6.79
CA VAL G 237 -32.49 60.70 6.65
C VAL G 237 -33.29 60.01 7.74
N PHE G 238 -32.88 58.79 8.11
CA PHE G 238 -33.56 58.04 9.15
C PHE G 238 -33.52 58.76 10.49
N GLN G 239 -32.45 59.52 10.76
CA GLN G 239 -32.37 60.22 12.04
C GLN G 239 -33.41 61.33 12.15
N ILE G 240 -33.86 61.88 11.01
CA ILE G 240 -34.91 62.89 11.06
C ILE G 240 -36.22 62.26 11.54
N ILE G 241 -36.50 61.03 11.10
CA ILE G 241 -37.75 60.37 11.49
C ILE G 241 -37.70 59.98 12.96
N VAL G 242 -36.53 59.59 13.46
CA VAL G 242 -36.42 59.15 14.85
C VAL G 242 -36.41 60.34 15.79
N LYS G 243 -35.53 61.31 15.52
CA LYS G 243 -35.44 62.50 16.36
C LYS G 243 -36.61 63.45 16.16
N GLU G 244 -37.37 63.30 15.07
CA GLU G 244 -38.46 64.22 14.74
C GLU G 244 -37.94 65.65 14.65
N LYS G 245 -36.73 65.79 14.10
CA LYS G 245 -36.01 67.04 13.95
C LYS G 245 -34.99 66.85 12.85
N GLY G 246 -34.61 67.94 12.20
CA GLY G 246 -33.44 67.93 11.35
C GLY G 246 -33.74 68.38 9.92
N VAL G 247 -32.64 68.60 9.19
CA VAL G 247 -32.67 68.93 7.78
C VAL G 247 -31.61 68.09 7.09
N PHE G 248 -31.93 67.57 5.91
CA PHE G 248 -30.94 66.94 5.04
C PHE G 248 -30.93 67.74 3.75
N THR G 249 -29.73 68.10 3.27
CA THR G 249 -29.59 68.97 2.12
C THR G 249 -28.55 68.42 1.15
N ASN G 250 -28.85 68.54 -0.14
CA ASN G 250 -27.92 68.21 -1.22
C ASN G 250 -28.21 69.18 -2.36
N VAL G 251 -27.29 70.09 -2.61
CA VAL G 251 -27.51 71.23 -3.51
C VAL G 251 -26.45 71.19 -4.60
N THR G 252 -26.89 71.30 -5.85
CA THR G 252 -25.95 71.30 -6.97
C THR G 252 -25.35 72.69 -7.18
N SER G 253 -24.30 72.71 -8.00
CA SER G 253 -23.56 73.92 -8.33
C SER G 253 -22.97 73.74 -9.72
N PRO G 254 -22.44 74.81 -10.33
CA PRO G 254 -21.77 74.66 -11.63
C PRO G 254 -20.65 73.64 -11.65
N THR G 255 -19.82 73.61 -10.60
CA THR G 255 -18.66 72.72 -10.55
C THR G 255 -18.94 71.39 -9.86
N THR G 256 -20.08 71.24 -9.21
CA THR G 256 -20.43 69.99 -8.53
C THR G 256 -21.47 69.25 -9.36
N LYS G 257 -21.29 67.94 -9.47
CA LYS G 257 -22.16 67.11 -10.29
C LYS G 257 -23.27 66.52 -9.41
N ALA G 258 -24.44 66.33 -9.99
CA ALA G 258 -25.55 65.75 -9.26
C ALA G 258 -25.35 64.24 -9.20
N LYS G 259 -25.50 63.67 -8.00
CA LYS G 259 -25.26 62.24 -7.82
C LYS G 259 -26.43 61.47 -7.23
N LEU G 260 -27.42 62.14 -6.67
CA LEU G 260 -28.56 61.43 -6.12
C LEU G 260 -29.54 61.06 -7.22
N ARG G 261 -30.21 59.94 -7.04
CA ARG G 261 -31.17 59.43 -8.02
C ARG G 261 -32.57 59.51 -7.43
N ILE G 262 -33.53 59.89 -8.26
CA ILE G 262 -34.90 60.05 -7.78
C ILE G 262 -35.57 58.69 -7.61
N LEU G 263 -35.41 57.80 -8.59
CA LEU G 263 -36.11 56.53 -8.56
C LEU G 263 -35.60 55.63 -7.44
N PHE G 264 -34.28 55.45 -7.35
CA PHE G 264 -33.70 54.49 -6.44
C PHE G 264 -33.55 55.02 -5.02
N GLU G 265 -33.45 56.34 -4.83
CA GLU G 265 -33.11 56.90 -3.53
C GLU G 265 -34.05 58.03 -3.10
N VAL G 266 -34.20 59.06 -3.93
CA VAL G 266 -34.80 60.31 -3.46
C VAL G 266 -36.32 60.16 -3.31
N ALA G 267 -36.99 59.66 -4.35
CA ALA G 267 -38.45 59.54 -4.29
C ALA G 267 -38.92 58.56 -3.21
N PRO G 268 -38.37 57.35 -3.08
CA PRO G 268 -38.83 56.48 -1.98
C PRO G 268 -38.65 57.11 -0.61
N LEU G 269 -37.50 57.74 -0.35
CA LEU G 269 -37.28 58.37 0.95
C LEU G 269 -38.21 59.56 1.14
N ALA G 270 -38.64 60.20 0.05
CA ALA G 270 -39.57 61.32 0.16
C ALA G 270 -40.92 60.87 0.70
N LEU G 271 -41.37 59.67 0.30
CA LEU G 271 -42.61 59.15 0.83
C LEU G 271 -42.48 58.87 2.32
N LEU G 272 -41.38 58.24 2.74
CA LEU G 272 -41.16 57.96 4.15
C LEU G 272 -41.11 59.23 4.98
N ILE G 273 -40.53 60.29 4.43
CA ILE G 273 -40.40 61.53 5.19
C ILE G 273 -41.71 62.29 5.21
N GLU G 274 -42.39 62.36 4.07
CA GLU G 274 -43.64 63.11 3.99
C GLU G 274 -44.77 62.39 4.74
N LYS G 275 -44.78 61.05 4.72
CA LYS G 275 -45.74 60.33 5.56
C LYS G 275 -45.46 60.52 7.05
N ALA G 276 -44.21 60.70 7.43
CA ALA G 276 -43.88 60.89 8.83
C ALA G 276 -44.13 62.31 9.33
N GLY G 277 -44.74 63.17 8.51
CA GLY G 277 -45.08 64.51 8.92
C GLY G 277 -44.11 65.57 8.44
N GLY G 278 -43.26 65.24 7.47
CA GLY G 278 -42.26 66.15 6.96
C GLY G 278 -42.59 66.64 5.57
N ALA G 279 -41.57 67.24 4.93
CA ALA G 279 -41.72 67.79 3.60
C ALA G 279 -40.43 67.56 2.83
N SER G 280 -40.52 67.69 1.51
CA SER G 280 -39.37 67.51 0.63
C SER G 280 -39.35 68.63 -0.40
N SER G 281 -38.15 68.96 -0.87
CA SER G 281 -37.98 69.95 -1.93
C SER G 281 -36.97 69.38 -2.94
N CYS G 282 -37.49 68.88 -4.06
CA CYS G 282 -36.69 68.17 -5.05
C CYS G 282 -36.36 69.08 -6.22
N ASP G 283 -35.33 68.70 -6.95
CA ASP G 283 -34.80 69.45 -8.09
C ASP G 283 -34.59 70.90 -7.64
N GLY G 284 -34.58 71.84 -8.58
CA GLY G 284 -34.53 73.25 -8.23
C GLY G 284 -35.89 73.93 -8.25
N LYS G 285 -36.97 73.18 -8.05
CA LYS G 285 -38.31 73.68 -8.30
C LYS G 285 -39.15 73.90 -7.04
N ALA G 286 -38.61 73.62 -5.85
CA ALA G 286 -39.33 73.89 -4.60
C ALA G 286 -40.66 73.15 -4.53
N VAL G 287 -40.69 71.93 -5.09
CA VAL G 287 -41.84 71.06 -5.07
C VAL G 287 -41.45 69.76 -4.38
N SER G 288 -42.44 68.91 -4.13
CA SER G 288 -42.16 67.61 -3.54
C SER G 288 -41.45 66.70 -4.54
N ALA G 289 -40.66 65.77 -4.01
CA ALA G 289 -40.02 64.78 -4.86
C ALA G 289 -41.02 63.78 -5.43
N LEU G 290 -42.21 63.69 -4.83
CA LEU G 290 -43.27 62.84 -5.33
C LEU G 290 -43.94 63.40 -6.58
N ASP G 291 -43.63 64.65 -6.93
CA ASP G 291 -44.25 65.32 -8.07
C ASP G 291 -43.26 65.61 -9.20
N ILE G 292 -42.05 65.07 -9.13
CA ILE G 292 -41.04 65.26 -10.17
C ILE G 292 -41.20 64.14 -11.18
N PRO G 293 -41.44 64.43 -12.44
CA PRO G 293 -41.58 63.36 -13.45
C PRO G 293 -40.28 62.58 -13.58
N ILE G 294 -40.38 61.27 -13.54
CA ILE G 294 -39.24 60.37 -13.69
C ILE G 294 -39.28 59.86 -15.13
N LEU G 295 -38.42 60.42 -15.97
CA LEU G 295 -38.44 60.10 -17.39
C LEU G 295 -37.48 58.97 -17.75
N VAL G 296 -36.32 58.92 -17.09
CA VAL G 296 -35.36 57.84 -17.26
C VAL G 296 -35.03 57.28 -15.89
N CYS G 297 -34.61 56.01 -15.88
CA CYS G 297 -34.36 55.34 -14.61
C CYS G 297 -33.16 55.91 -13.89
N ASP G 298 -32.10 56.25 -14.63
CA ASP G 298 -30.88 56.80 -14.05
C ASP G 298 -30.94 58.32 -13.89
N GLN G 299 -32.14 58.88 -13.78
CA GLN G 299 -32.29 60.32 -13.63
C GLN G 299 -31.70 60.79 -12.31
N ARG G 300 -30.97 61.90 -12.36
CA ARG G 300 -30.34 62.48 -11.19
C ARG G 300 -31.12 63.70 -10.71
N THR G 301 -30.83 64.11 -9.48
CA THR G 301 -31.57 65.21 -8.86
C THR G 301 -30.84 65.66 -7.61
N GLN G 302 -31.42 66.65 -6.96
CA GLN G 302 -31.00 67.18 -5.67
C GLN G 302 -32.23 67.18 -4.77
N ILE G 303 -32.05 67.35 -3.46
CA ILE G 303 -33.17 67.18 -2.54
C ILE G 303 -32.91 67.93 -1.24
N CYS G 304 -33.98 68.24 -0.53
CA CYS G 304 -33.94 68.68 0.86
C CYS G 304 -35.06 67.96 1.60
N TYR G 305 -34.72 67.35 2.74
CA TYR G 305 -35.67 66.65 3.60
C TYR G 305 -35.67 67.34 4.96
N GLY G 306 -36.83 67.45 5.57
CA GLY G 306 -36.88 68.00 6.91
C GLY G 306 -38.29 68.35 7.32
N SER G 307 -38.38 68.97 8.49
CA SER G 307 -39.65 69.49 8.98
C SER G 307 -40.17 70.56 8.04
N ILE G 308 -41.48 70.81 8.13
CA ILE G 308 -42.13 71.81 7.28
C ILE G 308 -41.47 73.17 7.49
N GLY G 309 -41.16 73.51 8.75
CA GLY G 309 -40.49 74.78 9.01
C GLY G 309 -39.14 74.88 8.36
N GLU G 310 -38.35 73.80 8.40
CA GLU G 310 -37.00 73.82 7.86
C GLU G 310 -36.97 73.70 6.34
N VAL G 311 -37.98 73.08 5.73
CA VAL G 311 -38.04 73.06 4.27
C VAL G 311 -38.46 74.43 3.74
N ARG G 312 -39.33 75.14 4.48
CA ARG G 312 -39.69 76.50 4.11
C ARG G 312 -38.44 77.38 4.02
N ARG G 313 -37.58 77.29 5.04
CA ARG G 313 -36.36 78.11 5.04
C ARG G 313 -35.42 77.71 3.91
N PHE G 314 -35.39 76.43 3.54
CA PHE G 314 -34.50 75.98 2.47
C PHE G 314 -34.85 76.69 1.16
N GLU G 315 -36.14 76.72 0.81
CA GLU G 315 -36.57 77.34 -0.44
C GLU G 315 -36.41 78.85 -0.40
N GLU G 316 -36.61 79.46 0.77
CA GLU G 316 -36.46 80.90 0.89
C GLU G 316 -35.02 81.33 0.65
N TYR G 317 -34.06 80.56 1.16
CA TYR G 317 -32.65 80.91 0.96
C TYR G 317 -32.20 80.61 -0.45
N MET G 318 -32.69 79.52 -1.04
CA MET G 318 -32.23 79.08 -2.36
C MET G 318 -32.96 79.75 -3.51
N TYR G 319 -34.23 80.09 -3.34
CA TYR G 319 -35.05 80.57 -4.44
C TYR G 319 -35.69 81.94 -4.22
N GLY G 320 -35.75 82.42 -2.98
CA GLY G 320 -36.38 83.70 -2.70
C GLY G 320 -37.64 83.58 -1.86
N THR G 321 -38.47 82.60 -2.16
CA THR G 321 -39.70 82.38 -1.43
C THR G 321 -40.11 80.90 -1.54
N SER G 322 -40.94 80.46 -0.60
CA SER G 322 -41.45 79.10 -0.63
C SER G 322 -42.86 79.10 -1.21
N PRO G 323 -43.06 78.64 -2.44
CA PRO G 323 -44.41 78.63 -3.02
C PRO G 323 -45.43 77.91 -2.14
N ARG G 324 -45.02 76.86 -1.45
CA ARG G 324 -45.94 76.05 -0.65
C ARG G 324 -46.07 76.52 0.78
N PHE G 325 -45.01 77.06 1.38
CA PHE G 325 -44.96 77.25 2.82
C PHE G 325 -44.76 78.68 3.29
N SER G 326 -44.43 79.63 2.40
CA SER G 326 -44.26 81.02 2.82
C SER G 326 -45.60 81.69 3.12
N GLY H 18 33.54 -37.55 24.91
CA GLY H 18 34.95 -37.87 24.82
C GLY H 18 35.72 -36.83 24.03
N ASP H 19 36.66 -37.29 23.20
CA ASP H 19 37.53 -36.41 22.42
C ASP H 19 37.30 -36.65 20.93
N SER H 20 37.87 -35.78 20.12
CA SER H 20 37.53 -35.73 18.70
C SER H 20 38.27 -36.81 17.91
N LEU H 21 37.90 -36.94 16.65
CA LEU H 21 38.54 -37.93 15.78
C LEU H 21 39.97 -37.50 15.43
N ALA H 22 40.16 -36.22 15.10
CA ALA H 22 41.49 -35.73 14.78
C ALA H 22 42.46 -35.94 15.93
N GLU H 23 41.97 -35.75 17.17
CA GLU H 23 42.83 -35.97 18.33
C GLU H 23 43.16 -37.45 18.51
N PHE H 24 42.19 -38.32 18.22
CA PHE H 24 42.44 -39.75 18.33
C PHE H 24 43.50 -40.22 17.34
N LEU H 25 43.43 -39.74 16.10
CA LEU H 25 44.33 -40.22 15.06
C LEU H 25 45.77 -39.81 15.33
N VAL H 26 46.00 -38.66 15.97
CA VAL H 26 47.37 -38.22 16.21
C VAL H 26 48.09 -39.16 17.17
N GLU H 27 47.35 -39.86 18.03
CA GLU H 27 47.95 -40.80 18.98
C GLU H 27 47.88 -42.25 18.52
N ALA H 28 46.95 -42.58 17.62
CA ALA H 28 46.81 -43.96 17.17
C ALA H 28 47.96 -44.36 16.25
N THR H 29 48.26 -43.52 15.26
CA THR H 29 49.31 -43.83 14.30
C THR H 29 50.26 -42.65 14.16
N PRO H 30 51.55 -42.92 13.94
CA PRO H 30 52.50 -41.83 13.70
C PRO H 30 52.56 -41.38 12.24
N ASP H 31 51.81 -42.03 11.34
CA ASP H 31 51.85 -41.70 9.93
C ASP H 31 50.85 -40.58 9.65
N PRO H 32 51.30 -39.36 9.33
CA PRO H 32 50.35 -38.29 9.05
C PRO H 32 49.57 -38.48 7.77
N LYS H 33 50.12 -39.21 6.79
CA LYS H 33 49.37 -39.48 5.57
C LYS H 33 48.15 -40.34 5.85
N LEU H 34 48.30 -41.37 6.67
CA LEU H 34 47.15 -42.20 7.04
C LEU H 34 46.10 -41.38 7.77
N ARG H 35 46.52 -40.41 8.57
CA ARG H 35 45.56 -39.56 9.28
C ARG H 35 44.76 -38.73 8.29
N GLN H 36 45.41 -38.19 7.26
CA GLN H 36 44.66 -37.46 6.23
C GLN H 36 43.67 -38.37 5.53
N LEU H 37 44.04 -39.62 5.29
CA LEU H 37 43.15 -40.55 4.62
C LEU H 37 41.93 -40.85 5.49
N MET H 38 42.15 -41.14 6.77
CA MET H 38 41.03 -41.43 7.67
C MET H 38 40.12 -40.21 7.79
N MET H 39 40.68 -39.00 7.79
CA MET H 39 39.85 -37.80 7.86
C MET H 39 38.99 -37.67 6.61
N SER H 40 39.53 -38.02 5.45
CA SER H 40 38.75 -37.93 4.21
C SER H 40 37.63 -38.97 4.20
N MET H 41 37.87 -40.13 4.79
CA MET H 41 36.82 -41.14 4.88
C MET H 41 35.70 -40.68 5.79
N ALA H 42 36.04 -39.96 6.87
CA ALA H 42 35.01 -39.47 7.77
C ALA H 42 34.18 -38.35 7.12
N GLU H 43 34.80 -37.55 6.26
CA GLU H 43 34.06 -36.53 5.54
C GLU H 43 33.12 -37.15 4.51
N ALA H 44 33.57 -38.22 3.85
CA ALA H 44 32.71 -38.90 2.88
C ALA H 44 31.55 -39.59 3.59
N THR H 45 31.80 -40.13 4.79
CA THR H 45 30.72 -40.74 5.56
C THR H 45 29.64 -39.72 5.91
N ARG H 46 30.05 -38.50 6.25
CA ARG H 46 29.08 -37.46 6.58
C ARG H 46 28.26 -37.04 5.36
N THR H 47 28.90 -36.94 4.20
CA THR H 47 28.19 -36.50 3.02
C THR H 47 27.21 -37.56 2.52
N ILE H 48 27.63 -38.83 2.54
CA ILE H 48 26.73 -39.90 2.15
C ILE H 48 25.55 -39.99 3.10
N ALA H 49 25.79 -39.76 4.39
CA ALA H 49 24.71 -39.80 5.37
C ALA H 49 23.64 -38.78 5.05
N HIS H 50 24.04 -37.61 4.53
CA HIS H 50 23.06 -36.60 4.15
C HIS H 50 22.37 -36.98 2.84
N LYS H 51 23.12 -37.57 1.90
CA LYS H 51 22.53 -37.98 0.64
C LYS H 51 21.53 -39.11 0.85
N VAL H 52 21.85 -40.04 1.75
CA VAL H 52 20.93 -41.14 2.04
C VAL H 52 19.68 -40.61 2.75
N ARG H 53 19.87 -39.62 3.64
CA ARG H 53 18.75 -39.09 4.41
C ARG H 53 17.66 -38.51 3.51
N THR H 54 18.06 -37.79 2.46
CA THR H 54 17.15 -37.11 1.57
C THR H 54 16.99 -37.86 0.26
N ALA H 55 17.13 -39.19 0.32
CA ALA H 55 17.02 -40.01 -0.88
C ALA H 55 15.56 -40.21 -1.27
N SER H 56 15.33 -40.27 -2.58
CA SER H 56 13.99 -40.46 -3.12
C SER H 56 13.86 -41.93 -3.52
N CYS H 57 13.48 -42.77 -2.56
CA CYS H 57 13.42 -44.21 -2.77
C CYS H 57 12.17 -44.63 -3.54
N ALA H 58 11.70 -43.79 -4.46
CA ALA H 58 10.60 -44.14 -5.33
C ALA H 58 10.96 -45.32 -6.23
N CYS H 62 16.25 -45.60 -5.41
CA CYS H 62 16.52 -44.41 -4.60
C CYS H 62 17.52 -43.51 -5.30
N VAL H 63 17.24 -42.20 -5.32
CA VAL H 63 18.05 -41.25 -6.07
C VAL H 63 18.44 -40.07 -5.20
N ASN H 64 19.56 -39.43 -5.58
CA ASN H 64 19.98 -38.15 -5.03
C ASN H 64 20.86 -37.47 -6.08
N SER H 65 21.48 -36.36 -5.71
CA SER H 65 22.22 -35.52 -6.65
C SER H 65 23.69 -35.46 -6.27
N PHE H 66 24.52 -36.24 -6.96
CA PHE H 66 25.97 -36.07 -6.87
C PHE H 66 26.40 -34.79 -7.56
N GLY H 67 26.12 -34.70 -8.86
CA GLY H 67 26.33 -33.48 -9.61
C GLY H 67 25.05 -33.03 -10.28
N ASP H 68 25.14 -32.70 -11.57
CA ASP H 68 23.95 -32.33 -12.34
C ASP H 68 23.23 -33.59 -12.84
N GLU H 69 23.39 -34.69 -12.12
CA GLU H 69 22.79 -35.98 -12.49
C GLU H 69 22.12 -36.58 -11.26
N GLN H 70 20.88 -37.04 -11.42
CA GLN H 70 20.16 -37.71 -10.35
C GLN H 70 20.47 -39.20 -10.46
N LEU H 71 21.52 -39.63 -9.75
CA LEU H 71 21.98 -41.00 -9.81
C LEU H 71 21.35 -41.81 -8.68
N ALA H 72 21.78 -43.05 -8.51
CA ALA H 72 21.31 -43.88 -7.41
C ALA H 72 22.14 -43.63 -6.17
N VAL H 73 21.61 -44.06 -5.02
CA VAL H 73 22.30 -43.77 -3.75
C VAL H 73 23.64 -44.50 -3.69
N ASP H 74 23.67 -45.77 -4.12
CA ASP H 74 24.94 -46.50 -4.16
C ASP H 74 25.90 -45.90 -5.17
N MET H 75 25.40 -45.14 -6.14
CA MET H 75 26.26 -44.50 -7.12
C MET H 75 26.74 -43.13 -6.66
N VAL H 76 25.91 -42.42 -5.89
CA VAL H 76 26.36 -41.17 -5.29
C VAL H 76 27.46 -41.45 -4.27
N ALA H 77 27.31 -42.54 -3.50
CA ALA H 77 28.34 -42.93 -2.55
C ALA H 77 29.62 -43.35 -3.27
N ASP H 78 29.49 -44.10 -4.36
CA ASP H 78 30.67 -44.50 -5.14
C ASP H 78 31.47 -43.28 -5.57
N LYS H 79 30.80 -42.30 -6.16
CA LYS H 79 31.52 -41.13 -6.68
C LYS H 79 32.04 -40.24 -5.55
N LEU H 80 31.36 -40.23 -4.41
CA LEU H 80 31.83 -39.42 -3.29
C LEU H 80 33.10 -40.01 -2.68
N LEU H 81 33.18 -41.34 -2.61
CA LEU H 81 34.37 -41.97 -2.06
C LEU H 81 35.55 -41.83 -3.00
N PHE H 82 35.32 -42.01 -4.30
CA PHE H 82 36.37 -41.78 -5.28
C PHE H 82 36.85 -40.33 -5.24
N GLU H 83 35.92 -39.39 -5.08
CA GLU H 83 36.29 -37.99 -4.97
C GLU H 83 37.14 -37.75 -3.73
N ALA H 84 36.73 -38.32 -2.59
CA ALA H 84 37.49 -38.12 -1.35
C ALA H 84 38.87 -38.72 -1.43
N LEU H 85 39.00 -39.87 -2.11
CA LEU H 85 40.30 -40.51 -2.27
C LEU H 85 41.18 -39.71 -3.22
N LYS H 86 40.59 -39.15 -4.28
CA LYS H 86 41.36 -38.38 -5.24
C LYS H 86 41.99 -37.16 -4.59
N TYR H 87 41.19 -36.40 -3.84
CA TYR H 87 41.65 -35.15 -3.26
C TYR H 87 42.39 -35.33 -1.94
N SER H 88 42.60 -36.57 -1.49
CA SER H 88 43.43 -36.80 -0.32
C SER H 88 44.92 -36.80 -0.65
N HIS H 89 45.29 -37.07 -1.90
CA HIS H 89 46.65 -37.10 -2.41
C HIS H 89 47.49 -38.22 -1.81
N VAL H 90 46.91 -39.07 -0.96
CA VAL H 90 47.64 -40.17 -0.34
C VAL H 90 47.09 -41.51 -0.80
N CYS H 91 46.39 -41.54 -1.94
CA CYS H 91 45.76 -42.75 -2.46
C CYS H 91 46.38 -43.10 -3.80
N LYS H 92 47.00 -44.28 -3.89
CA LYS H 92 47.55 -44.77 -5.15
C LYS H 92 46.49 -45.51 -5.97
N LEU H 93 45.95 -46.58 -5.42
CA LEU H 93 44.92 -47.38 -6.08
C LEU H 93 43.63 -47.36 -5.27
N ALA H 94 42.52 -47.33 -5.99
CA ALA H 94 41.20 -47.40 -5.38
C ALA H 94 40.39 -48.44 -6.13
N CYS H 95 39.50 -49.12 -5.42
CA CYS H 95 38.70 -50.17 -6.04
C CYS H 95 37.35 -50.25 -5.34
N SER H 96 36.29 -50.28 -6.14
CA SER H 96 34.94 -50.39 -5.64
C SER H 96 34.37 -51.75 -6.00
N GLU H 97 33.44 -52.25 -5.16
CA GLU H 97 32.77 -53.50 -5.47
C GLU H 97 31.94 -53.39 -6.75
N GLU H 98 31.49 -52.18 -7.07
CA GLU H 98 30.64 -51.98 -8.24
C GLU H 98 31.40 -52.28 -9.53
N VAL H 99 32.61 -51.73 -9.66
CA VAL H 99 33.48 -52.02 -10.79
C VAL H 99 34.77 -52.66 -10.27
N PRO H 100 34.84 -54.00 -10.19
CA PRO H 100 35.99 -54.64 -9.55
C PRO H 100 37.29 -54.55 -10.33
N GLU H 101 37.65 -53.33 -10.74
CA GLU H 101 38.92 -53.05 -11.42
C GLU H 101 39.59 -51.87 -10.74
N PRO H 102 40.79 -52.05 -10.18
CA PRO H 102 41.44 -50.94 -9.47
C PRO H 102 41.66 -49.75 -10.39
N VAL H 103 41.79 -48.57 -9.78
CA VAL H 103 41.94 -47.32 -10.53
C VAL H 103 42.99 -46.45 -9.84
N ASP H 104 43.75 -45.72 -10.65
CA ASP H 104 44.83 -44.87 -10.15
C ASP H 104 44.29 -43.48 -9.85
N MET H 105 44.58 -42.98 -8.65
CA MET H 105 44.09 -41.70 -8.17
C MET H 105 45.15 -40.61 -8.19
N GLY H 106 46.29 -40.85 -8.84
CA GLY H 106 47.32 -39.84 -9.00
C GLY H 106 48.10 -39.50 -7.74
N GLY H 107 47.91 -40.24 -6.65
CA GLY H 107 48.66 -40.05 -5.44
C GLY H 107 49.58 -41.22 -5.15
N GLU H 108 50.06 -41.26 -3.90
CA GLU H 108 50.90 -42.37 -3.46
C GLU H 108 50.83 -42.48 -1.95
N GLY H 109 50.81 -43.71 -1.46
CA GLY H 109 50.76 -43.97 -0.04
C GLY H 109 49.98 -45.21 0.31
N PHE H 110 48.71 -45.26 -0.08
CA PHE H 110 47.83 -46.36 0.30
C PHE H 110 46.97 -46.78 -0.88
N CYS H 111 46.44 -48.00 -0.78
CA CYS H 111 45.45 -48.51 -1.72
C CYS H 111 44.19 -48.85 -0.92
N VAL H 112 43.05 -48.33 -1.37
CA VAL H 112 41.80 -48.44 -0.64
C VAL H 112 40.77 -49.16 -1.50
N ALA H 113 40.15 -50.19 -0.94
CA ALA H 113 39.04 -50.89 -1.57
C ALA H 113 37.82 -50.75 -0.67
N PHE H 114 36.65 -50.55 -1.26
CA PHE H 114 35.48 -50.20 -0.48
C PHE H 114 34.20 -50.73 -1.12
N ASP H 115 33.20 -50.96 -0.27
CA ASP H 115 31.83 -51.18 -0.71
C ASP H 115 31.08 -49.87 -0.51
N PRO H 116 30.67 -49.18 -1.58
CA PRO H 116 30.11 -47.83 -1.40
C PRO H 116 28.88 -47.79 -0.52
N LEU H 117 27.92 -48.68 -0.73
CA LEU H 117 26.72 -48.73 0.11
C LEU H 117 26.34 -50.19 0.27
N ASP H 118 26.51 -50.73 1.48
CA ASP H 118 26.26 -52.14 1.77
C ASP H 118 24.84 -52.29 2.26
N GLY H 119 23.93 -52.39 1.31
CA GLY H 119 22.52 -52.54 1.57
C GLY H 119 21.78 -52.19 0.30
N SER H 120 21.24 -53.21 -0.37
CA SER H 120 20.55 -53.01 -1.62
C SER H 120 19.10 -53.46 -1.58
N SER H 121 18.76 -54.40 -0.69
CA SER H 121 17.41 -54.88 -0.47
C SER H 121 16.73 -54.24 0.73
N ILE H 122 17.39 -53.29 1.40
CA ILE H 122 16.90 -52.73 2.66
C ILE H 122 16.94 -51.22 2.70
N VAL H 123 17.33 -50.52 1.62
CA VAL H 123 17.35 -49.06 1.68
C VAL H 123 15.93 -48.50 1.66
N ASP H 124 15.07 -49.11 0.85
CA ASP H 124 13.68 -48.66 0.74
C ASP H 124 12.90 -48.89 2.03
N THR H 125 13.33 -49.84 2.86
CA THR H 125 12.63 -50.16 4.11
C THR H 125 13.21 -49.40 5.30
N ASN H 126 13.96 -48.33 5.04
CA ASN H 126 14.62 -47.53 6.08
C ASN H 126 15.35 -48.40 7.10
N PHE H 127 15.99 -49.46 6.61
CA PHE H 127 16.85 -50.24 7.49
C PHE H 127 18.22 -49.55 7.58
N ALA H 128 19.00 -49.96 8.57
CA ALA H 128 20.35 -49.43 8.68
C ALA H 128 21.21 -50.01 7.57
N VAL H 129 21.99 -49.15 6.91
CA VAL H 129 22.90 -49.55 5.85
C VAL H 129 24.29 -49.00 6.20
N GLY H 130 25.25 -49.27 5.34
CA GLY H 130 26.60 -48.84 5.68
C GLY H 130 27.58 -48.90 4.53
N THR H 131 28.74 -48.30 4.78
CA THR H 131 29.88 -48.31 3.87
C THR H 131 31.04 -49.02 4.56
N ILE H 132 31.74 -49.86 3.81
CA ILE H 132 32.91 -50.58 4.30
C ILE H 132 34.11 -50.19 3.47
N PHE H 133 35.27 -50.05 4.11
CA PHE H 133 36.50 -49.81 3.38
C PHE H 133 37.68 -50.41 4.13
N GLY H 134 38.64 -50.93 3.36
CA GLY H 134 39.89 -51.40 3.91
C GLY H 134 41.04 -50.66 3.25
N VAL H 135 42.09 -50.39 4.02
CA VAL H 135 43.21 -49.60 3.56
C VAL H 135 44.46 -50.47 3.58
N TRP H 136 45.10 -50.60 2.43
CA TRP H 136 46.32 -51.40 2.31
C TRP H 136 47.50 -50.51 1.95
N PRO H 137 48.67 -50.76 2.53
CA PRO H 137 49.84 -49.98 2.17
C PRO H 137 50.46 -50.45 0.87
N GLY H 138 51.02 -49.52 0.12
CA GLY H 138 51.80 -49.92 -1.03
C GLY H 138 51.17 -49.58 -2.37
N ASP H 139 51.31 -50.52 -3.31
CA ASP H 139 50.90 -50.34 -4.70
C ASP H 139 50.16 -51.56 -5.24
N LYS H 140 49.67 -52.45 -4.39
CA LYS H 140 49.00 -53.66 -4.85
C LYS H 140 47.67 -53.84 -4.13
N LEU H 141 46.64 -54.18 -4.90
CA LEU H 141 45.36 -54.64 -4.38
C LEU H 141 45.14 -56.10 -4.73
N THR H 142 46.16 -56.76 -5.28
CA THR H 142 46.15 -58.17 -5.60
C THR H 142 47.30 -58.87 -4.91
N ASN H 143 47.15 -60.18 -4.70
CA ASN H 143 48.16 -60.97 -4.01
C ASN H 143 48.51 -60.38 -2.65
N ILE H 144 47.47 -60.05 -1.89
CA ILE H 144 47.62 -59.46 -0.56
C ILE H 144 46.82 -60.28 0.44
N THR H 145 46.96 -59.93 1.71
CA THR H 145 46.21 -60.56 2.80
C THR H 145 45.55 -59.49 3.66
N GLY H 146 44.57 -59.91 4.45
CA GLY H 146 43.90 -58.96 5.32
C GLY H 146 44.74 -58.50 6.49
N ARG H 147 45.78 -59.24 6.85
CA ARG H 147 46.63 -58.87 7.99
C ARG H 147 47.59 -57.75 7.66
N GLU H 148 47.95 -57.56 6.40
CA GLU H 148 48.82 -56.47 5.99
C GLU H 148 48.10 -55.12 5.93
N GLN H 149 46.81 -55.08 6.27
CA GLN H 149 46.06 -53.82 6.25
C GLN H 149 46.62 -52.87 7.30
N VAL H 150 46.73 -51.59 6.93
CA VAL H 150 47.14 -50.59 7.90
C VAL H 150 45.96 -49.99 8.65
N ALA H 151 44.75 -50.08 8.09
CA ALA H 151 43.55 -49.57 8.74
C ALA H 151 42.34 -50.11 8.00
N ALA H 152 41.22 -50.17 8.73
CA ALA H 152 39.95 -50.57 8.15
C ALA H 152 38.83 -49.88 8.94
N GLY H 153 37.70 -49.66 8.28
CA GLY H 153 36.61 -48.98 8.95
C GLY H 153 35.30 -49.16 8.22
N MET H 154 34.23 -48.81 8.92
CA MET H 154 32.89 -48.84 8.35
C MET H 154 32.09 -47.67 8.88
N GLY H 155 31.34 -47.03 7.99
CA GLY H 155 30.37 -46.00 8.37
C GLY H 155 28.97 -46.57 8.30
N ILE H 156 28.22 -46.39 9.39
CA ILE H 156 26.88 -46.97 9.53
C ILE H 156 25.87 -45.84 9.46
N TYR H 157 24.93 -45.93 8.51
CA TYR H 157 23.90 -44.92 8.31
C TYR H 157 22.57 -45.41 8.90
N GLY H 158 22.26 -44.95 10.10
CA GLY H 158 21.01 -45.28 10.75
C GLY H 158 20.36 -44.04 11.34
N PRO H 159 19.61 -44.22 12.43
CA PRO H 159 19.12 -43.02 13.16
C PRO H 159 20.26 -42.10 13.57
N ARG H 160 21.38 -42.67 13.99
CA ARG H 160 22.63 -41.95 14.19
C ARG H 160 23.56 -42.23 13.01
N THR H 161 24.62 -41.44 12.91
CA THR H 161 25.69 -41.70 11.94
C THR H 161 26.95 -42.02 12.73
N VAL H 162 27.49 -43.21 12.52
CA VAL H 162 28.61 -43.72 13.32
C VAL H 162 29.77 -44.06 12.39
N PHE H 163 30.97 -43.73 12.83
CA PHE H 163 32.21 -44.03 12.09
C PHE H 163 33.02 -44.99 12.95
N CYS H 164 33.05 -46.27 12.56
CA CYS H 164 33.70 -47.32 13.32
C CYS H 164 34.97 -47.75 12.59
N ILE H 165 36.12 -47.55 13.23
CA ILE H 165 37.41 -47.79 12.61
C ILE H 165 38.33 -48.53 13.56
N ALA H 166 39.39 -49.12 12.99
CA ALA H 166 40.48 -49.72 13.75
C ALA H 166 41.74 -49.61 12.91
N LEU H 167 42.85 -49.30 13.58
CA LEU H 167 44.14 -49.14 12.93
C LEU H 167 45.11 -50.20 13.43
N LYS H 168 45.99 -50.64 12.53
CA LYS H 168 46.93 -51.70 12.88
C LYS H 168 47.86 -51.25 14.01
N ASP H 169 48.22 -49.99 14.02
CA ASP H 169 49.16 -49.45 15.01
C ASP H 169 48.48 -48.99 16.30
N ALA H 170 47.27 -49.46 16.57
CA ALA H 170 46.53 -48.96 17.73
C ALA H 170 45.65 -50.06 18.31
N PRO H 171 45.51 -50.11 19.64
CA PRO H 171 44.71 -51.18 20.26
C PRO H 171 43.23 -50.85 20.28
N GLY H 172 42.41 -51.77 19.79
CA GLY H 172 40.97 -51.69 19.95
C GLY H 172 40.27 -51.22 18.70
N CYS H 173 38.95 -51.36 18.74
CA CYS H 173 38.04 -50.91 17.69
C CYS H 173 37.25 -49.73 18.24
N HIS H 174 37.22 -48.63 17.50
CA HIS H 174 36.75 -47.36 18.03
C HIS H 174 35.52 -46.86 17.28
N GLU H 175 34.58 -46.28 18.04
CA GLU H 175 33.32 -45.77 17.52
C GLU H 175 33.33 -44.26 17.59
N PHE H 176 32.96 -43.62 16.49
CA PHE H 176 32.87 -42.16 16.44
C PHE H 176 31.47 -41.76 16.01
N LEU H 177 30.90 -40.80 16.73
CA LEU H 177 29.55 -40.32 16.47
C LEU H 177 29.60 -38.97 15.78
N LEU H 178 28.77 -38.79 14.76
CA LEU H 178 28.70 -37.53 14.04
C LEU H 178 27.85 -36.56 14.84
N MET H 179 28.47 -35.48 15.32
CA MET H 179 27.77 -34.52 16.15
C MET H 179 27.14 -33.43 15.28
N ASP H 180 26.34 -32.57 15.94
CA ASP H 180 25.63 -31.51 15.23
C ASP H 180 26.59 -30.53 14.55
N ASP H 181 27.77 -30.32 15.14
CA ASP H 181 28.73 -29.36 14.60
C ASP H 181 29.44 -29.85 13.35
N GLY H 182 29.15 -31.07 12.90
CA GLY H 182 29.82 -31.65 11.76
C GLY H 182 31.13 -32.34 12.08
N LYS H 183 31.41 -32.56 13.37
CA LYS H 183 32.63 -33.21 13.81
C LYS H 183 32.30 -34.56 14.43
N TRP H 184 33.34 -35.38 14.58
CA TRP H 184 33.22 -36.73 15.10
C TRP H 184 33.76 -36.79 16.52
N MET H 185 33.05 -37.52 17.39
CA MET H 185 33.42 -37.66 18.78
C MET H 185 33.55 -39.12 19.14
N HIS H 186 34.66 -39.48 19.78
CA HIS H 186 34.87 -40.84 20.26
C HIS H 186 33.84 -41.18 21.33
N VAL H 187 33.19 -42.34 21.18
CA VAL H 187 32.15 -42.74 22.12
C VAL H 187 32.37 -44.11 22.72
N LYS H 188 33.16 -44.99 22.11
CA LYS H 188 33.42 -46.31 22.69
C LYS H 188 34.66 -46.90 22.07
N GLU H 189 35.51 -47.50 22.90
CA GLU H 189 36.63 -48.32 22.47
C GLU H 189 36.35 -49.74 22.94
N THR H 190 36.30 -50.69 22.01
CA THR H 190 36.03 -52.08 22.35
C THR H 190 37.32 -52.87 22.29
N THR H 191 37.56 -53.66 23.34
CA THR H 191 38.77 -54.46 23.46
C THR H 191 38.47 -55.88 23.88
N HIS H 192 37.19 -56.22 24.09
CA HIS H 192 36.79 -57.56 24.48
C HIS H 192 35.42 -57.84 23.90
N ILE H 193 35.32 -58.91 23.13
CA ILE H 193 34.04 -59.43 22.65
C ILE H 193 33.85 -60.74 23.36
N GLY H 194 32.84 -60.82 24.21
CA GLY H 194 32.66 -61.96 25.07
C GLY H 194 31.64 -62.96 24.53
N GLU H 195 31.18 -63.82 25.42
CA GLU H 195 30.32 -64.93 25.03
C GLU H 195 28.87 -64.56 25.31
N GLY H 196 27.98 -65.06 24.47
CA GLY H 196 26.57 -64.73 24.62
C GLY H 196 25.76 -65.45 23.57
N LYS H 197 24.44 -65.33 23.72
CA LYS H 197 23.48 -66.05 22.89
C LYS H 197 22.80 -65.03 21.98
N MET H 198 23.41 -64.81 20.81
CA MET H 198 22.88 -63.93 19.79
C MET H 198 23.54 -64.32 18.48
N PHE H 199 22.74 -64.44 17.41
CA PHE H 199 23.28 -64.94 16.16
C PHE H 199 22.66 -64.19 14.99
N ALA H 200 23.41 -64.19 13.89
CA ALA H 200 22.98 -63.54 12.64
C ALA H 200 23.08 -64.62 11.56
N PRO H 201 21.99 -65.29 11.24
CA PRO H 201 22.06 -66.42 10.31
C PRO H 201 21.96 -65.96 8.86
N GLY H 202 23.10 -65.70 8.24
CA GLY H 202 23.11 -65.34 6.85
C GLY H 202 23.03 -66.56 5.94
N ASN H 203 22.48 -66.33 4.75
CA ASN H 203 22.28 -67.35 3.72
C ASN H 203 21.71 -68.65 4.31
N LEU H 204 20.56 -68.54 4.96
CA LEU H 204 19.92 -69.71 5.54
C LEU H 204 19.25 -70.60 4.50
N ARG H 205 19.23 -70.16 3.25
CA ARG H 205 18.74 -70.95 2.12
C ARG H 205 19.79 -71.97 1.68
N ALA H 206 20.58 -72.45 2.63
CA ALA H 206 21.56 -73.49 2.29
C ALA H 206 21.66 -74.45 3.46
N THR H 207 20.94 -74.13 4.55
CA THR H 207 20.94 -75.02 5.73
C THR H 207 20.71 -76.44 5.22
N PHE H 208 20.11 -76.58 4.03
CA PHE H 208 19.81 -77.91 3.46
C PHE H 208 21.06 -78.58 2.92
N ASP H 209 21.49 -78.20 1.71
CA ASP H 209 22.64 -78.85 1.06
C ASP H 209 23.91 -78.71 1.91
N ASN H 210 23.77 -78.34 3.18
CA ASN H 210 24.92 -78.29 4.09
C ASN H 210 24.43 -78.82 5.42
N PRO H 211 24.61 -80.12 5.68
CA PRO H 211 24.11 -80.69 6.94
C PRO H 211 24.81 -80.13 8.17
N ALA H 212 26.05 -79.67 8.03
CA ALA H 212 26.75 -79.09 9.17
C ALA H 212 26.17 -77.74 9.55
N TYR H 213 25.85 -76.91 8.54
CA TYR H 213 25.21 -75.64 8.81
C TYR H 213 23.85 -75.84 9.48
N GLU H 214 23.09 -76.83 9.02
CA GLU H 214 21.81 -77.16 9.64
C GLU H 214 21.98 -77.55 11.10
N ARG H 215 22.93 -78.44 11.38
CA ARG H 215 23.19 -78.86 12.75
C ARG H 215 23.51 -77.67 13.63
N LEU H 216 24.26 -76.71 13.10
CA LEU H 216 24.62 -75.54 13.87
C LEU H 216 23.42 -74.62 14.06
N ILE H 217 22.73 -74.27 12.98
CA ILE H 217 21.55 -73.41 13.08
C ILE H 217 20.51 -74.03 14.01
N ASN H 218 20.33 -75.36 13.92
CA ASN H 218 19.42 -76.05 14.81
C ASN H 218 19.92 -76.00 16.25
N PHE H 219 21.23 -75.91 16.44
CA PHE H 219 21.78 -75.68 17.77
C PHE H 219 21.33 -74.33 18.30
N TYR H 220 21.52 -73.30 17.49
CA TYR H 220 21.05 -71.98 17.90
C TYR H 220 19.55 -72.10 18.15
N LEU H 221 18.79 -72.38 17.10
CA LEU H 221 17.31 -72.48 17.21
C LEU H 221 16.93 -73.32 18.43
N GLY H 222 17.78 -74.25 18.84
CA GLY H 222 17.40 -75.15 19.93
C GLY H 222 17.89 -74.63 21.26
N GLU H 223 18.99 -73.89 21.21
CA GLU H 223 19.54 -73.31 22.42
C GLU H 223 18.99 -71.93 22.73
N LYS H 224 17.91 -71.52 22.06
CA LYS H 224 17.22 -70.25 22.33
C LYS H 224 18.16 -69.06 22.14
N TYR H 225 18.83 -69.02 21.00
CA TYR H 225 19.65 -67.85 20.67
C TYR H 225 18.75 -66.74 20.14
N THR H 226 19.03 -65.51 20.55
CA THR H 226 18.24 -64.38 20.10
C THR H 226 18.61 -64.02 18.68
N LEU H 227 17.60 -63.72 17.86
CA LEU H 227 17.78 -63.52 16.43
C LEU H 227 17.87 -62.03 16.11
N ARG H 228 18.90 -61.66 15.35
CA ARG H 228 19.11 -60.27 14.92
C ARG H 228 19.79 -60.33 13.55
N TYR H 229 19.00 -60.33 12.49
CA TYR H 229 19.52 -60.34 11.13
C TYR H 229 18.74 -59.33 10.30
N THR H 230 19.45 -58.33 9.74
CA THR H 230 18.81 -57.25 8.99
C THR H 230 18.99 -57.33 7.48
N GLY H 231 19.95 -58.11 6.99
CA GLY H 231 20.23 -58.19 5.57
C GLY H 231 21.42 -57.38 5.13
N GLY H 232 21.78 -56.33 5.87
CA GLY H 232 22.98 -55.57 5.62
C GLY H 232 24.10 -56.05 6.52
N MET H 233 25.29 -56.24 5.93
CA MET H 233 26.40 -56.80 6.70
C MET H 233 26.92 -55.80 7.73
N VAL H 234 26.98 -54.51 7.35
CA VAL H 234 27.52 -53.49 8.27
C VAL H 234 26.79 -53.52 9.60
N PRO H 235 25.46 -53.38 9.65
CA PRO H 235 24.79 -53.41 10.98
C PRO H 235 24.80 -54.79 11.63
N ASP H 236 24.81 -55.87 10.84
CA ASP H 236 24.76 -57.22 11.41
C ASP H 236 26.07 -57.62 12.09
N VAL H 237 27.20 -57.04 11.69
CA VAL H 237 28.49 -57.35 12.28
C VAL H 237 28.79 -56.31 13.35
N PHE H 238 28.35 -55.08 13.09
CA PHE H 238 28.57 -53.98 14.04
C PHE H 238 27.91 -54.26 15.38
N GLN H 239 26.79 -54.98 15.39
CA GLN H 239 26.12 -55.28 16.65
C GLN H 239 26.96 -56.20 17.54
N ILE H 240 27.82 -57.01 16.95
CA ILE H 240 28.69 -57.88 17.74
C ILE H 240 29.69 -57.03 18.52
N ILE H 241 30.20 -55.97 17.90
CA ILE H 241 31.18 -55.10 18.55
C ILE H 241 30.50 -54.28 19.64
N VAL H 242 29.25 -53.87 19.42
CA VAL H 242 28.57 -53.01 20.37
C VAL H 242 28.09 -53.80 21.57
N LYS H 243 27.38 -54.91 21.33
CA LYS H 243 26.87 -55.76 22.41
C LYS H 243 27.98 -56.57 23.06
N GLU H 244 29.15 -56.66 22.43
CA GLU H 244 30.26 -57.50 22.91
C GLU H 244 29.83 -58.96 23.02
N LYS H 245 28.99 -59.39 22.08
CA LYS H 245 28.44 -60.74 21.99
C LYS H 245 27.95 -60.93 20.57
N GLY H 246 27.87 -62.19 20.15
CA GLY H 246 27.15 -62.54 18.95
C GLY H 246 28.00 -63.33 17.97
N VAL H 247 27.30 -63.89 16.98
CA VAL H 247 27.90 -64.64 15.89
C VAL H 247 27.26 -64.18 14.59
N PHE H 248 28.07 -64.04 13.55
CA PHE H 248 27.57 -63.82 12.20
C PHE H 248 28.07 -64.96 11.34
N THR H 249 27.19 -65.55 10.54
CA THR H 249 27.55 -66.69 9.72
C THR H 249 27.05 -66.48 8.30
N ASN H 250 27.91 -66.82 7.33
CA ASN H 250 27.52 -66.86 5.93
C ASN H 250 28.31 -67.99 5.30
N VAL H 251 27.62 -69.10 4.99
CA VAL H 251 28.27 -70.33 4.57
C VAL H 251 27.70 -70.72 3.21
N THR H 252 28.57 -71.02 2.27
CA THR H 252 28.08 -71.42 0.96
C THR H 252 27.71 -72.90 0.99
N SER H 253 27.02 -73.33 -0.06
CA SER H 253 26.53 -74.69 -0.16
C SER H 253 26.51 -75.06 -1.64
N PRO H 254 26.22 -76.33 -1.96
CA PRO H 254 26.11 -76.70 -3.38
C PRO H 254 25.14 -75.81 -4.15
N THR H 255 23.99 -75.48 -3.57
CA THR H 255 22.97 -74.67 -4.22
C THR H 255 23.07 -73.18 -3.88
N THR H 256 23.84 -72.80 -2.86
CA THR H 256 24.02 -71.41 -2.50
C THR H 256 25.44 -70.99 -2.85
N LYS H 257 25.57 -69.89 -3.59
CA LYS H 257 26.86 -69.41 -4.05
C LYS H 257 27.39 -68.35 -3.09
N ALA H 258 28.72 -68.21 -3.11
CA ALA H 258 29.33 -67.23 -2.23
C ALA H 258 29.06 -65.83 -2.78
N LYS H 259 28.64 -64.94 -1.90
CA LYS H 259 28.27 -63.59 -2.31
C LYS H 259 29.10 -62.53 -1.62
N LEU H 260 29.82 -62.90 -0.57
CA LEU H 260 30.69 -61.96 0.13
C LEU H 260 32.02 -61.84 -0.61
N ARG H 261 32.62 -60.66 -0.53
CA ARG H 261 33.89 -60.36 -1.16
C ARG H 261 34.96 -60.20 -0.09
N ILE H 262 36.17 -60.70 -0.38
CA ILE H 262 37.23 -60.63 0.62
C ILE H 262 37.80 -59.23 0.67
N LEU H 263 38.09 -58.65 -0.49
CA LEU H 263 38.75 -57.35 -0.54
C LEU H 263 37.81 -56.25 -0.05
N PHE H 264 36.60 -56.21 -0.61
CA PHE H 264 35.70 -55.08 -0.36
C PHE H 264 34.91 -55.21 0.94
N GLU H 265 34.72 -56.41 1.46
CA GLU H 265 33.79 -56.59 2.57
C GLU H 265 34.34 -57.37 3.75
N VAL H 266 34.80 -58.59 3.50
CA VAL H 266 35.05 -59.54 4.59
C VAL H 266 36.33 -59.20 5.35
N ALA H 267 37.43 -58.98 4.62
CA ALA H 267 38.72 -58.73 5.28
C ALA H 267 38.71 -57.46 6.13
N PRO H 268 38.25 -56.30 5.65
CA PRO H 268 38.22 -55.12 6.53
C PRO H 268 37.42 -55.34 7.81
N LEU H 269 36.25 -55.98 7.72
CA LEU H 269 35.47 -56.25 8.92
C LEU H 269 36.18 -57.23 9.84
N ALA H 270 37.01 -58.11 9.29
CA ALA H 270 37.75 -59.05 10.13
C ALA H 270 38.74 -58.32 11.02
N LEU H 271 39.38 -57.27 10.49
CA LEU H 271 40.27 -56.46 11.30
C LEU H 271 39.50 -55.75 12.41
N LEU H 272 38.35 -55.17 12.07
CA LEU H 272 37.53 -54.50 13.08
C LEU H 272 37.05 -55.47 14.15
N ILE H 273 36.76 -56.72 13.76
CA ILE H 273 36.23 -57.68 14.73
C ILE H 273 37.35 -58.22 15.61
N GLU H 274 38.47 -58.60 15.01
CA GLU H 274 39.56 -59.17 15.80
C GLU H 274 40.28 -58.10 16.63
N LYS H 275 40.42 -56.88 16.09
CA LYS H 275 40.94 -55.76 16.89
C LYS H 275 39.97 -55.33 17.98
N ALA H 276 39.20 -56.27 18.51
CA ALA H 276 38.25 -55.95 19.56
C ALA H 276 38.02 -57.15 20.47
N GLY H 277 38.77 -58.24 20.28
CA GLY H 277 38.64 -59.42 21.11
C GLY H 277 37.84 -60.54 20.47
N GLY H 278 37.59 -60.46 19.16
CA GLY H 278 36.80 -61.46 18.47
C GLY H 278 37.65 -62.36 17.59
N ALA H 279 36.97 -63.13 16.76
CA ALA H 279 37.65 -64.08 15.89
C ALA H 279 36.94 -64.16 14.55
N SER H 280 37.65 -64.65 13.54
CA SER H 280 37.11 -64.81 12.19
C SER H 280 37.51 -66.18 11.65
N SER H 281 36.67 -66.71 10.76
CA SER H 281 36.95 -67.96 10.06
C SER H 281 36.57 -67.75 8.59
N CYS H 282 37.54 -67.46 7.74
CA CYS H 282 37.23 -67.14 6.32
C CYS H 282 37.49 -68.35 5.44
N ASP H 283 36.78 -68.44 4.32
CA ASP H 283 36.88 -69.63 3.45
C ASP H 283 36.55 -70.83 4.33
N GLY H 284 36.59 -72.03 3.77
CA GLY H 284 36.15 -73.17 4.58
C GLY H 284 37.22 -73.59 5.55
N LYS H 285 38.15 -72.69 5.85
CA LYS H 285 39.28 -73.12 6.71
C LYS H 285 39.05 -72.65 8.15
N ALA H 286 40.02 -72.89 9.00
CA ALA H 286 39.97 -72.47 10.40
C ALA H 286 40.96 -71.36 10.70
N VAL H 287 41.15 -70.45 9.74
CA VAL H 287 42.05 -69.32 9.91
C VAL H 287 41.27 -68.02 9.78
N SER H 288 41.92 -66.93 10.15
CA SER H 288 41.35 -65.59 10.03
C SER H 288 41.31 -65.15 8.57
N ALA H 289 40.39 -64.23 8.28
CA ALA H 289 40.34 -63.64 6.95
C ALA H 289 41.57 -62.78 6.69
N LEU H 290 42.29 -62.40 7.74
CA LEU H 290 43.54 -61.67 7.59
C LEU H 290 44.66 -62.55 7.07
N ASP H 291 44.45 -63.87 7.04
CA ASP H 291 45.45 -64.83 6.59
C ASP H 291 45.02 -65.56 5.33
N ILE H 292 43.93 -65.11 4.70
CA ILE H 292 43.42 -65.71 3.47
C ILE H 292 44.01 -64.96 2.28
N PRO H 293 44.72 -65.63 1.38
CA PRO H 293 45.27 -64.92 0.21
C PRO H 293 44.16 -64.37 -0.68
N ILE H 294 44.32 -63.11 -1.08
CA ILE H 294 43.39 -62.44 -2.00
C ILE H 294 44.05 -62.45 -3.37
N LEU H 295 43.56 -63.32 -4.25
CA LEU H 295 44.18 -63.53 -5.55
C LEU H 295 43.57 -62.68 -6.65
N VAL H 296 42.26 -62.42 -6.60
CA VAL H 296 41.61 -61.49 -7.52
C VAL H 296 40.80 -60.49 -6.72
N CYS H 297 40.54 -59.33 -7.32
CA CYS H 297 39.84 -58.27 -6.60
C CYS H 297 38.39 -58.66 -6.30
N ASP H 298 37.72 -59.32 -7.24
CA ASP H 298 36.35 -59.77 -7.05
C ASP H 298 36.27 -61.15 -6.40
N GLN H 299 37.31 -61.57 -5.68
CA GLN H 299 37.30 -62.90 -5.08
C GLN H 299 36.22 -62.99 -4.01
N ARG H 300 35.53 -64.13 -4.00
CA ARG H 300 34.43 -64.39 -3.08
C ARG H 300 34.91 -65.30 -1.95
N THR H 301 34.11 -65.38 -0.89
CA THR H 301 34.46 -66.18 0.27
C THR H 301 33.23 -66.35 1.17
N GLN H 302 33.44 -67.06 2.26
CA GLN H 302 32.47 -67.24 3.32
C GLN H 302 33.18 -66.87 4.61
N ILE H 303 32.44 -66.63 5.69
CA ILE H 303 33.03 -66.09 6.90
C ILE H 303 32.14 -66.41 8.09
N CYS H 304 32.74 -66.40 9.28
CA CYS H 304 32.03 -66.39 10.56
C CYS H 304 32.74 -65.38 11.44
N TYR H 305 31.96 -64.48 12.03
CA TYR H 305 32.45 -63.45 12.92
C TYR H 305 31.83 -63.70 14.29
N GLY H 306 32.60 -63.50 15.35
CA GLY H 306 32.05 -63.65 16.66
C GLY H 306 33.13 -63.75 17.72
N SER H 307 32.67 -64.04 18.93
CA SER H 307 33.59 -64.30 20.03
C SER H 307 34.47 -65.51 19.72
N ILE H 308 35.61 -65.58 20.42
CA ILE H 308 36.51 -66.70 20.24
C ILE H 308 35.79 -68.01 20.55
N GLY H 309 34.97 -68.01 21.60
CA GLY H 309 34.23 -69.23 21.95
C GLY H 309 33.25 -69.65 20.88
N GLU H 310 32.53 -68.69 20.30
CA GLU H 310 31.50 -69.03 19.31
C GLU H 310 32.10 -69.37 17.95
N VAL H 311 33.28 -68.82 17.63
CA VAL H 311 33.96 -69.23 16.41
C VAL H 311 34.55 -70.63 16.58
N ARG H 312 35.00 -70.95 17.79
CA ARG H 312 35.42 -72.32 18.09
C ARG H 312 34.31 -73.31 17.81
N ARG H 313 33.09 -73.00 18.27
CA ARG H 313 31.95 -73.89 18.02
C ARG H 313 31.61 -73.94 16.53
N PHE H 314 31.78 -72.84 15.80
CA PHE H 314 31.50 -72.85 14.37
C PHE H 314 32.40 -73.85 13.65
N GLU H 315 33.70 -73.79 13.93
CA GLU H 315 34.65 -74.69 13.27
C GLU H 315 34.47 -76.13 13.72
N GLU H 316 34.09 -76.34 14.99
CA GLU H 316 33.83 -77.69 15.47
C GLU H 316 32.64 -78.31 14.74
N TYR H 317 31.60 -77.53 14.50
CA TYR H 317 30.42 -78.05 13.82
C TYR H 317 30.67 -78.21 12.32
N MET H 318 31.40 -77.28 11.71
CA MET H 318 31.58 -77.28 10.26
C MET H 318 32.74 -78.15 9.80
N TYR H 319 33.80 -78.27 10.61
CA TYR H 319 35.01 -78.95 10.20
C TYR H 319 35.41 -80.11 11.11
N GLY H 320 34.83 -80.19 12.31
CA GLY H 320 35.16 -81.26 13.24
C GLY H 320 35.84 -80.77 14.50
N THR H 321 36.78 -79.85 14.35
CA THR H 321 37.51 -79.28 15.49
C THR H 321 38.03 -77.91 15.08
N SER H 322 38.36 -77.11 16.11
CA SER H 322 38.97 -75.81 15.89
C SER H 322 40.49 -75.90 16.09
N PRO H 323 41.29 -75.93 15.03
CA PRO H 323 42.75 -75.98 15.20
C PRO H 323 43.30 -74.88 16.10
N ARG H 324 42.72 -73.69 16.08
CA ARG H 324 43.27 -72.57 16.85
C ARG H 324 42.75 -72.51 18.28
N PHE H 325 41.50 -72.92 18.52
CA PHE H 325 40.82 -72.60 19.77
C PHE H 325 40.34 -73.82 20.57
N SER H 326 40.33 -75.01 19.99
CA SER H 326 39.87 -76.20 20.72
C SER H 326 40.87 -76.65 21.78
S SO4 I . -12.00 -9.56 -31.76
O1 SO4 I . -13.45 -9.77 -31.81
O2 SO4 I . -11.33 -10.57 -32.58
O3 SO4 I . -11.69 -8.23 -32.28
O4 SO4 I . -11.55 -9.68 -30.38
S SO4 J . -20.38 64.56 0.44
O1 SO4 J . -20.93 63.26 0.82
O2 SO4 J . -20.45 64.73 -1.00
O3 SO4 J . -18.98 64.64 0.87
O4 SO4 J . -21.14 65.62 1.10
#